data_8VEF
#
_entry.id   8VEF
#
_cell.length_a   1.00
_cell.length_b   1.00
_cell.length_c   1.00
_cell.angle_alpha   90.00
_cell.angle_beta   90.00
_cell.angle_gamma   90.00
#
_symmetry.space_group_name_H-M   'P 1'
#
loop_
_entity.id
_entity.type
_entity.pdbx_description
1 polymer Hemagglutinin
2 polymer 'T5-1E08 UCA Fab heavy chain'
3 polymer 'T5-1E08 UCA Fab light chain'
4 branched 2-acetamido-2-deoxy-beta-D-glucopyranose-(1-4)-2-acetamido-2-deoxy-beta-D-glucopyranose
5 branched alpha-D-mannopyranose-(1-6)-alpha-D-mannopyranose-(1-6)-[alpha-D-mannopyranose-(1-3)]beta-D-mannopyranose-(1-4)-2-acetamido-2-deoxy-beta-D-glucopyranose-(1-4)-2-acetamido-2-deoxy-beta-D-glucopyranose
6 non-polymer 2-acetamido-2-deoxy-beta-D-glucopyranose
#
loop_
_entity_poly.entity_id
_entity_poly.type
_entity_poly.pdbx_seq_one_letter_code
_entity_poly.pdbx_strand_id
1 'polypeptide(L)'
;MKAKLLILLCALSATDADTICIGYHANNSTDTVDTVCEKNVTVTHSVNLLEDSHNGKLCRLKGKAPLQLGNCNIAGWVLG
NPECESLLSNRSWSYIAETPNSENGTCFPGDFADYEELREQLSSVSSFERFEIFPKERSWPNHTTRGVTAACPHAMKSSF
YKNLVWLTEANGSYPNLSRSYVNNQEKEVLVLWGVHHPSNIEDQRTLYRKDNAYVSVVSSNYNRRFTPEIAKRPKVRGQS
GRINYYWTLLEPGDTIIFEATGNLIAPWYAFALSRGPGSGIITSNAPLDECDTKCQTPQGAINSSLPFQNIHPVTIGECP
KYVRSTKLRMVTGLRNIPSFQSRGLFGAIAGFIEGGWTGMMDGWYGYHHQNEQGSGYAADQKSTQNAINCITNKVNSVIE
KMNTQFTAVGKEFNKLEKRMENLNKKVDDGFLDIWTYNAELLVLLENERTLDFHDSNVKNLYEKVKNQLRNNAKELGNGC
FEFYHKCDNECMESVKNGTYDYPKYSEESKLNREKIDGSGYIPEAPRDGQAYVRKDGEWVLLSTFLGSGLNDIFEAQKIE
WHEGHHHHHH
;
A,C,E
2 'polypeptide(L)'
;QVQLQESGPGLVKPSQTLSLTCTVSGGSISSGGYYWSWIRQHPGKGLEWIGYIYYSGSTYYNPSLKSRVTISVDTSKNQF
SLKLSSVTAADTAVYYCARVPFYYDSSGYYYGNADDAFDIWGQGTMVTVSSASTKGPSVFPLAPSSKSTSGGTAALGCLV
KDYFPEPVTVSWNSGALTSGVHTFPAVLQSSGLYSLSSVVTVPSSSLGTQTYICNVNHKPSNTKVDKKVEPKSCDKTH
;
H,J,G
3 'polypeptide(L)'
;DIQMTQSPSSLSASVGDRVTITCRASQGIRNDLGWYQQKPGKAPKRLIYAASSLQSGVPSRFSGSGSGTEFTLTISSLQP
EDFATYYCLQHNSYQWTFGQGTKVEIKRTVAAPSVFIFPPSDEQLKSGTASVVCLLNNFYPREAKVQWKVDNALQSGNSQ
ESVTEQDSKDSTYSLSSTLTLSKADYEKHKVYACEVTHQGLSSPVTKSFNRGEC
;
L,K,I
#
loop_
_chem_comp.id
_chem_comp.type
_chem_comp.name
_chem_comp.formula
BMA D-saccharide, beta linking beta-D-mannopyranose 'C6 H12 O6'
MAN D-saccharide, alpha linking alpha-D-mannopyranose 'C6 H12 O6'
NAG D-saccharide, beta linking 2-acetamido-2-deoxy-beta-D-glucopyranose 'C8 H15 N O6'
#
# COMPACT_ATOMS: atom_id res chain seq x y z
N ASP A 18 -19.80 18.25 -47.69
CA ASP A 18 -18.41 18.21 -47.28
C ASP A 18 -18.28 18.26 -45.76
N THR A 19 -18.08 17.10 -45.15
CA THR A 19 -18.00 16.97 -43.70
C THR A 19 -16.73 16.26 -43.27
N ILE A 20 -16.28 16.57 -42.06
CA ILE A 20 -15.22 15.81 -41.39
C ILE A 20 -15.65 15.58 -39.94
N CYS A 21 -15.47 14.35 -39.45
CA CYS A 21 -15.89 13.99 -38.11
C CYS A 21 -14.76 13.23 -37.41
N ILE A 22 -14.77 13.29 -36.09
CA ILE A 22 -13.74 12.67 -35.26
C ILE A 22 -14.42 11.72 -34.28
N GLY A 23 -13.99 10.46 -34.27
CA GLY A 23 -14.54 9.44 -33.41
C GLY A 23 -13.48 8.42 -33.03
N TYR A 24 -13.93 7.31 -32.45
CA TYR A 24 -13.03 6.23 -32.03
C TYR A 24 -13.54 4.89 -32.55
N HIS A 25 -12.95 3.82 -32.04
CA HIS A 25 -13.02 2.48 -32.63
C HIS A 25 -13.74 1.51 -31.70
N ALA A 26 -14.54 0.63 -32.29
CA ALA A 26 -15.32 -0.34 -31.53
C ALA A 26 -15.31 -1.70 -32.24
N ASN A 27 -15.57 -2.75 -31.48
CA ASN A 27 -15.63 -4.12 -32.00
C ASN A 27 -16.68 -4.89 -31.21
N ASN A 28 -16.67 -6.22 -31.33
CA ASN A 28 -17.70 -7.06 -30.75
C ASN A 28 -17.32 -7.61 -29.37
N SER A 29 -16.21 -7.15 -28.80
CA SER A 29 -15.59 -7.81 -27.66
C SER A 29 -16.44 -7.69 -26.40
N THR A 30 -16.47 -8.77 -25.63
CA THR A 30 -17.31 -8.87 -24.44
C THR A 30 -16.50 -8.96 -23.15
N ASP A 31 -15.27 -8.47 -23.16
CA ASP A 31 -14.47 -8.44 -21.95
C ASP A 31 -14.96 -7.35 -21.02
N THR A 32 -15.04 -7.68 -19.73
CA THR A 32 -15.55 -6.76 -18.72
C THR A 32 -14.49 -6.51 -17.66
N VAL A 33 -14.38 -5.26 -17.24
CA VAL A 33 -13.42 -4.84 -16.23
C VAL A 33 -14.18 -4.15 -15.10
N ASP A 34 -13.45 -3.82 -14.05
CA ASP A 34 -14.00 -3.21 -12.85
C ASP A 34 -13.33 -1.86 -12.58
N THR A 35 -14.13 -0.88 -12.22
CA THR A 35 -13.70 0.49 -11.93
C THR A 35 -14.23 0.89 -10.56
N VAL A 36 -14.10 2.18 -10.23
CA VAL A 36 -14.55 2.63 -8.91
C VAL A 36 -16.00 3.12 -8.94
N CYS A 37 -16.45 3.72 -10.05
CA CYS A 37 -17.88 3.96 -10.21
C CYS A 37 -18.61 2.69 -10.61
N GLU A 38 -18.27 2.14 -11.76
CA GLU A 38 -19.07 1.13 -12.42
C GLU A 38 -18.38 -0.22 -12.39
N LYS A 39 -19.16 -1.27 -12.18
CA LYS A 39 -18.70 -2.63 -12.31
C LYS A 39 -19.20 -3.20 -13.63
N ASN A 40 -18.44 -4.17 -14.15
CA ASN A 40 -18.71 -4.88 -15.41
C ASN A 40 -18.80 -3.90 -16.60
N VAL A 41 -17.67 -3.25 -16.87
CA VAL A 41 -17.56 -2.30 -17.97
C VAL A 41 -16.95 -3.00 -19.16
N THR A 42 -17.64 -2.97 -20.30
CA THR A 42 -17.20 -3.67 -21.49
C THR A 42 -16.10 -2.88 -22.19
N VAL A 43 -15.00 -3.56 -22.51
CA VAL A 43 -13.84 -2.92 -23.14
C VAL A 43 -13.50 -3.64 -24.43
N THR A 44 -12.82 -2.91 -25.32
CA THR A 44 -12.43 -3.50 -26.61
C THR A 44 -11.27 -4.46 -26.46
N HIS A 45 -10.25 -4.09 -25.69
CA HIS A 45 -9.09 -4.92 -25.47
C HIS A 45 -8.72 -4.92 -24.00
N SER A 46 -8.20 -6.04 -23.51
CA SER A 46 -7.79 -6.15 -22.12
C SER A 46 -6.70 -7.22 -22.02
N VAL A 47 -5.95 -7.17 -20.91
CA VAL A 47 -4.90 -8.15 -20.63
C VAL A 47 -5.16 -8.78 -19.28
N ASN A 48 -4.74 -10.04 -19.14
CA ASN A 48 -4.93 -10.82 -17.93
C ASN A 48 -3.61 -10.97 -17.20
N LEU A 49 -3.63 -10.82 -15.87
CA LEU A 49 -2.43 -10.94 -15.07
C LEU A 49 -2.50 -12.09 -14.07
N LEU A 50 -3.56 -12.90 -14.10
CA LEU A 50 -3.76 -14.00 -13.16
C LEU A 50 -3.69 -15.32 -13.89
N GLU A 51 -3.15 -16.33 -13.23
CA GLU A 51 -3.04 -17.68 -13.78
C GLU A 51 -3.75 -18.67 -12.87
N ASP A 52 -4.59 -19.52 -13.46
CA ASP A 52 -5.32 -20.54 -12.71
C ASP A 52 -5.28 -21.90 -13.39
N SER A 53 -4.24 -22.19 -14.18
CA SER A 53 -4.09 -23.46 -14.86
C SER A 53 -2.74 -24.09 -14.53
N HIS A 54 -2.74 -25.39 -14.27
CA HIS A 54 -1.53 -26.13 -13.96
C HIS A 54 -1.56 -27.48 -14.64
N ASN A 55 -0.37 -28.08 -14.78
CA ASN A 55 -0.26 -29.39 -15.41
C ASN A 55 -0.87 -30.49 -14.56
N GLY A 56 -0.73 -30.41 -13.24
CA GLY A 56 -1.18 -31.48 -12.37
C GLY A 56 -0.18 -32.59 -12.17
N LYS A 57 1.06 -32.41 -12.58
CA LYS A 57 2.08 -33.46 -12.53
C LYS A 57 3.37 -32.88 -11.94
N LEU A 58 3.94 -33.59 -10.96
CA LEU A 58 5.30 -33.29 -10.53
C LEU A 58 6.27 -33.66 -11.63
N CYS A 59 7.24 -32.79 -11.88
CA CYS A 59 8.11 -33.01 -13.03
C CYS A 59 9.45 -32.32 -12.79
N ARG A 60 10.23 -32.19 -13.86
CA ARG A 60 11.61 -31.73 -13.80
C ARG A 60 11.67 -30.24 -13.46
N LEU A 61 12.79 -29.83 -12.87
CA LEU A 61 13.05 -28.43 -12.60
C LEU A 61 14.49 -28.14 -12.96
N LYS A 62 14.68 -27.42 -14.08
CA LYS A 62 15.99 -27.01 -14.60
C LYS A 62 16.92 -28.19 -14.85
N GLY A 63 16.34 -29.29 -15.35
CA GLY A 63 17.13 -30.43 -15.78
C GLY A 63 17.55 -31.39 -14.70
N LYS A 64 17.03 -31.28 -13.49
CA LYS A 64 17.38 -32.19 -12.40
C LYS A 64 16.11 -32.77 -11.79
N ALA A 65 16.04 -34.09 -11.76
CA ALA A 65 14.88 -34.83 -11.28
C ALA A 65 14.71 -34.67 -9.77
N PRO A 66 13.48 -34.66 -9.28
CA PRO A 66 13.26 -34.59 -7.83
C PRO A 66 13.58 -35.91 -7.15
N LEU A 67 13.74 -35.84 -5.84
CA LEU A 67 13.93 -37.02 -5.00
C LEU A 67 12.57 -37.40 -4.44
N GLN A 68 11.95 -38.41 -5.01
CA GLN A 68 10.66 -38.89 -4.56
C GLN A 68 10.87 -39.81 -3.35
N LEU A 69 10.26 -39.45 -2.22
CA LEU A 69 10.41 -40.26 -1.02
C LEU A 69 9.55 -41.52 -1.06
N GLY A 70 8.40 -41.48 -1.71
CA GLY A 70 7.56 -42.66 -1.76
C GLY A 70 6.80 -42.85 -0.46
N ASN A 71 6.90 -44.05 0.10
CA ASN A 71 6.26 -44.38 1.37
C ASN A 71 7.15 -44.08 2.56
N CYS A 72 8.35 -43.55 2.34
CA CYS A 72 9.28 -43.21 3.41
C CYS A 72 9.16 -41.73 3.76
N ASN A 73 9.36 -41.42 5.04
CA ASN A 73 9.54 -40.05 5.45
C ASN A 73 11.03 -39.75 5.55
N ILE A 74 11.39 -38.60 6.13
CA ILE A 74 12.79 -38.23 6.26
C ILE A 74 13.49 -39.12 7.26
N ALA A 75 12.79 -39.50 8.34
CA ALA A 75 13.37 -40.37 9.37
C ALA A 75 13.74 -41.75 8.82
N GLY A 76 12.87 -42.33 8.01
CA GLY A 76 13.17 -43.62 7.40
C GLY A 76 14.24 -43.55 6.33
N TRP A 77 14.40 -42.39 5.70
CA TRP A 77 15.49 -42.22 4.74
C TRP A 77 16.83 -42.07 5.44
N VAL A 78 16.88 -41.30 6.54
CA VAL A 78 18.18 -41.09 7.17
C VAL A 78 18.58 -42.29 8.02
N LEU A 79 17.63 -42.97 8.67
CA LEU A 79 18.00 -44.09 9.51
C LEU A 79 18.16 -45.39 8.72
N GLY A 80 17.62 -45.45 7.51
CA GLY A 80 17.76 -46.64 6.70
C GLY A 80 16.71 -47.69 7.00
N ASN A 81 15.44 -47.34 6.83
CA ASN A 81 14.35 -48.28 6.99
C ASN A 81 14.47 -49.38 5.94
N PRO A 82 14.19 -50.64 6.29
CA PRO A 82 14.39 -51.75 5.34
C PRO A 82 13.51 -51.70 4.10
N GLU A 83 12.39 -50.99 4.15
CA GLU A 83 11.54 -50.79 2.99
C GLU A 83 11.93 -49.55 2.21
N CYS A 84 13.07 -48.94 2.52
CA CYS A 84 13.53 -47.70 1.89
C CYS A 84 14.92 -47.89 1.32
N GLU A 85 15.18 -49.06 0.73
CA GLU A 85 16.51 -49.39 0.25
C GLU A 85 16.86 -48.64 -1.03
N SER A 86 15.84 -48.31 -1.83
CA SER A 86 16.07 -47.63 -3.11
C SER A 86 16.54 -46.19 -2.94
N LEU A 87 16.33 -45.58 -1.77
CA LEU A 87 16.71 -44.19 -1.57
C LEU A 87 18.15 -44.04 -1.09
N LEU A 88 18.86 -45.14 -0.82
CA LEU A 88 20.23 -45.07 -0.34
C LEU A 88 21.17 -45.37 -1.51
N SER A 89 21.38 -44.34 -2.33
CA SER A 89 22.33 -44.41 -3.44
C SER A 89 22.79 -42.98 -3.73
N ASN A 90 24.12 -42.91 -3.88
CA ASN A 90 24.74 -41.59 -4.05
C ASN A 90 24.05 -40.96 -5.23
N ARG A 91 23.45 -39.80 -4.97
CA ARG A 91 22.61 -39.15 -5.99
C ARG A 91 22.53 -37.65 -5.75
N SER A 92 21.94 -36.92 -6.69
CA SER A 92 21.70 -35.50 -6.58
C SER A 92 20.27 -35.19 -7.01
N TRP A 93 19.76 -34.04 -6.58
CA TRP A 93 18.38 -33.68 -6.89
C TRP A 93 18.24 -32.16 -6.92
N SER A 94 17.03 -31.71 -7.23
CA SER A 94 16.64 -30.31 -7.19
C SER A 94 15.67 -30.00 -6.05
N TYR A 95 14.74 -30.90 -5.76
CA TYR A 95 13.84 -30.75 -4.63
C TYR A 95 13.36 -32.12 -4.17
N ILE A 96 12.69 -32.13 -3.02
CA ILE A 96 12.22 -33.34 -2.38
C ILE A 96 10.70 -33.37 -2.48
N ALA A 97 10.15 -34.52 -2.85
CA ALA A 97 8.71 -34.73 -2.92
C ALA A 97 8.31 -35.78 -1.89
N GLU A 98 7.24 -35.50 -1.15
CA GLU A 98 6.84 -36.33 -0.03
C GLU A 98 5.35 -36.63 -0.09
N THR A 99 4.99 -37.89 0.11
CA THR A 99 3.61 -38.31 0.22
C THR A 99 3.01 -37.73 1.51
N PRO A 100 1.75 -37.28 1.49
CA PRO A 100 1.14 -36.69 2.69
C PRO A 100 1.07 -37.60 3.91
N ASN A 101 0.84 -38.91 3.73
CA ASN A 101 0.77 -39.84 4.85
C ASN A 101 1.70 -41.01 4.56
N SER A 102 2.96 -40.85 4.92
CA SER A 102 3.94 -41.92 4.80
C SER A 102 4.11 -42.60 6.16
N GLU A 103 4.00 -43.92 6.17
CA GLU A 103 3.96 -44.67 7.42
C GLU A 103 5.13 -45.63 7.56
N ASN A 104 6.25 -45.34 6.89
CA ASN A 104 7.46 -46.14 7.01
C ASN A 104 8.57 -45.23 7.54
N GLY A 105 8.65 -45.13 8.86
CA GLY A 105 9.64 -44.31 9.53
C GLY A 105 10.42 -45.07 10.57
N THR A 106 10.37 -44.60 11.80
CA THR A 106 10.98 -45.30 12.92
C THR A 106 10.15 -46.54 13.22
N CYS A 107 10.59 -47.69 12.70
CA CYS A 107 9.85 -48.93 12.93
C CYS A 107 9.98 -49.39 14.38
N PHE A 108 11.15 -49.24 14.97
CA PHE A 108 11.24 -49.43 16.41
C PHE A 108 10.82 -48.15 17.12
N PRO A 109 9.93 -48.22 18.10
CA PRO A 109 9.36 -47.00 18.68
C PRO A 109 10.35 -46.21 19.51
N GLY A 110 10.18 -44.90 19.51
CA GLY A 110 11.06 -44.01 20.23
C GLY A 110 10.88 -42.58 19.74
N ASP A 111 11.69 -41.70 20.33
CA ASP A 111 11.64 -40.28 20.04
C ASP A 111 12.84 -39.88 19.19
N PHE A 112 12.59 -39.19 18.09
CA PHE A 112 13.63 -38.63 17.24
C PHE A 112 13.92 -37.22 17.75
N ALA A 113 15.11 -37.01 18.28
CA ALA A 113 15.46 -35.72 18.87
C ALA A 113 15.74 -34.69 17.79
N ASP A 114 15.01 -33.57 17.85
CA ASP A 114 15.11 -32.45 16.91
C ASP A 114 14.86 -32.89 15.47
N TYR A 115 13.66 -33.41 15.23
CA TYR A 115 13.32 -33.92 13.90
C TYR A 115 13.07 -32.79 12.92
N GLU A 116 12.35 -31.75 13.37
CA GLU A 116 11.98 -30.64 12.51
C GLU A 116 13.19 -29.78 12.14
N GLU A 117 14.18 -29.71 13.04
CA GLU A 117 15.40 -28.99 12.70
C GLU A 117 16.22 -29.74 11.67
N LEU A 118 16.24 -31.08 11.73
CA LEU A 118 16.86 -31.87 10.67
C LEU A 118 16.14 -31.69 9.35
N ARG A 119 14.82 -31.56 9.38
CA ARG A 119 14.05 -31.28 8.18
C ARG A 119 14.42 -29.93 7.57
N GLU A 120 14.57 -28.91 8.41
CA GLU A 120 14.97 -27.59 7.94
C GLU A 120 16.41 -27.58 7.41
N GLN A 121 17.31 -28.34 8.04
CA GLN A 121 18.68 -28.41 7.55
C GLN A 121 18.78 -29.18 6.24
N LEU A 122 17.95 -30.22 6.07
CA LEU A 122 17.95 -31.00 4.84
C LEU A 122 17.12 -30.35 3.74
N SER A 123 16.42 -29.25 4.01
CA SER A 123 15.73 -28.52 2.95
C SER A 123 16.71 -27.94 1.94
N SER A 124 17.77 -27.29 2.41
CA SER A 124 18.74 -26.64 1.53
C SER A 124 19.97 -27.52 1.31
N VAL A 125 19.76 -28.73 0.81
CA VAL A 125 20.81 -29.69 0.52
C VAL A 125 20.67 -30.14 -0.93
N SER A 126 21.75 -30.09 -1.69
CA SER A 126 21.71 -30.50 -3.09
C SER A 126 21.97 -31.99 -3.27
N SER A 127 22.92 -32.56 -2.52
CA SER A 127 23.28 -33.95 -2.71
C SER A 127 23.80 -34.54 -1.42
N PHE A 128 23.75 -35.87 -1.34
CA PHE A 128 24.38 -36.62 -0.26
C PHE A 128 25.32 -37.65 -0.85
N GLU A 129 26.30 -38.06 -0.05
CA GLU A 129 27.40 -38.87 -0.54
C GLU A 129 27.66 -39.91 0.56
N ARG A 130 27.00 -41.06 0.48
CA ARG A 130 26.95 -42.04 1.56
C ARG A 130 28.27 -42.82 1.65
N PHE A 131 28.75 -43.05 2.87
CA PHE A 131 30.01 -43.74 3.10
C PHE A 131 29.99 -44.43 4.45
N GLU A 132 30.96 -45.33 4.68
CA GLU A 132 30.99 -46.15 5.91
C GLU A 132 31.80 -45.46 7.01
N ILE A 133 31.13 -44.83 7.98
CA ILE A 133 31.82 -44.17 9.07
C ILE A 133 32.53 -45.17 9.96
N PHE A 134 31.95 -46.36 10.15
CA PHE A 134 32.55 -47.44 10.92
C PHE A 134 32.29 -48.74 10.18
N PRO A 135 33.31 -49.48 9.76
CA PRO A 135 33.08 -50.80 9.18
C PRO A 135 32.52 -51.77 10.21
N LYS A 136 31.61 -52.63 9.75
CA LYS A 136 30.88 -53.46 10.69
C LYS A 136 31.70 -54.67 11.14
N GLU A 137 32.30 -55.40 10.18
CA GLU A 137 33.04 -56.60 10.53
C GLU A 137 34.40 -56.29 11.16
N ARG A 138 34.99 -55.14 10.82
CA ARG A 138 36.35 -54.85 11.26
C ARG A 138 36.38 -54.21 12.64
N SER A 139 35.46 -53.27 12.89
CA SER A 139 35.61 -52.39 14.06
C SER A 139 35.00 -52.94 15.34
N TRP A 140 34.20 -54.00 15.30
CA TRP A 140 33.60 -54.53 16.53
C TRP A 140 33.96 -56.01 16.66
N PRO A 141 35.16 -56.32 17.16
CA PRO A 141 35.58 -57.73 17.25
C PRO A 141 35.17 -58.41 18.53
N ASN A 142 34.85 -57.64 19.57
CA ASN A 142 34.54 -58.20 20.89
C ASN A 142 33.04 -58.13 21.22
N HIS A 143 32.21 -57.78 20.25
CA HIS A 143 30.77 -57.70 20.44
C HIS A 143 30.07 -58.39 19.28
N THR A 144 28.84 -58.82 19.51
CA THR A 144 28.03 -59.43 18.46
C THR A 144 27.22 -58.35 17.75
N THR A 145 27.51 -58.16 16.47
CA THR A 145 26.82 -57.15 15.68
C THR A 145 25.56 -57.66 15.01
N ARG A 146 25.24 -58.94 15.12
CA ARG A 146 24.09 -59.53 14.44
C ARG A 146 22.86 -59.35 15.32
N GLY A 147 22.26 -58.17 15.25
CA GLY A 147 21.08 -57.89 16.04
C GLY A 147 19.86 -57.57 15.19
N VAL A 148 18.80 -58.36 15.35
CA VAL A 148 17.58 -58.19 14.59
C VAL A 148 16.41 -58.02 15.56
N THR A 149 15.32 -57.43 15.04
CA THR A 149 14.11 -57.24 15.81
C THR A 149 12.90 -57.52 14.93
N ALA A 150 11.83 -57.99 15.58
CA ALA A 150 10.59 -58.32 14.89
C ALA A 150 9.69 -57.11 14.66
N ALA A 151 10.06 -55.95 15.20
CA ALA A 151 9.32 -54.71 14.97
C ALA A 151 9.70 -54.04 13.67
N CYS A 152 10.73 -54.53 12.97
CA CYS A 152 11.16 -53.96 11.69
C CYS A 152 11.23 -55.09 10.67
N PRO A 153 10.09 -55.47 10.06
CA PRO A 153 10.11 -56.60 9.13
C PRO A 153 10.79 -56.28 7.82
N HIS A 154 11.24 -57.34 7.14
CA HIS A 154 11.73 -57.25 5.77
C HIS A 154 11.58 -58.61 5.11
N ALA A 155 10.71 -58.69 4.09
CA ALA A 155 10.49 -59.88 3.27
C ALA A 155 10.08 -61.10 4.10
N MET A 156 9.12 -60.88 4.99
CA MET A 156 8.59 -61.87 5.94
C MET A 156 9.73 -62.45 6.79
N LYS A 157 10.40 -61.58 7.54
CA LYS A 157 11.54 -61.93 8.36
C LYS A 157 11.68 -60.86 9.44
N SER A 158 12.83 -60.86 10.11
CA SER A 158 13.19 -59.82 11.06
C SER A 158 14.53 -59.25 10.64
N SER A 159 14.62 -57.92 10.57
CA SER A 159 15.85 -57.24 10.18
C SER A 159 15.92 -55.91 10.90
N PHE A 160 17.03 -55.19 10.69
CA PHE A 160 17.28 -53.93 11.38
C PHE A 160 17.55 -52.83 10.37
N TYR A 161 17.89 -51.63 10.86
CA TYR A 161 18.19 -50.51 10.02
C TYR A 161 19.49 -50.73 9.25
N LYS A 162 19.59 -50.08 8.10
CA LYS A 162 20.75 -50.27 7.23
C LYS A 162 21.89 -49.30 7.53
N ASN A 163 21.67 -48.30 8.37
CA ASN A 163 22.72 -47.36 8.74
C ASN A 163 23.18 -47.50 10.19
N LEU A 164 22.65 -48.46 10.94
CA LEU A 164 22.95 -48.59 12.36
C LEU A 164 23.26 -50.04 12.68
N VAL A 165 24.04 -50.25 13.74
CA VAL A 165 24.46 -51.57 14.19
C VAL A 165 24.08 -51.72 15.66
N TRP A 166 23.32 -52.76 15.97
CA TRP A 166 22.98 -53.09 17.35
C TRP A 166 24.10 -53.95 17.92
N LEU A 167 24.72 -53.46 19.01
CA LEU A 167 25.80 -54.16 19.65
C LEU A 167 25.32 -54.78 20.96
N THR A 168 25.62 -56.06 21.14
CA THR A 168 25.14 -56.85 22.27
C THR A 168 26.36 -57.63 22.80
N GLU A 169 26.19 -58.34 23.91
CA GLU A 169 27.28 -59.06 24.57
C GLU A 169 27.83 -60.19 23.70
N ALA A 170 29.09 -60.53 23.95
CA ALA A 170 29.77 -61.64 23.28
C ALA A 170 30.57 -62.41 24.31
N ASN A 171 30.33 -63.72 24.37
CA ASN A 171 30.95 -64.65 25.32
C ASN A 171 30.71 -64.25 26.78
N GLY A 172 29.54 -63.71 27.07
CA GLY A 172 29.18 -63.39 28.43
C GLY A 172 29.74 -62.10 29.00
N SER A 173 30.43 -61.31 28.19
CA SER A 173 31.02 -60.07 28.67
C SER A 173 30.82 -58.96 27.64
N TYR A 174 30.65 -57.75 28.15
CA TYR A 174 30.55 -56.54 27.33
C TYR A 174 31.72 -55.64 27.67
N PRO A 175 32.77 -55.57 26.85
CA PRO A 175 33.90 -54.69 27.15
C PRO A 175 33.55 -53.23 26.94
N ASN A 176 34.43 -52.37 27.45
CA ASN A 176 34.29 -50.93 27.25
C ASN A 176 34.50 -50.58 25.78
N LEU A 177 33.90 -49.47 25.36
CA LEU A 177 33.90 -49.07 23.97
C LEU A 177 34.29 -47.61 23.89
N SER A 178 35.27 -47.29 23.03
CA SER A 178 35.74 -45.92 22.87
C SER A 178 36.34 -45.75 21.49
N ARG A 179 35.62 -45.07 20.59
CA ARG A 179 36.03 -44.91 19.20
C ARG A 179 36.01 -43.45 18.79
N SER A 180 36.80 -43.14 17.77
CA SER A 180 36.95 -41.77 17.29
C SER A 180 36.90 -41.76 15.77
N TYR A 181 36.34 -40.68 15.22
CA TYR A 181 36.33 -40.45 13.80
C TYR A 181 36.73 -39.02 13.50
N VAL A 182 37.57 -38.84 12.49
CA VAL A 182 38.06 -37.53 12.08
C VAL A 182 37.53 -37.23 10.68
N ASN A 183 36.93 -36.05 10.51
CA ASN A 183 36.37 -35.65 9.23
C ASN A 183 37.47 -35.10 8.34
N ASN A 184 37.59 -35.64 7.13
CA ASN A 184 38.58 -35.18 6.16
C ASN A 184 38.02 -35.10 4.75
N GLN A 185 36.70 -34.97 4.62
CA GLN A 185 36.03 -34.96 3.32
C GLN A 185 35.74 -33.56 2.82
N GLU A 186 36.26 -32.53 3.50
CA GLU A 186 36.14 -31.11 3.15
C GLU A 186 34.70 -30.62 3.10
N LYS A 187 33.79 -31.27 3.84
CA LYS A 187 32.40 -30.88 3.90
C LYS A 187 31.78 -31.46 5.18
N GLU A 188 30.53 -31.10 5.43
CA GLU A 188 29.83 -31.57 6.62
C GLU A 188 29.45 -33.03 6.51
N VAL A 189 29.43 -33.72 7.65
CA VAL A 189 29.06 -35.14 7.70
C VAL A 189 27.95 -35.31 8.73
N LEU A 190 26.82 -35.88 8.30
CA LEU A 190 25.70 -36.12 9.19
C LEU A 190 25.85 -37.47 9.87
N VAL A 191 25.91 -37.47 11.20
CA VAL A 191 26.13 -38.67 11.99
C VAL A 191 24.86 -38.96 12.80
N LEU A 192 24.45 -40.22 12.79
CA LEU A 192 23.23 -40.69 13.45
C LEU A 192 23.54 -41.83 14.40
N TRP A 193 22.91 -41.83 15.57
CA TRP A 193 23.07 -42.93 16.52
C TRP A 193 21.82 -43.06 17.37
N GLY A 194 21.81 -44.03 18.27
CA GLY A 194 20.66 -44.28 19.11
C GLY A 194 21.03 -44.92 20.43
N VAL A 195 20.17 -44.72 21.43
CA VAL A 195 20.35 -45.23 22.78
C VAL A 195 19.13 -46.08 23.13
N HIS A 196 19.38 -47.30 23.64
CA HIS A 196 18.34 -48.28 23.92
C HIS A 196 17.87 -48.18 25.36
N HIS A 197 16.56 -48.26 25.57
CA HIS A 197 15.94 -48.32 26.88
C HIS A 197 15.11 -49.59 26.98
N PRO A 198 15.50 -50.57 27.77
CA PRO A 198 14.73 -51.81 27.89
C PRO A 198 13.51 -51.63 28.78
N SER A 199 12.77 -52.73 28.96
CA SER A 199 11.53 -52.73 29.74
C SER A 199 11.73 -53.21 31.17
N ASN A 200 12.53 -54.26 31.38
CA ASN A 200 12.81 -54.75 32.72
C ASN A 200 14.30 -54.95 32.91
N ILE A 201 14.70 -55.28 34.15
CA ILE A 201 16.11 -55.41 34.48
C ILE A 201 16.70 -56.70 33.92
N GLU A 202 15.86 -57.70 33.65
CA GLU A 202 16.35 -58.97 33.10
C GLU A 202 16.82 -58.80 31.66
N ASP A 203 16.11 -57.98 30.89
CA ASP A 203 16.50 -57.70 29.50
C ASP A 203 17.86 -56.99 29.47
N GLN A 204 18.04 -56.01 30.36
CA GLN A 204 19.29 -55.28 30.49
C GLN A 204 20.44 -56.20 30.90
N ARG A 205 20.18 -57.11 31.84
CA ARG A 205 21.23 -58.01 32.30
C ARG A 205 21.60 -59.06 31.26
N THR A 206 20.63 -59.56 30.50
CA THR A 206 20.95 -60.57 29.49
C THR A 206 21.59 -59.99 28.24
N LEU A 207 21.31 -58.72 27.91
CA LEU A 207 21.95 -58.16 26.72
C LEU A 207 23.18 -57.32 26.98
N TYR A 208 23.41 -56.82 28.20
CA TYR A 208 24.53 -55.93 28.43
C TYR A 208 25.37 -56.27 29.66
N ARG A 209 24.91 -57.19 30.52
CA ARG A 209 25.61 -57.72 31.69
C ARG A 209 25.95 -56.66 32.74
N LYS A 210 25.26 -55.51 32.72
CA LYS A 210 25.48 -54.43 33.67
C LYS A 210 24.13 -53.84 34.03
N ASP A 211 23.93 -53.55 35.32
CA ASP A 211 22.69 -52.87 35.71
C ASP A 211 22.73 -51.40 35.33
N ASN A 212 23.91 -50.80 35.33
CA ASN A 212 24.09 -49.38 35.01
C ASN A 212 25.05 -49.23 33.84
N ALA A 213 24.67 -48.37 32.89
CA ALA A 213 25.48 -48.11 31.72
C ALA A 213 25.37 -46.64 31.35
N TYR A 214 26.22 -46.19 30.43
CA TYR A 214 26.18 -44.81 29.98
C TYR A 214 26.73 -44.73 28.56
N VAL A 215 26.23 -43.76 27.80
CA VAL A 215 26.74 -43.43 26.48
C VAL A 215 27.20 -41.98 26.50
N SER A 216 28.35 -41.70 25.92
CA SER A 216 28.89 -40.36 25.85
C SER A 216 29.28 -40.05 24.42
N VAL A 217 28.75 -38.95 23.87
CA VAL A 217 29.13 -38.49 22.54
C VAL A 217 29.72 -37.10 22.68
N VAL A 218 30.98 -36.96 22.29
CA VAL A 218 31.72 -35.71 22.46
C VAL A 218 32.25 -35.26 21.11
N SER A 219 32.04 -33.99 20.80
CA SER A 219 32.65 -33.34 19.65
C SER A 219 33.10 -31.95 20.08
N SER A 220 33.55 -31.14 19.13
CA SER A 220 33.89 -29.76 19.45
C SER A 220 32.67 -28.87 19.60
N ASN A 221 31.50 -29.33 19.17
CA ASN A 221 30.25 -28.54 19.38
C ASN A 221 29.17 -29.40 20.03
N TYR A 222 29.42 -30.70 20.21
CA TYR A 222 28.47 -31.58 20.86
C TYR A 222 29.13 -32.22 22.06
N ASN A 223 28.42 -32.25 23.19
CA ASN A 223 28.92 -32.92 24.40
C ASN A 223 27.70 -33.38 25.19
N ARG A 224 27.35 -34.66 25.05
CA ARG A 224 26.17 -35.14 25.74
C ARG A 224 26.42 -36.51 26.35
N ARG A 225 25.75 -36.78 27.46
CA ARG A 225 25.78 -38.06 28.17
C ARG A 225 24.36 -38.57 28.32
N PHE A 226 24.18 -39.87 28.05
CA PHE A 226 22.87 -40.51 28.07
C PHE A 226 22.90 -41.69 29.04
N THR A 227 21.88 -41.75 29.89
CA THR A 227 21.70 -42.82 30.85
C THR A 227 20.42 -43.58 30.52
N PRO A 228 20.48 -44.91 30.39
CA PRO A 228 19.27 -45.69 30.11
C PRO A 228 18.30 -45.70 31.28
N GLU A 229 17.01 -45.73 30.96
CA GLU A 229 15.93 -45.78 31.93
C GLU A 229 15.09 -47.03 31.70
N ILE A 230 14.68 -47.67 32.77
CA ILE A 230 13.94 -48.93 32.72
C ILE A 230 12.60 -48.73 33.42
N ALA A 231 11.51 -48.95 32.68
CA ALA A 231 10.17 -48.79 33.21
C ALA A 231 9.21 -49.63 32.37
N LYS A 232 7.94 -49.65 32.77
CA LYS A 232 6.89 -50.36 32.06
C LYS A 232 6.14 -49.38 31.17
N ARG A 233 6.07 -49.69 29.88
CA ARG A 233 5.53 -48.77 28.89
C ARG A 233 4.41 -49.43 28.10
N PRO A 234 3.45 -48.64 27.60
CA PRO A 234 2.44 -49.18 26.69
C PRO A 234 3.05 -49.65 25.39
N LYS A 235 2.43 -50.67 24.80
CA LYS A 235 3.01 -51.36 23.66
C LYS A 235 2.73 -50.57 22.38
N VAL A 236 3.78 -50.24 21.64
CA VAL A 236 3.69 -49.64 20.32
C VAL A 236 4.41 -50.56 19.36
N ARG A 237 3.68 -51.03 18.34
CA ARG A 237 4.16 -51.97 17.32
C ARG A 237 4.68 -53.28 17.94
N GLY A 238 4.06 -53.72 19.03
CA GLY A 238 4.37 -54.99 19.62
C GLY A 238 5.55 -55.02 20.56
N GLN A 239 6.22 -53.89 20.78
CA GLN A 239 7.39 -53.83 21.65
C GLN A 239 7.16 -52.82 22.75
N SER A 240 7.67 -53.12 23.95
CA SER A 240 7.56 -52.21 25.08
C SER A 240 8.83 -51.39 25.32
N GLY A 241 9.98 -51.85 24.83
CA GLY A 241 11.19 -51.07 24.93
C GLY A 241 11.23 -49.93 23.93
N ARG A 242 12.21 -49.05 24.09
CA ARG A 242 12.33 -47.89 23.22
C ARG A 242 13.77 -47.75 22.76
N ILE A 243 13.95 -47.07 21.62
CA ILE A 243 15.26 -46.64 21.15
C ILE A 243 15.13 -45.17 20.77
N ASN A 244 15.93 -44.31 21.40
CA ASN A 244 15.89 -42.88 21.15
C ASN A 244 17.02 -42.50 20.21
N TYR A 245 16.69 -41.77 19.14
CA TYR A 245 17.60 -41.49 18.05
C TYR A 245 18.12 -40.06 18.14
N TYR A 246 19.39 -39.87 17.76
CA TYR A 246 20.05 -38.59 17.85
C TYR A 246 20.93 -38.38 16.61
N TRP A 247 21.21 -37.12 16.32
CA TRP A 247 21.97 -36.75 15.14
C TRP A 247 22.87 -35.55 15.43
N THR A 248 23.93 -35.42 14.63
CA THR A 248 24.83 -34.27 14.70
C THR A 248 25.45 -34.03 13.34
N LEU A 249 26.03 -32.85 13.17
CA LEU A 249 26.68 -32.43 11.93
C LEU A 249 28.14 -32.12 12.22
N LEU A 250 29.03 -33.02 11.80
CA LEU A 250 30.46 -32.79 11.93
C LEU A 250 30.94 -31.79 10.89
N GLU A 251 31.66 -30.77 11.37
CA GLU A 251 32.32 -29.80 10.52
C GLU A 251 33.60 -30.42 9.95
N PRO A 252 34.15 -29.85 8.87
CA PRO A 252 35.47 -30.30 8.40
C PRO A 252 36.56 -30.05 9.42
N GLY A 253 37.46 -31.01 9.55
CA GLY A 253 38.55 -30.92 10.51
C GLY A 253 38.19 -31.28 11.93
N ASP A 254 37.02 -31.83 12.18
CA ASP A 254 36.55 -32.09 13.53
C ASP A 254 36.57 -33.58 13.84
N THR A 255 36.57 -33.90 15.13
CA THR A 255 36.66 -35.27 15.62
C THR A 255 35.46 -35.56 16.50
N ILE A 256 34.85 -36.73 16.32
CA ILE A 256 33.76 -37.19 17.16
C ILE A 256 34.22 -38.43 17.92
N ILE A 257 33.84 -38.49 19.20
CA ILE A 257 34.27 -39.57 20.10
C ILE A 257 33.02 -40.20 20.73
N PHE A 258 32.93 -41.52 20.60
CA PHE A 258 31.86 -42.32 21.18
C PHE A 258 32.45 -43.18 22.30
N GLU A 259 31.89 -43.04 23.51
CA GLU A 259 32.24 -43.91 24.62
C GLU A 259 30.97 -44.60 25.10
N ALA A 260 31.10 -45.88 25.43
CA ALA A 260 29.93 -46.64 25.86
C ALA A 260 30.36 -47.83 26.70
N THR A 261 29.64 -48.04 27.79
CA THR A 261 29.70 -49.28 28.54
C THR A 261 28.44 -50.12 28.39
N GLY A 262 27.55 -49.71 27.51
CA GLY A 262 26.31 -50.43 27.26
C GLY A 262 25.29 -49.54 26.61
N ASN A 263 24.26 -50.19 26.06
CA ASN A 263 23.05 -49.55 25.53
C ASN A 263 23.35 -48.57 24.39
N LEU A 264 23.97 -49.08 23.32
CA LEU A 264 24.39 -48.24 22.21
C LEU A 264 23.99 -48.87 20.88
N ILE A 265 23.34 -48.08 20.02
CA ILE A 265 23.07 -48.43 18.64
C ILE A 265 24.05 -47.63 17.80
N ALA A 266 25.18 -48.24 17.44
CA ALA A 266 26.32 -47.55 16.85
C ALA A 266 26.05 -47.16 15.40
N PRO A 267 26.68 -46.09 14.90
CA PRO A 267 26.55 -45.76 13.48
C PRO A 267 27.29 -46.75 12.59
N TRP A 268 26.73 -46.97 11.40
CA TRP A 268 27.35 -47.80 10.36
C TRP A 268 27.61 -47.00 9.09
N TYR A 269 26.64 -46.21 8.64
CA TYR A 269 26.78 -45.40 7.44
C TYR A 269 26.50 -43.94 7.77
N ALA A 270 27.22 -43.05 7.10
CA ALA A 270 27.07 -41.62 7.29
C ALA A 270 26.91 -40.94 5.94
N PHE A 271 26.42 -39.71 5.97
CA PHE A 271 26.12 -38.94 4.78
C PHE A 271 27.01 -37.71 4.72
N ALA A 272 27.55 -37.42 3.54
CA ALA A 272 28.33 -36.22 3.30
C ALA A 272 27.51 -35.26 2.45
N LEU A 273 27.16 -34.11 3.02
CA LEU A 273 26.18 -33.22 2.42
C LEU A 273 26.85 -32.04 1.71
N SER A 274 26.20 -31.56 0.66
CA SER A 274 26.61 -30.36 -0.05
C SER A 274 25.43 -29.41 -0.14
N ARG A 275 25.71 -28.12 -0.04
CA ARG A 275 24.65 -27.11 -0.01
C ARG A 275 24.38 -26.56 -1.40
N GLY A 276 23.23 -25.90 -1.54
CA GLY A 276 22.81 -25.36 -2.81
C GLY A 276 21.87 -24.18 -2.66
N PRO A 277 21.70 -23.40 -3.72
CA PRO A 277 20.90 -22.16 -3.60
C PRO A 277 19.40 -22.38 -3.53
N GLY A 278 18.83 -23.25 -4.38
CA GLY A 278 17.40 -23.41 -4.42
C GLY A 278 16.91 -24.84 -4.32
N SER A 279 16.20 -25.16 -3.23
CA SER A 279 15.63 -26.47 -3.02
C SER A 279 14.49 -26.33 -2.01
N GLY A 280 13.82 -27.45 -1.74
CA GLY A 280 12.75 -27.43 -0.77
C GLY A 280 12.08 -28.78 -0.66
N ILE A 281 11.01 -28.81 0.14
CA ILE A 281 10.20 -30.00 0.34
C ILE A 281 8.77 -29.69 -0.07
N ILE A 282 8.19 -30.54 -0.92
CA ILE A 282 6.84 -30.37 -1.43
C ILE A 282 6.04 -31.61 -1.05
N THR A 283 4.90 -31.40 -0.40
CA THR A 283 3.98 -32.47 -0.04
C THR A 283 2.91 -32.55 -1.12
N SER A 284 2.90 -33.64 -1.87
CA SER A 284 2.05 -33.70 -3.06
C SER A 284 1.59 -35.14 -3.30
N ASN A 285 0.51 -35.26 -4.08
CA ASN A 285 0.02 -36.53 -4.59
C ASN A 285 0.08 -36.59 -6.11
N ALA A 286 0.80 -35.65 -6.73
CA ALA A 286 0.90 -35.62 -8.17
C ALA A 286 1.85 -36.72 -8.66
N PRO A 287 1.50 -37.39 -9.75
CA PRO A 287 2.42 -38.38 -10.32
C PRO A 287 3.62 -37.72 -10.98
N LEU A 288 4.72 -38.46 -11.04
CA LEU A 288 5.95 -37.97 -11.64
C LEU A 288 5.93 -38.23 -13.14
N ASP A 289 6.25 -37.20 -13.92
CA ASP A 289 6.29 -37.31 -15.37
C ASP A 289 7.37 -36.35 -15.89
N GLU A 290 7.33 -36.07 -17.18
CA GLU A 290 8.40 -35.35 -17.86
C GLU A 290 7.94 -33.93 -18.19
N CYS A 291 8.78 -32.95 -17.87
CA CYS A 291 8.61 -31.56 -18.29
C CYS A 291 9.97 -30.89 -18.24
N ASP A 292 9.98 -29.57 -18.40
CA ASP A 292 11.16 -28.77 -18.05
C ASP A 292 10.72 -27.43 -17.45
N THR A 293 9.72 -27.46 -16.57
CA THR A 293 9.14 -26.22 -16.08
C THR A 293 10.04 -25.58 -15.03
N LYS A 294 9.96 -24.24 -14.98
CA LYS A 294 10.77 -23.45 -14.06
C LYS A 294 10.07 -23.19 -12.73
N CYS A 295 8.76 -23.42 -12.66
CA CYS A 295 7.98 -23.19 -11.46
C CYS A 295 7.30 -24.49 -11.06
N GLN A 296 7.29 -24.79 -9.77
CA GLN A 296 6.64 -26.02 -9.29
C GLN A 296 5.86 -25.75 -8.02
N THR A 297 4.60 -26.20 -8.01
CA THR A 297 3.67 -26.18 -6.91
C THR A 297 3.32 -27.61 -6.53
N PRO A 298 2.78 -27.84 -5.31
CA PRO A 298 2.29 -29.19 -4.99
C PRO A 298 1.15 -29.68 -5.87
N GLN A 299 0.36 -28.79 -6.44
CA GLN A 299 -0.75 -29.19 -7.29
C GLN A 299 -0.37 -29.34 -8.75
N GLY A 300 0.85 -29.02 -9.13
CA GLY A 300 1.26 -29.16 -10.51
C GLY A 300 2.33 -28.14 -10.86
N ALA A 301 2.60 -28.04 -12.16
CA ALA A 301 3.61 -27.13 -12.68
C ALA A 301 2.97 -25.95 -13.41
N ILE A 302 3.76 -24.90 -13.59
CA ILE A 302 3.29 -23.62 -14.09
C ILE A 302 4.23 -23.16 -15.21
N ASN A 303 3.67 -22.80 -16.36
CA ASN A 303 4.46 -22.28 -17.48
C ASN A 303 3.74 -21.04 -18.02
N SER A 304 4.17 -19.87 -17.56
CA SER A 304 3.69 -18.59 -18.09
C SER A 304 4.67 -17.50 -17.67
N SER A 305 4.26 -16.25 -17.86
CA SER A 305 5.05 -15.10 -17.45
C SER A 305 4.22 -14.01 -16.78
N LEU A 306 2.95 -14.26 -16.47
CA LEU A 306 2.08 -13.32 -15.79
C LEU A 306 2.55 -13.12 -14.35
N PRO A 307 2.33 -11.94 -13.76
CA PRO A 307 2.90 -11.65 -12.44
C PRO A 307 2.18 -12.31 -11.27
N PHE A 308 1.03 -12.95 -11.46
CA PHE A 308 0.25 -13.44 -10.33
C PHE A 308 -0.18 -14.88 -10.55
N GLN A 309 -0.72 -15.47 -9.48
CA GLN A 309 -1.31 -16.80 -9.49
C GLN A 309 -2.34 -16.86 -8.38
N ASN A 310 -3.18 -17.89 -8.44
CA ASN A 310 -4.03 -18.21 -7.30
C ASN A 310 -4.13 -19.72 -7.09
N ILE A 311 -3.07 -20.45 -7.40
CA ILE A 311 -3.11 -21.91 -7.31
C ILE A 311 -2.74 -22.37 -5.90
N HIS A 312 -1.52 -22.08 -5.46
CA HIS A 312 -1.05 -22.57 -4.18
C HIS A 312 0.07 -21.66 -3.69
N PRO A 313 0.13 -21.36 -2.39
CA PRO A 313 1.16 -20.43 -1.91
C PRO A 313 2.57 -21.02 -1.85
N VAL A 314 2.71 -22.33 -1.69
CA VAL A 314 4.03 -22.94 -1.65
C VAL A 314 4.50 -23.13 -3.09
N THR A 315 5.59 -22.46 -3.46
CA THR A 315 6.12 -22.51 -4.81
C THR A 315 7.64 -22.62 -4.73
N ILE A 316 8.23 -23.31 -5.71
CA ILE A 316 9.68 -23.36 -5.85
C ILE A 316 10.06 -23.02 -7.28
N GLY A 317 11.19 -22.36 -7.44
CA GLY A 317 11.63 -21.85 -8.72
C GLY A 317 11.32 -20.37 -8.88
N GLU A 318 11.34 -19.92 -10.12
CA GLU A 318 10.90 -18.57 -10.48
C GLU A 318 9.40 -18.62 -10.71
N CYS A 319 8.63 -18.11 -9.75
CA CYS A 319 7.19 -18.29 -9.76
C CYS A 319 6.47 -16.96 -9.57
N PRO A 320 5.26 -16.83 -10.10
CA PRO A 320 4.46 -15.63 -9.83
C PRO A 320 4.01 -15.55 -8.38
N LYS A 321 3.72 -14.34 -7.95
CA LYS A 321 3.28 -14.08 -6.59
C LYS A 321 1.86 -14.58 -6.37
N TYR A 322 1.62 -15.17 -5.21
CA TYR A 322 0.31 -15.71 -4.88
C TYR A 322 -0.59 -14.62 -4.32
N VAL A 323 -1.84 -14.57 -4.79
CA VAL A 323 -2.85 -13.64 -4.30
C VAL A 323 -4.17 -14.40 -4.14
N ARG A 324 -5.05 -13.92 -3.26
CA ARG A 324 -6.37 -14.58 -3.05
C ARG A 324 -7.43 -13.89 -3.89
N SER A 325 -7.18 -13.68 -5.18
CA SER A 325 -8.05 -12.96 -6.09
C SER A 325 -8.61 -13.90 -7.14
N THR A 326 -9.83 -13.61 -7.58
CA THR A 326 -10.46 -14.41 -8.63
C THR A 326 -10.26 -13.81 -10.01
N LYS A 327 -10.22 -12.48 -10.11
CA LYS A 327 -10.01 -11.83 -11.41
C LYS A 327 -9.15 -10.60 -11.23
N LEU A 328 -8.16 -10.42 -12.12
CA LEU A 328 -7.32 -9.23 -12.18
C LEU A 328 -7.08 -8.93 -13.65
N ARG A 329 -7.86 -8.01 -14.21
CA ARG A 329 -7.83 -7.69 -15.62
C ARG A 329 -7.55 -6.21 -15.82
N MET A 330 -6.68 -5.91 -16.78
CA MET A 330 -6.18 -4.55 -16.98
C MET A 330 -6.58 -4.06 -18.35
N VAL A 331 -7.02 -2.80 -18.42
CA VAL A 331 -7.56 -2.24 -19.65
C VAL A 331 -6.42 -1.76 -20.53
N THR A 332 -6.44 -2.16 -21.80
CA THR A 332 -5.55 -1.60 -22.79
C THR A 332 -6.28 -0.83 -23.88
N GLY A 333 -7.57 -1.02 -24.04
CA GLY A 333 -8.32 -0.39 -25.11
C GLY A 333 -9.31 0.65 -24.65
N LEU A 334 -10.44 0.76 -25.35
CA LEU A 334 -11.44 1.76 -25.08
C LEU A 334 -12.74 1.10 -24.64
N ARG A 335 -13.69 1.94 -24.22
CA ARG A 335 -15.03 1.45 -23.93
C ARG A 335 -15.72 1.01 -25.22
N ASN A 336 -16.63 0.05 -25.11
CA ASN A 336 -17.31 -0.51 -26.28
C ASN A 336 -18.75 -0.01 -26.31
N ILE A 337 -18.97 1.09 -27.01
CA ILE A 337 -20.30 1.63 -27.26
C ILE A 337 -20.54 1.62 -28.76
N PRO A 338 -21.22 0.59 -29.28
CA PRO A 338 -21.43 0.52 -30.73
C PRO A 338 -22.45 1.53 -31.21
N SER A 339 -22.32 1.86 -32.50
CA SER A 339 -23.16 2.85 -33.23
C SER A 339 -23.17 4.22 -32.56
N ILE A 349 -23.19 9.87 -40.66
CA ILE A 349 -22.34 9.34 -39.59
C ILE A 349 -21.90 10.47 -38.69
N ALA A 350 -22.27 10.40 -37.41
CA ALA A 350 -21.91 11.42 -36.45
C ALA A 350 -20.55 11.09 -35.83
N GLY A 351 -20.17 11.81 -34.78
CA GLY A 351 -18.83 11.66 -34.24
C GLY A 351 -18.76 11.01 -32.88
N PHE A 352 -17.91 11.55 -32.01
CA PHE A 352 -17.58 10.86 -30.77
C PHE A 352 -18.64 11.05 -29.70
N ILE A 353 -19.53 12.04 -29.88
CA ILE A 353 -20.58 12.28 -28.90
C ILE A 353 -21.63 11.17 -28.96
N GLU A 354 -22.01 10.76 -30.17
CA GLU A 354 -23.05 9.75 -30.30
C GLU A 354 -22.55 8.35 -29.95
N GLY A 355 -21.34 8.00 -30.38
CA GLY A 355 -20.82 6.68 -30.06
C GLY A 355 -19.57 6.34 -30.84
N GLY A 356 -19.26 5.05 -30.88
CA GLY A 356 -18.06 4.57 -31.54
C GLY A 356 -18.32 4.03 -32.93
N TRP A 357 -17.27 3.76 -33.68
CA TRP A 357 -17.36 3.32 -35.06
C TRP A 357 -16.87 1.89 -35.18
N THR A 358 -17.72 1.02 -35.72
CA THR A 358 -17.33 -0.36 -36.01
C THR A 358 -16.47 -0.46 -37.25
N GLY A 359 -16.71 0.39 -38.24
CA GLY A 359 -16.04 0.30 -39.53
C GLY A 359 -14.59 0.74 -39.54
N MET A 360 -14.09 1.35 -38.47
CA MET A 360 -12.69 1.73 -38.39
C MET A 360 -11.89 0.59 -37.77
N MET A 361 -10.99 0.01 -38.56
CA MET A 361 -10.23 -1.15 -38.13
C MET A 361 -8.73 -0.95 -38.16
N ASP A 362 -8.24 0.21 -38.59
CA ASP A 362 -6.82 0.46 -38.73
C ASP A 362 -6.25 1.42 -37.69
N GLY A 363 -6.94 1.62 -36.57
CA GLY A 363 -6.42 2.50 -35.54
C GLY A 363 -7.40 2.59 -34.40
N TRP A 364 -7.01 3.34 -33.37
CA TRP A 364 -7.88 3.58 -32.23
C TRP A 364 -8.66 4.89 -32.37
N TYR A 365 -8.04 5.91 -32.95
CA TYR A 365 -8.70 7.18 -33.20
C TYR A 365 -8.60 7.49 -34.68
N GLY A 366 -9.46 8.37 -35.19
CA GLY A 366 -9.34 8.72 -36.59
C GLY A 366 -10.44 9.64 -37.05
N TYR A 367 -10.62 9.68 -38.38
CA TYR A 367 -11.50 10.60 -39.05
C TYR A 367 -12.42 9.88 -40.03
N HIS A 368 -13.59 10.44 -40.26
CA HIS A 368 -14.50 9.99 -41.31
C HIS A 368 -14.88 11.18 -42.17
N HIS A 369 -14.77 11.04 -43.49
CA HIS A 369 -15.02 12.16 -44.39
C HIS A 369 -15.97 11.75 -45.50
N GLN A 370 -16.72 12.73 -45.99
CA GLN A 370 -17.67 12.56 -47.09
C GLN A 370 -17.68 13.83 -47.93
N ASN A 371 -17.46 13.69 -49.23
CA ASN A 371 -17.45 14.84 -50.12
C ASN A 371 -17.98 14.41 -51.48
N GLU A 372 -17.70 15.22 -52.51
CA GLU A 372 -18.14 14.94 -53.87
C GLU A 372 -17.49 13.69 -54.43
N GLN A 373 -16.18 13.52 -54.23
CA GLN A 373 -15.48 12.37 -54.79
C GLN A 373 -15.77 11.07 -54.07
N GLY A 374 -16.13 11.10 -52.79
CA GLY A 374 -16.45 9.88 -52.09
C GLY A 374 -16.59 10.02 -50.59
N SER A 375 -16.46 8.91 -49.87
CA SER A 375 -16.56 8.89 -48.42
C SER A 375 -15.75 7.72 -47.89
N GLY A 376 -15.20 7.88 -46.69
CA GLY A 376 -14.44 6.81 -46.09
C GLY A 376 -13.81 7.20 -44.77
N TYR A 377 -13.15 6.21 -44.16
CA TYR A 377 -12.51 6.34 -42.87
C TYR A 377 -11.00 6.49 -43.03
N ALA A 378 -10.34 6.83 -41.92
CA ALA A 378 -8.90 6.99 -41.87
C ALA A 378 -8.42 6.62 -40.48
N ALA A 379 -7.21 7.03 -40.12
CA ALA A 379 -6.67 6.79 -38.79
C ALA A 379 -5.65 7.87 -38.47
N ASP A 380 -5.56 8.20 -37.19
CA ASP A 380 -4.54 9.12 -36.69
C ASP A 380 -3.45 8.29 -36.03
N GLN A 381 -2.34 8.11 -36.74
CA GLN A 381 -1.33 7.14 -36.32
C GLN A 381 -0.47 7.64 -35.17
N LYS A 382 -0.29 8.95 -35.11
CA LYS A 382 0.60 9.56 -34.09
C LYS A 382 -0.04 9.50 -32.70
N SER A 383 -1.34 9.68 -32.56
CA SER A 383 -2.06 9.56 -31.30
C SER A 383 -2.20 8.10 -30.88
N THR A 384 -2.40 7.20 -31.84
CA THR A 384 -2.45 5.78 -31.55
C THR A 384 -1.10 5.26 -31.07
N GLN A 385 -0.01 5.77 -31.65
CA GLN A 385 1.33 5.37 -31.23
C GLN A 385 1.64 5.85 -29.81
N ASN A 386 1.22 7.08 -29.48
CA ASN A 386 1.39 7.59 -28.12
C ASN A 386 0.57 6.80 -27.11
N ALA A 387 -0.66 6.41 -27.49
CA ALA A 387 -1.49 5.59 -26.63
C ALA A 387 -0.87 4.22 -26.40
N ILE A 388 -0.31 3.61 -27.45
CA ILE A 388 0.35 2.32 -27.33
C ILE A 388 1.57 2.42 -26.42
N ASN A 389 2.31 3.53 -26.51
CA ASN A 389 3.48 3.73 -25.66
C ASN A 389 3.12 3.86 -24.18
N CYS A 390 2.09 4.67 -23.86
CA CYS A 390 1.66 4.78 -22.46
C CYS A 390 1.10 3.47 -21.92
N ILE A 391 0.34 2.72 -22.73
CA ILE A 391 -0.22 1.45 -22.26
C ILE A 391 0.89 0.44 -22.00
N THR A 392 1.88 0.37 -22.89
CA THR A 392 2.99 -0.57 -22.72
C THR A 392 3.83 -0.23 -21.50
N ASN A 393 4.12 1.07 -21.29
CA ASN A 393 4.89 1.48 -20.11
C ASN A 393 4.12 1.24 -18.83
N LYS A 394 2.80 1.46 -18.83
CA LYS A 394 1.98 1.28 -17.64
C LYS A 394 1.91 -0.19 -17.22
N VAL A 395 1.64 -1.08 -18.18
CA VAL A 395 1.52 -2.51 -17.87
C VAL A 395 2.89 -3.09 -17.49
N ASN A 396 3.96 -2.65 -18.15
CA ASN A 396 5.29 -3.14 -17.80
C ASN A 396 5.73 -2.63 -16.42
N SER A 397 5.30 -1.43 -16.04
CA SER A 397 5.60 -0.93 -14.70
C SER A 397 4.84 -1.73 -13.64
N VAL A 398 3.58 -2.09 -13.92
CA VAL A 398 2.82 -2.92 -13.00
C VAL A 398 3.45 -4.30 -12.83
N ILE A 399 3.95 -4.88 -13.93
CA ILE A 399 4.63 -6.16 -13.83
C ILE A 399 5.97 -6.04 -13.09
N GLU A 400 6.72 -4.96 -13.35
CA GLU A 400 8.06 -4.83 -12.81
C GLU A 400 8.08 -4.48 -11.32
N LYS A 401 7.21 -3.57 -10.86
CA LYS A 401 7.30 -3.13 -9.46
C LYS A 401 6.87 -4.21 -8.48
N MET A 402 5.88 -5.03 -8.83
CA MET A 402 5.50 -6.16 -7.98
C MET A 402 6.26 -7.40 -8.44
N ASN A 403 7.58 -7.34 -8.28
CA ASN A 403 8.46 -8.40 -8.71
C ASN A 403 8.30 -9.62 -7.81
N ALA A 408 8.56 -19.56 -0.14
CA ALA A 408 8.59 -20.43 1.03
C ALA A 408 8.34 -21.87 0.62
N VAL A 409 8.72 -22.79 1.51
CA VAL A 409 8.43 -24.21 1.33
C VAL A 409 7.65 -24.81 2.48
N GLY A 410 7.56 -24.17 3.64
CA GLY A 410 6.80 -24.70 4.75
C GLY A 410 7.68 -25.14 5.90
N LYS A 411 7.13 -25.03 7.11
CA LYS A 411 7.84 -25.38 8.33
C LYS A 411 6.97 -26.31 9.17
N GLU A 412 7.61 -27.08 10.03
CA GLU A 412 6.92 -28.03 10.88
C GLU A 412 7.29 -27.80 12.34
N PHE A 413 6.28 -27.97 13.21
CA PHE A 413 6.44 -27.80 14.65
C PHE A 413 5.79 -28.98 15.36
N ASN A 414 6.28 -29.28 16.56
CA ASN A 414 5.72 -30.37 17.34
C ASN A 414 4.64 -29.81 18.27
N LYS A 415 4.20 -30.63 19.24
CA LYS A 415 3.05 -30.32 20.07
C LYS A 415 3.31 -29.23 21.10
N LEU A 416 4.56 -29.03 21.51
CA LEU A 416 4.90 -28.05 22.53
C LEU A 416 5.50 -26.79 21.95
N GLU A 417 5.21 -26.49 20.68
CA GLU A 417 5.60 -25.26 20.00
C GLU A 417 4.41 -24.64 19.28
N LYS A 418 3.30 -24.49 20.02
CA LYS A 418 2.07 -23.95 19.45
C LYS A 418 2.18 -22.45 19.17
N ARG A 419 2.89 -21.73 20.04
CA ARG A 419 3.05 -20.28 19.86
C ARG A 419 3.85 -19.96 18.61
N MET A 420 4.88 -20.77 18.31
CA MET A 420 5.61 -20.64 17.05
C MET A 420 4.71 -20.87 15.84
N GLU A 421 3.84 -21.87 15.91
CA GLU A 421 2.97 -22.20 14.79
C GLU A 421 1.96 -21.07 14.54
N ASN A 422 1.43 -20.50 15.62
CA ASN A 422 0.50 -19.39 15.49
C ASN A 422 1.18 -18.13 14.99
N LEU A 423 2.42 -17.87 15.42
CA LEU A 423 3.17 -16.72 14.93
C LEU A 423 3.52 -16.87 13.45
N ASN A 424 3.86 -18.08 13.03
CA ASN A 424 4.20 -18.33 11.63
C ASN A 424 2.97 -18.19 10.74
N LYS A 425 1.81 -18.66 11.19
CA LYS A 425 0.56 -18.45 10.43
C LYS A 425 0.25 -16.96 10.39
N LYS A 426 0.43 -16.25 11.50
CA LYS A 426 0.12 -14.82 11.53
C LYS A 426 0.94 -14.04 10.52
N VAL A 427 2.25 -14.36 10.42
CA VAL A 427 3.11 -13.71 9.44
C VAL A 427 2.69 -14.06 8.01
N ASP A 428 2.46 -15.35 7.75
CA ASP A 428 2.11 -15.81 6.42
C ASP A 428 0.75 -15.31 5.95
N ASP A 429 -0.23 -15.22 6.85
CA ASP A 429 -1.55 -14.72 6.50
C ASP A 429 -1.64 -13.20 6.57
N GLY A 430 -0.68 -12.53 7.18
CA GLY A 430 -0.69 -11.09 7.19
C GLY A 430 0.00 -10.47 5.99
N PHE A 431 0.96 -11.18 5.39
CA PHE A 431 1.59 -10.63 4.18
C PHE A 431 0.68 -10.78 2.96
N LEU A 432 -0.11 -11.86 2.93
CA LEU A 432 -0.92 -12.18 1.77
C LEU A 432 -2.07 -11.20 1.59
N ASP A 433 -2.67 -10.76 2.69
CA ASP A 433 -3.74 -9.77 2.64
C ASP A 433 -3.24 -8.43 2.09
N ILE A 434 -2.05 -8.02 2.52
CA ILE A 434 -1.45 -6.77 2.08
C ILE A 434 -1.14 -6.82 0.59
N TRP A 435 -0.59 -7.93 0.12
CA TRP A 435 -0.23 -8.01 -1.30
C TRP A 435 -1.47 -8.12 -2.19
N THR A 436 -2.51 -8.84 -1.74
CA THR A 436 -3.77 -8.90 -2.48
C THR A 436 -4.42 -7.53 -2.58
N TYR A 437 -4.45 -6.78 -1.48
CA TYR A 437 -5.05 -5.46 -1.46
C TYR A 437 -4.29 -4.48 -2.34
N ASN A 438 -2.95 -4.58 -2.35
CA ASN A 438 -2.14 -3.71 -3.20
C ASN A 438 -2.38 -3.98 -4.68
N ALA A 439 -2.45 -5.26 -5.07
CA ALA A 439 -2.69 -5.60 -6.47
C ALA A 439 -4.07 -5.13 -6.94
N GLU A 440 -5.10 -5.38 -6.15
CA GLU A 440 -6.46 -4.95 -6.48
C GLU A 440 -6.61 -3.41 -6.54
N LEU A 441 -5.94 -2.63 -5.68
CA LEU A 441 -5.96 -1.18 -5.81
C LEU A 441 -5.24 -0.71 -7.07
N LEU A 442 -4.10 -1.33 -7.39
CA LEU A 442 -3.33 -0.90 -8.56
C LEU A 442 -4.13 -1.09 -9.85
N VAL A 443 -4.82 -2.23 -9.97
CA VAL A 443 -5.63 -2.49 -11.15
C VAL A 443 -6.81 -1.52 -11.24
N LEU A 444 -7.50 -1.31 -10.10
CA LEU A 444 -8.71 -0.47 -10.14
C LEU A 444 -8.40 1.00 -10.39
N LEU A 445 -7.27 1.52 -9.92
CA LEU A 445 -6.96 2.91 -10.26
C LEU A 445 -6.42 3.05 -11.68
N GLU A 446 -5.60 2.09 -12.14
CA GLU A 446 -5.02 2.25 -13.48
C GLU A 446 -6.06 2.08 -14.59
N ASN A 447 -7.14 1.34 -14.34
CA ASN A 447 -8.22 1.26 -15.33
C ASN A 447 -8.88 2.63 -15.54
N GLU A 448 -9.16 3.34 -14.45
CA GLU A 448 -9.73 4.68 -14.52
C GLU A 448 -8.80 5.65 -15.23
N ARG A 449 -7.50 5.56 -14.93
CA ARG A 449 -6.53 6.43 -15.59
C ARG A 449 -6.46 6.17 -17.09
N THR A 450 -6.52 4.90 -17.50
CA THR A 450 -6.48 4.54 -18.92
C THR A 450 -7.68 5.09 -19.68
N LEU A 451 -8.89 4.93 -19.10
CA LEU A 451 -10.10 5.39 -19.78
C LEU A 451 -10.14 6.92 -19.88
N ASP A 452 -9.73 7.63 -18.82
CA ASP A 452 -9.66 9.08 -18.88
C ASP A 452 -8.61 9.56 -19.88
N PHE A 453 -7.51 8.81 -20.02
CA PHE A 453 -6.48 9.13 -21.00
C PHE A 453 -7.03 9.05 -22.43
N HIS A 454 -7.83 8.01 -22.72
CA HIS A 454 -8.42 7.87 -24.04
C HIS A 454 -9.41 8.99 -24.36
N ASP A 455 -10.24 9.36 -23.35
CA ASP A 455 -11.19 10.46 -23.55
C ASP A 455 -10.48 11.79 -23.81
N SER A 456 -9.40 12.05 -23.07
CA SER A 456 -8.64 13.28 -23.27
C SER A 456 -7.97 13.32 -24.64
N ASN A 457 -7.51 12.17 -25.15
CA ASN A 457 -6.91 12.14 -26.48
C ASN A 457 -7.92 12.48 -27.58
N VAL A 458 -9.15 11.94 -27.47
CA VAL A 458 -10.18 12.25 -28.45
C VAL A 458 -10.56 13.74 -28.40
N LYS A 459 -10.64 14.31 -27.18
CA LYS A 459 -10.88 15.74 -27.06
C LYS A 459 -9.77 16.58 -27.67
N ASN A 460 -8.51 16.12 -27.54
CA ASN A 460 -7.39 16.86 -28.13
C ASN A 460 -7.46 16.89 -29.65
N LEU A 461 -7.82 15.76 -30.28
CA LEU A 461 -8.01 15.77 -31.74
C LEU A 461 -9.13 16.69 -32.17
N TYR A 462 -10.24 16.71 -31.42
CA TYR A 462 -11.34 17.62 -31.74
C TYR A 462 -10.92 19.08 -31.62
N GLU A 463 -10.15 19.42 -30.59
CA GLU A 463 -9.69 20.80 -30.42
C GLU A 463 -8.71 21.22 -31.52
N LYS A 464 -7.83 20.31 -31.95
CA LYS A 464 -6.90 20.66 -33.03
C LYS A 464 -7.63 20.90 -34.36
N VAL A 465 -8.63 20.06 -34.67
CA VAL A 465 -9.38 20.25 -35.92
C VAL A 465 -10.20 21.54 -35.87
N LYS A 466 -10.81 21.84 -34.70
CA LYS A 466 -11.53 23.09 -34.51
C LYS A 466 -10.62 24.31 -34.68
N ASN A 467 -9.43 24.26 -34.08
CA ASN A 467 -8.52 25.41 -34.10
C ASN A 467 -7.98 25.64 -35.51
N GLN A 468 -7.70 24.57 -36.25
CA GLN A 468 -7.22 24.78 -37.62
C GLN A 468 -8.32 25.25 -38.56
N LEU A 469 -9.55 24.76 -38.38
CA LEU A 469 -10.61 25.19 -39.29
C LEU A 469 -11.08 26.61 -39.01
N ARG A 470 -11.11 27.02 -37.73
CA ARG A 470 -11.66 28.29 -37.27
C ARG A 470 -13.09 28.51 -37.75
N ASN A 471 -13.33 29.56 -38.52
CA ASN A 471 -14.68 29.98 -38.85
C ASN A 471 -15.15 29.52 -40.23
N ASN A 472 -14.36 28.71 -40.93
CA ASN A 472 -14.78 28.26 -42.25
C ASN A 472 -15.83 27.16 -42.18
N ALA A 473 -15.98 26.51 -41.03
CA ALA A 473 -16.87 25.36 -40.90
C ALA A 473 -17.79 25.55 -39.72
N LYS A 474 -18.95 24.89 -39.77
CA LYS A 474 -19.99 25.03 -38.78
C LYS A 474 -20.09 23.75 -37.97
N GLU A 475 -20.12 23.88 -36.64
CA GLU A 475 -20.25 22.72 -35.77
C GLU A 475 -21.71 22.33 -35.65
N LEU A 476 -22.00 21.06 -35.93
CA LEU A 476 -23.34 20.51 -35.77
C LEU A 476 -23.56 19.92 -34.39
N GLY A 477 -22.76 20.33 -33.41
CA GLY A 477 -22.61 19.50 -32.25
C GLY A 477 -21.83 18.26 -32.66
N ASN A 478 -22.02 17.19 -31.89
CA ASN A 478 -21.67 15.79 -32.14
C ASN A 478 -20.32 15.53 -32.83
N GLY A 479 -19.33 16.35 -32.55
CA GLY A 479 -17.97 16.17 -33.08
C GLY A 479 -17.84 16.20 -34.58
N CYS A 480 -18.65 17.01 -35.26
CA CYS A 480 -18.66 17.04 -36.71
C CYS A 480 -18.64 18.48 -37.20
N PHE A 481 -18.13 18.66 -38.41
CA PHE A 481 -18.02 19.97 -39.03
C PHE A 481 -18.66 19.94 -40.41
N GLU A 482 -19.33 21.03 -40.78
CA GLU A 482 -19.86 21.24 -42.11
C GLU A 482 -19.04 22.31 -42.80
N PHE A 483 -18.43 21.96 -43.93
CA PHE A 483 -17.62 22.91 -44.68
C PHE A 483 -18.53 23.85 -45.45
N TYR A 484 -18.26 25.16 -45.32
CA TYR A 484 -18.99 26.13 -46.11
C TYR A 484 -18.54 26.13 -47.55
N HIS A 485 -17.25 25.98 -47.80
CA HIS A 485 -16.71 25.96 -49.15
C HIS A 485 -16.62 24.51 -49.63
N LYS A 486 -15.92 24.30 -50.74
CA LYS A 486 -15.77 22.99 -51.35
C LYS A 486 -14.43 22.39 -50.95
N CYS A 487 -14.45 21.21 -50.35
CA CYS A 487 -13.27 20.56 -49.80
C CYS A 487 -13.13 19.18 -50.43
N ASP A 488 -12.16 19.01 -51.31
CA ASP A 488 -11.91 17.74 -51.98
C ASP A 488 -10.97 16.89 -51.13
N ASN A 489 -10.44 15.80 -51.72
CA ASN A 489 -9.63 14.85 -50.97
C ASN A 489 -8.31 15.46 -50.51
N GLU A 490 -7.67 16.26 -51.35
CA GLU A 490 -6.45 16.96 -50.95
C GLU A 490 -6.72 17.97 -49.85
N CYS A 491 -7.88 18.64 -49.91
CA CYS A 491 -8.31 19.51 -48.82
C CYS A 491 -8.53 18.75 -47.52
N MET A 492 -9.19 17.58 -47.60
CA MET A 492 -9.45 16.78 -46.40
C MET A 492 -8.16 16.30 -45.75
N GLU A 493 -7.22 15.79 -46.54
CA GLU A 493 -5.99 15.34 -45.92
C GLU A 493 -5.02 16.47 -45.63
N SER A 494 -5.27 17.67 -46.15
CA SER A 494 -4.56 18.85 -45.65
C SER A 494 -5.07 19.24 -44.27
N VAL A 495 -6.38 19.10 -44.03
CA VAL A 495 -6.90 19.24 -42.67
C VAL A 495 -6.35 18.14 -41.77
N LYS A 496 -6.20 16.93 -42.31
CA LYS A 496 -5.82 15.77 -41.51
C LYS A 496 -4.37 15.85 -41.05
N ASN A 497 -3.42 16.19 -41.94
CA ASN A 497 -2.03 16.10 -41.49
C ASN A 497 -1.55 17.32 -40.73
N GLY A 498 -2.38 18.36 -40.59
CA GLY A 498 -2.07 19.48 -39.74
C GLY A 498 -1.63 20.76 -40.43
N THR A 499 -1.66 20.82 -41.76
CA THR A 499 -1.26 22.00 -42.52
C THR A 499 -2.45 22.43 -43.36
N TYR A 500 -3.21 23.41 -42.86
CA TYR A 500 -4.40 23.92 -43.53
C TYR A 500 -4.22 25.39 -43.81
N ASP A 501 -4.48 25.80 -45.05
CA ASP A 501 -4.27 27.19 -45.46
C ASP A 501 -5.55 27.98 -45.20
N TYR A 502 -5.50 28.85 -44.19
CA TYR A 502 -6.65 29.71 -43.87
C TYR A 502 -6.99 30.72 -44.98
N PRO A 503 -6.06 31.52 -45.54
CA PRO A 503 -6.51 32.55 -46.49
C PRO A 503 -6.88 32.02 -47.87
N LYS A 504 -6.64 30.75 -48.17
CA LYS A 504 -6.88 30.27 -49.53
C LYS A 504 -8.38 30.11 -49.82
N TYR A 505 -9.13 29.58 -48.85
CA TYR A 505 -10.54 29.25 -49.05
C TYR A 505 -11.47 30.15 -48.25
N SER A 506 -11.05 31.38 -47.96
CA SER A 506 -11.82 32.25 -47.08
C SER A 506 -13.06 32.83 -47.75
N GLU A 507 -12.93 33.28 -49.00
CA GLU A 507 -13.92 34.17 -49.60
C GLU A 507 -15.21 33.46 -49.94
N GLU A 508 -15.12 32.24 -50.47
CA GLU A 508 -16.31 31.45 -50.75
C GLU A 508 -17.05 31.08 -49.47
N SER A 509 -16.29 30.82 -48.40
CA SER A 509 -16.90 30.57 -47.09
C SER A 509 -17.60 31.81 -46.56
N LYS A 510 -17.01 32.99 -46.74
CA LYS A 510 -17.64 34.23 -46.30
C LYS A 510 -18.92 34.51 -47.07
N LEU A 511 -18.89 34.30 -48.39
CA LEU A 511 -20.09 34.50 -49.21
C LEU A 511 -21.19 33.51 -48.85
N ASN A 512 -20.84 32.24 -48.64
CA ASN A 512 -21.85 31.23 -48.31
C ASN A 512 -22.37 31.41 -46.89
N ARG A 513 -21.56 31.95 -46.00
CA ARG A 513 -22.00 32.22 -44.63
C ARG A 513 -22.93 33.43 -44.57
N GLU A 514 -22.59 34.49 -45.31
CA GLU A 514 -23.43 35.69 -45.31
C GLU A 514 -24.70 35.50 -46.13
N LYS A 515 -24.68 34.60 -47.12
CA LYS A 515 -25.87 34.40 -47.95
C LYS A 515 -26.94 33.59 -47.23
N ILE A 516 -26.58 32.94 -46.12
CA ILE A 516 -27.55 32.17 -45.34
C ILE A 516 -28.04 33.02 -44.17
N GLN B 1 2.00 -19.19 -40.49
CA GLN B 1 2.87 -18.04 -40.74
C GLN B 1 2.54 -17.41 -42.09
N VAL B 2 2.50 -16.08 -42.11
CA VAL B 2 2.15 -15.34 -43.32
C VAL B 2 3.36 -15.29 -44.24
N GLN B 3 3.15 -15.69 -45.50
CA GLN B 3 4.20 -15.69 -46.50
C GLN B 3 3.73 -14.91 -47.73
N LEU B 4 4.61 -14.08 -48.26
CA LEU B 4 4.34 -13.28 -49.45
C LEU B 4 5.16 -13.86 -50.60
N GLN B 5 4.52 -14.02 -51.76
CA GLN B 5 5.24 -14.49 -52.94
C GLN B 5 4.80 -13.69 -54.15
N GLU B 6 5.62 -13.73 -55.19
CA GLU B 6 5.43 -12.89 -56.37
C GLU B 6 5.33 -13.72 -57.64
N SER B 7 4.55 -13.22 -58.59
CA SER B 7 4.41 -13.84 -59.91
C SER B 7 4.44 -12.75 -60.97
N GLY B 8 5.12 -13.05 -62.08
CA GLY B 8 5.23 -12.14 -63.19
C GLY B 8 5.84 -12.80 -64.41
N PRO B 9 5.64 -12.19 -65.59
CA PRO B 9 6.20 -12.77 -66.83
C PRO B 9 7.72 -12.70 -66.90
N GLY B 10 8.29 -11.52 -66.69
CA GLY B 10 9.73 -11.36 -66.69
C GLY B 10 10.36 -11.18 -68.05
N LEU B 11 9.59 -11.21 -69.13
CA LEU B 11 10.11 -11.02 -70.48
C LEU B 11 9.40 -9.80 -71.07
N VAL B 12 10.00 -8.63 -70.91
CA VAL B 12 9.40 -7.36 -71.29
C VAL B 12 10.31 -6.64 -72.27
N LYS B 13 9.77 -6.31 -73.44
CA LYS B 13 10.40 -5.48 -74.46
C LYS B 13 10.27 -4.01 -74.10
N PRO B 14 11.12 -3.14 -74.65
CA PRO B 14 10.97 -1.70 -74.41
C PRO B 14 9.67 -1.13 -74.97
N SER B 15 9.20 -0.07 -74.29
CA SER B 15 7.94 0.64 -74.59
C SER B 15 6.73 -0.29 -74.55
N GLN B 16 6.71 -1.21 -73.57
CA GLN B 16 5.54 -2.02 -73.29
C GLN B 16 5.36 -2.15 -71.79
N THR B 17 4.13 -2.46 -71.38
CA THR B 17 3.75 -2.45 -69.98
C THR B 17 4.24 -3.71 -69.27
N LEU B 18 4.07 -3.71 -67.94
CA LEU B 18 4.57 -4.78 -67.10
C LEU B 18 3.63 -4.93 -65.91
N SER B 19 3.34 -6.17 -65.52
CA SER B 19 2.46 -6.42 -64.39
C SER B 19 3.06 -7.48 -63.48
N LEU B 20 2.95 -7.27 -62.17
CA LEU B 20 3.31 -8.27 -61.18
C LEU B 20 2.19 -8.43 -60.16
N THR B 21 2.06 -9.64 -59.64
CA THR B 21 1.07 -9.95 -58.60
C THR B 21 1.78 -10.53 -57.40
N CYS B 22 1.61 -9.89 -56.24
CA CYS B 22 2.06 -10.43 -54.97
C CYS B 22 0.87 -11.03 -54.23
N THR B 23 0.99 -12.30 -53.88
CA THR B 23 -0.06 -13.06 -53.22
C THR B 23 0.38 -13.47 -51.82
N VAL B 24 -0.63 -13.70 -50.99
CA VAL B 24 -0.46 -13.94 -49.55
C VAL B 24 -0.91 -15.36 -49.25
N SER B 25 -0.08 -16.10 -48.51
CA SER B 25 -0.44 -17.43 -48.01
C SER B 25 -0.41 -17.39 -46.50
N GLY B 26 -1.51 -17.83 -45.88
CA GLY B 26 -1.59 -17.82 -44.43
C GLY B 26 -2.77 -17.04 -43.90
N GLY B 27 -2.50 -15.93 -43.22
CA GLY B 27 -3.51 -15.16 -42.52
C GLY B 27 -4.26 -14.13 -43.34
N SER B 28 -4.11 -14.15 -44.67
CA SER B 28 -4.81 -13.30 -45.63
C SER B 28 -4.54 -11.81 -45.43
N ILE B 29 -5.23 -10.96 -46.19
CA ILE B 29 -5.08 -9.52 -46.06
C ILE B 29 -5.82 -9.09 -44.79
N SER B 30 -5.09 -8.59 -43.81
CA SER B 30 -5.64 -8.28 -42.50
C SER B 30 -5.94 -6.79 -42.39
N SER B 31 -7.12 -6.48 -41.86
CA SER B 31 -7.49 -5.06 -41.66
C SER B 31 -6.94 -4.68 -40.30
N GLY B 32 -5.67 -4.33 -40.26
CA GLY B 32 -5.01 -4.00 -39.01
C GLY B 32 -4.00 -2.87 -39.13
N GLY B 33 -3.96 -2.20 -40.27
CA GLY B 33 -3.02 -1.12 -40.41
C GLY B 33 -1.65 -1.54 -40.91
N TYR B 34 -1.58 -2.10 -42.11
CA TYR B 34 -0.33 -2.44 -42.75
C TYR B 34 -0.20 -1.70 -44.07
N TYR B 35 0.96 -1.10 -44.29
CA TYR B 35 1.36 -0.66 -45.63
C TYR B 35 1.59 -1.90 -46.46
N TRP B 36 0.94 -2.00 -47.61
CA TRP B 36 1.25 -3.04 -48.59
C TRP B 36 2.04 -2.36 -49.69
N SER B 37 3.35 -2.62 -49.73
CA SER B 37 4.27 -1.79 -50.48
C SER B 37 5.04 -2.59 -51.50
N TRP B 38 5.46 -1.90 -52.55
CA TRP B 38 6.36 -2.42 -53.56
C TRP B 38 7.64 -1.59 -53.50
N ILE B 39 8.79 -2.29 -53.39
CA ILE B 39 10.11 -1.68 -53.30
C ILE B 39 11.03 -2.42 -54.26
N ARG B 40 11.79 -1.67 -55.06
CA ARG B 40 12.61 -2.25 -56.12
C ARG B 40 14.08 -1.96 -55.91
N GLN B 41 14.92 -2.79 -56.54
CA GLN B 41 16.37 -2.67 -56.46
C GLN B 41 16.97 -3.05 -57.80
N HIS B 42 17.72 -2.15 -58.39
CA HIS B 42 18.42 -2.56 -59.60
C HIS B 42 19.65 -3.39 -59.22
N PRO B 43 19.98 -4.42 -59.99
CA PRO B 43 21.23 -5.17 -59.76
C PRO B 43 22.43 -4.29 -60.05
N GLY B 44 23.17 -3.93 -59.01
CA GLY B 44 24.24 -2.97 -59.14
C GLY B 44 23.87 -1.57 -58.71
N LYS B 45 22.75 -1.39 -58.01
CA LYS B 45 22.34 -0.10 -57.48
C LYS B 45 21.79 -0.30 -56.09
N GLY B 46 21.17 0.76 -55.55
CA GLY B 46 20.57 0.71 -54.23
C GLY B 46 19.09 0.40 -54.27
N LEU B 47 18.50 0.35 -53.07
CA LEU B 47 17.07 0.10 -52.94
C LEU B 47 16.28 1.37 -53.18
N GLU B 48 15.20 1.23 -53.95
CA GLU B 48 14.38 2.36 -54.37
C GLU B 48 12.92 2.05 -54.12
N TRP B 49 12.17 3.07 -53.71
CA TRP B 49 10.77 2.93 -53.33
C TRP B 49 9.87 3.11 -54.53
N ILE B 50 8.94 2.16 -54.74
CA ILE B 50 7.90 2.29 -55.76
C ILE B 50 6.62 2.89 -55.19
N GLY B 51 6.01 2.24 -54.21
CA GLY B 51 4.82 2.84 -53.60
C GLY B 51 4.02 1.87 -52.78
N TYR B 52 3.07 2.41 -51.98
CA TYR B 52 2.21 1.59 -51.07
C TYR B 52 0.70 1.84 -51.17
N ILE B 53 -0.13 0.90 -50.70
CA ILE B 53 -1.63 1.01 -50.70
C ILE B 53 -2.16 0.48 -49.37
N TYR B 54 -3.35 0.90 -48.95
CA TYR B 54 -3.95 0.43 -47.69
C TYR B 54 -5.15 -0.46 -48.03
N TYR B 55 -5.78 -1.11 -47.05
CA TYR B 55 -6.89 -2.06 -47.31
C TYR B 55 -8.02 -1.34 -48.03
N SER B 56 -8.30 -0.11 -47.65
CA SER B 56 -9.44 0.64 -48.22
C SER B 56 -9.28 0.90 -49.71
N GLY B 57 -8.10 1.30 -50.16
CA GLY B 57 -7.95 1.66 -51.56
C GLY B 57 -7.22 2.96 -51.73
N SER B 58 -6.93 3.64 -50.64
CA SER B 58 -6.09 4.86 -50.75
C SER B 58 -4.72 4.45 -51.26
N THR B 59 -4.16 5.20 -52.20
CA THR B 59 -2.86 4.82 -52.79
C THR B 59 -1.89 5.97 -52.64
N TYR B 60 -0.60 5.70 -52.46
CA TYR B 60 0.41 6.77 -52.44
C TYR B 60 1.54 6.33 -53.37
N TYR B 61 2.01 7.19 -54.28
CA TYR B 61 2.99 6.75 -55.29
C TYR B 61 4.23 7.64 -55.27
N ASN B 62 5.37 7.13 -55.73
CA ASN B 62 6.62 7.89 -55.78
C ASN B 62 6.44 9.11 -56.68
N PRO B 63 6.87 10.31 -56.25
CA PRO B 63 6.78 11.48 -57.12
C PRO B 63 7.64 11.40 -58.38
N SER B 64 8.79 10.74 -58.32
CA SER B 64 9.67 10.68 -59.49
C SER B 64 9.16 9.70 -60.54
N LEU B 65 8.60 8.57 -60.09
CA LEU B 65 8.10 7.53 -60.99
C LEU B 65 6.58 7.53 -61.09
N LYS B 66 5.97 8.71 -61.11
CA LYS B 66 4.47 8.82 -61.17
C LYS B 66 3.98 8.81 -62.62
N SER B 67 4.74 8.21 -63.54
CA SER B 67 4.38 8.31 -64.95
C SER B 67 3.24 7.37 -65.31
N ARG B 68 3.47 6.06 -65.20
CA ARG B 68 2.43 5.06 -65.44
C ARG B 68 2.58 3.97 -64.40
N VAL B 69 1.92 4.16 -63.26
CA VAL B 69 1.91 3.21 -62.16
C VAL B 69 0.48 2.95 -61.72
N THR B 70 0.18 1.68 -61.40
CA THR B 70 -1.13 1.32 -60.89
C THR B 70 -0.96 0.25 -59.83
N ILE B 71 -1.63 0.42 -58.69
CA ILE B 71 -1.64 -0.61 -57.66
C ILE B 71 -3.09 -0.96 -57.35
N SER B 72 -3.32 -2.24 -57.04
CA SER B 72 -4.68 -2.69 -56.85
C SER B 72 -4.72 -3.86 -55.89
N VAL B 73 -5.78 -3.93 -55.08
CA VAL B 73 -5.93 -4.95 -54.05
C VAL B 73 -7.20 -5.74 -54.31
N ASP B 74 -7.07 -7.06 -54.42
CA ASP B 74 -8.20 -7.97 -54.46
C ASP B 74 -8.24 -8.71 -53.12
N THR B 75 -9.26 -8.41 -52.32
CA THR B 75 -9.35 -8.95 -50.97
C THR B 75 -9.74 -10.42 -50.97
N SER B 76 -10.69 -10.82 -51.82
CA SER B 76 -11.18 -12.20 -51.82
C SER B 76 -10.14 -13.18 -52.33
N LYS B 77 -9.26 -12.75 -53.23
CA LYS B 77 -8.19 -13.60 -53.73
C LYS B 77 -6.91 -13.46 -52.92
N ASN B 78 -6.88 -12.56 -51.92
CA ASN B 78 -5.70 -12.24 -51.10
C ASN B 78 -4.51 -11.82 -51.95
N GLN B 79 -4.76 -10.93 -52.92
CA GLN B 79 -3.74 -10.53 -53.86
C GLN B 79 -3.63 -9.02 -53.94
N PHE B 80 -2.45 -8.54 -54.35
CA PHE B 80 -2.35 -7.16 -54.81
C PHE B 80 -1.37 -7.14 -55.98
N SER B 81 -1.50 -6.11 -56.80
CA SER B 81 -0.85 -6.10 -58.11
C SER B 81 -0.32 -4.72 -58.44
N LEU B 82 0.77 -4.72 -59.23
CA LEU B 82 1.48 -3.52 -59.63
C LEU B 82 1.63 -3.51 -61.15
N LYS B 83 1.35 -2.35 -61.75
CA LYS B 83 1.35 -2.17 -63.20
C LYS B 83 2.26 -1.00 -63.55
N LEU B 84 3.28 -1.27 -64.34
CA LEU B 84 4.24 -0.30 -64.84
C LEU B 84 4.19 -0.26 -66.36
N SER B 85 4.95 0.66 -66.95
CA SER B 85 5.01 0.79 -68.40
C SER B 85 6.34 1.38 -68.81
N SER B 86 6.65 1.22 -70.11
CA SER B 86 7.89 1.70 -70.75
C SER B 86 9.13 1.16 -70.05
N VAL B 87 9.16 -0.16 -69.87
CA VAL B 87 10.21 -0.81 -69.10
C VAL B 87 11.48 -0.90 -69.96
N THR B 88 12.48 -0.11 -69.62
CA THR B 88 13.77 -0.09 -70.29
C THR B 88 14.78 -0.81 -69.41
N ALA B 89 16.05 -0.77 -69.82
CA ALA B 89 17.12 -1.47 -69.11
C ALA B 89 17.36 -0.92 -67.71
N ALA B 90 17.04 0.35 -67.46
CA ALA B 90 17.11 0.88 -66.09
C ALA B 90 16.00 0.30 -65.23
N ASP B 91 14.86 -0.04 -65.85
CA ASP B 91 13.73 -0.57 -65.11
C ASP B 91 13.81 -2.09 -64.93
N THR B 92 14.70 -2.76 -65.63
CA THR B 92 14.89 -4.20 -65.45
C THR B 92 15.63 -4.44 -64.15
N ALA B 93 14.96 -5.03 -63.16
CA ALA B 93 15.45 -4.98 -61.79
C ALA B 93 14.77 -6.06 -60.97
N VAL B 94 15.04 -6.05 -59.66
CA VAL B 94 14.44 -6.99 -58.73
C VAL B 94 13.33 -6.26 -57.98
N TYR B 95 12.16 -6.88 -57.91
CA TYR B 95 11.02 -6.32 -57.22
C TYR B 95 10.72 -7.12 -55.97
N TYR B 96 10.33 -6.41 -54.90
CA TYR B 96 9.96 -7.01 -53.62
C TYR B 96 8.62 -6.43 -53.18
N CYS B 97 7.75 -7.31 -52.69
CA CYS B 97 6.50 -6.90 -52.06
C CYS B 97 6.61 -7.08 -50.55
N ALA B 98 6.14 -6.08 -49.80
CA ALA B 98 6.38 -6.04 -48.37
C ALA B 98 5.11 -5.64 -47.63
N ARG B 99 5.04 -6.06 -46.37
CA ARG B 99 3.94 -5.77 -45.46
C ARG B 99 4.53 -5.05 -44.26
N VAL B 100 4.54 -3.72 -44.30
CA VAL B 100 5.14 -2.93 -43.23
C VAL B 100 4.06 -2.56 -42.22
N PRO B 101 4.22 -2.86 -40.93
CA PRO B 101 3.20 -2.47 -39.97
C PRO B 101 3.21 -0.96 -39.71
N PHE B 102 2.03 -0.45 -39.33
CA PHE B 102 1.90 0.97 -39.01
C PHE B 102 2.62 1.30 -37.71
N TYR B 103 2.31 0.53 -36.68
CA TYR B 103 2.80 0.86 -35.32
C TYR B 103 3.86 -0.12 -34.84
N TYR B 104 4.68 0.30 -33.89
CA TYR B 104 5.65 -0.62 -33.28
C TYR B 104 5.07 -1.07 -31.94
N ASP B 105 4.69 -2.34 -31.84
CA ASP B 105 4.07 -2.87 -30.61
C ASP B 105 4.90 -4.07 -30.19
N SER B 106 5.97 -3.87 -29.44
CA SER B 106 6.89 -4.98 -29.06
C SER B 106 6.23 -6.01 -28.14
N SER B 107 5.42 -5.58 -27.18
CA SER B 107 4.87 -6.53 -26.19
C SER B 107 3.52 -7.13 -26.58
N GLY B 108 2.98 -6.77 -27.74
CA GLY B 108 1.74 -7.41 -28.23
C GLY B 108 0.44 -6.78 -27.79
N TYR B 109 0.46 -5.55 -27.29
CA TYR B 109 -0.75 -4.87 -26.75
C TYR B 109 -1.79 -4.48 -27.82
N TYR B 110 -1.37 -4.04 -29.02
CA TYR B 110 -2.31 -3.65 -30.10
C TYR B 110 -2.62 -4.85 -30.97
N TYR B 111 -1.69 -5.29 -31.84
CA TYR B 111 -1.90 -6.48 -32.69
C TYR B 111 -1.77 -7.66 -31.74
N GLY B 112 -2.78 -8.51 -31.60
CA GLY B 112 -2.77 -9.59 -30.59
C GLY B 112 -1.77 -10.72 -30.74
N ASN B 113 -1.65 -11.34 -31.90
CA ASN B 113 -0.61 -12.38 -32.14
C ASN B 113 0.72 -11.66 -32.28
N ALA B 114 1.83 -12.30 -31.92
CA ALA B 114 3.12 -11.58 -31.97
C ALA B 114 3.76 -11.74 -33.34
N ASP B 115 3.15 -12.54 -34.21
CA ASP B 115 3.65 -12.64 -35.61
C ASP B 115 3.02 -11.52 -36.44
N ASP B 116 2.04 -10.82 -35.88
CA ASP B 116 1.32 -9.77 -36.64
C ASP B 116 2.08 -8.45 -36.55
N ALA B 117 3.21 -8.40 -35.85
CA ALA B 117 4.07 -7.24 -35.73
C ALA B 117 5.41 -7.45 -36.43
N PHE B 118 5.42 -8.22 -37.50
CA PHE B 118 6.64 -8.53 -38.24
C PHE B 118 6.58 -7.92 -39.63
N ASP B 119 7.69 -7.33 -40.07
CA ASP B 119 7.81 -6.76 -41.40
C ASP B 119 8.18 -7.88 -42.37
N ILE B 120 7.16 -8.65 -42.75
CA ILE B 120 7.36 -9.80 -43.62
C ILE B 120 7.57 -9.30 -45.05
N TRP B 121 8.66 -9.75 -45.67
CA TRP B 121 9.03 -9.32 -47.01
C TRP B 121 8.84 -10.45 -48.00
N GLY B 122 8.87 -10.08 -49.28
CA GLY B 122 8.77 -11.07 -50.34
C GLY B 122 10.11 -11.65 -50.72
N GLN B 123 10.04 -12.73 -51.50
CA GLN B 123 11.27 -13.40 -51.93
C GLN B 123 12.04 -12.56 -52.93
N GLY B 124 11.35 -11.90 -53.85
CA GLY B 124 12.00 -11.07 -54.84
C GLY B 124 11.99 -11.69 -56.22
N THR B 125 11.66 -10.89 -57.23
CA THR B 125 11.56 -11.38 -58.60
C THR B 125 12.43 -10.53 -59.50
N MET B 126 13.34 -11.18 -60.23
CA MET B 126 14.12 -10.52 -61.28
C MET B 126 13.26 -10.39 -62.53
N VAL B 127 13.12 -9.16 -63.02
CA VAL B 127 12.33 -8.87 -64.22
C VAL B 127 13.26 -8.20 -65.21
N THR B 128 13.39 -8.79 -66.39
CA THR B 128 14.25 -8.24 -67.43
C THR B 128 13.45 -7.95 -68.70
N ASP C 1 10.82 15.24 -50.51
CA ASP C 1 12.06 15.13 -51.28
C ASP C 1 13.27 15.10 -50.35
N ILE C 2 13.07 14.58 -49.14
CA ILE C 2 14.13 14.52 -48.15
C ILE C 2 15.10 13.41 -48.52
N GLN C 3 16.39 13.72 -48.47
CA GLN C 3 17.45 12.80 -48.86
C GLN C 3 18.29 12.39 -47.65
N MET C 4 18.67 11.13 -47.61
CA MET C 4 19.50 10.58 -46.55
C MET C 4 20.96 10.65 -46.96
N THR C 5 21.86 10.55 -45.98
CA THR C 5 23.24 10.27 -46.30
C THR C 5 23.85 9.33 -45.26
N GLN C 6 24.76 8.50 -45.72
CA GLN C 6 25.46 7.53 -44.87
C GLN C 6 26.95 7.62 -45.13
N SER C 7 27.74 7.40 -44.08
CA SER C 7 29.20 7.47 -44.19
C SER C 7 29.82 6.65 -43.07
N PRO C 8 30.89 5.89 -43.35
CA PRO C 8 31.50 5.67 -44.67
C PRO C 8 30.85 4.52 -45.41
N SER C 9 31.09 4.43 -46.73
CA SER C 9 30.45 3.39 -47.53
C SER C 9 31.05 2.02 -47.27
N SER C 10 32.28 1.95 -46.79
CA SER C 10 32.96 0.69 -46.52
C SER C 10 33.44 0.66 -45.08
N LEU C 11 33.19 -0.44 -44.39
CA LEU C 11 33.67 -0.65 -43.03
C LEU C 11 34.42 -1.97 -42.98
N SER C 12 35.64 -1.94 -42.45
CA SER C 12 36.47 -3.13 -42.31
C SER C 12 36.94 -3.25 -40.87
N ALA C 13 36.66 -4.39 -40.26
CA ALA C 13 37.08 -4.66 -38.89
C ALA C 13 37.15 -6.16 -38.68
N SER C 14 37.86 -6.55 -37.62
CA SER C 14 37.99 -7.95 -37.26
C SER C 14 36.83 -8.38 -36.38
N VAL C 15 36.86 -9.65 -35.95
CA VAL C 15 35.79 -10.21 -35.15
C VAL C 15 35.93 -9.72 -33.72
N GLY C 16 34.83 -9.21 -33.15
CA GLY C 16 34.83 -8.68 -31.81
C GLY C 16 34.96 -7.17 -31.71
N ASP C 17 34.90 -6.46 -32.83
CA ASP C 17 35.08 -5.02 -32.84
C ASP C 17 33.73 -4.31 -32.83
N ARG C 18 33.70 -3.14 -32.19
CA ARG C 18 32.50 -2.33 -32.16
C ARG C 18 32.43 -1.45 -33.41
N VAL C 19 31.26 -1.40 -34.04
CA VAL C 19 31.06 -0.64 -35.26
C VAL C 19 29.94 0.37 -35.02
N THR C 20 30.24 1.65 -35.21
CA THR C 20 29.26 2.72 -35.08
C THR C 20 29.05 3.35 -36.44
N ILE C 21 27.79 3.41 -36.88
CA ILE C 21 27.46 3.82 -38.25
C ILE C 21 26.35 4.87 -38.18
N THR C 22 26.42 5.86 -39.07
CA THR C 22 25.59 7.05 -38.97
C THR C 22 24.70 7.20 -40.21
N CYS C 23 23.47 7.65 -39.96
CA CYS C 23 22.56 8.08 -41.01
C CYS C 23 22.13 9.50 -40.67
N ARG C 24 22.31 10.42 -41.62
CA ARG C 24 22.13 11.84 -41.40
C ARG C 24 21.08 12.40 -42.36
N ALA C 25 20.18 13.22 -41.82
CA ALA C 25 19.10 13.85 -42.57
C ALA C 25 19.17 15.35 -42.39
N SER C 26 18.80 16.07 -43.45
CA SER C 26 18.81 17.53 -43.38
C SER C 26 17.65 18.07 -42.56
N GLN C 27 16.45 17.52 -42.77
CA GLN C 27 15.27 18.04 -42.10
C GLN C 27 15.17 17.49 -40.69
N GLY C 28 14.24 18.08 -39.91
CA GLY C 28 14.03 17.68 -38.53
C GLY C 28 13.12 16.47 -38.39
N ILE C 29 13.63 15.29 -38.79
CA ILE C 29 12.83 14.02 -38.75
C ILE C 29 12.76 13.51 -37.33
N ARG C 30 11.55 13.44 -36.76
CA ARG C 30 11.43 13.03 -35.35
C ARG C 30 11.41 11.51 -35.23
N ASN C 31 12.54 10.86 -34.98
CA ASN C 31 12.56 9.40 -34.70
C ASN C 31 11.70 8.62 -35.69
N ASP C 32 11.94 8.79 -36.98
CA ASP C 32 11.19 7.97 -37.96
C ASP C 32 12.23 7.29 -38.85
N LEU C 33 13.00 6.37 -38.29
CA LEU C 33 14.08 5.71 -39.08
C LEU C 33 14.18 4.23 -38.73
N GLY C 34 14.33 3.37 -39.72
CA GLY C 34 14.45 1.92 -39.54
C GLY C 34 15.66 1.38 -40.25
N TRP C 35 16.26 0.36 -39.65
CA TRP C 35 17.50 -0.23 -40.15
C TRP C 35 17.23 -1.58 -40.80
N TYR C 36 17.63 -1.71 -42.06
CA TYR C 36 17.46 -2.94 -42.81
C TYR C 36 18.81 -3.58 -43.08
N GLN C 37 18.86 -4.90 -42.94
CA GLN C 37 20.05 -5.70 -43.16
C GLN C 37 19.81 -6.61 -44.37
N GLN C 38 20.66 -6.52 -45.38
CA GLN C 38 20.49 -7.27 -46.61
C GLN C 38 21.66 -8.22 -46.82
N LYS C 39 21.36 -9.51 -46.85
CA LYS C 39 22.30 -10.51 -47.32
C LYS C 39 22.43 -10.42 -48.84
N PRO C 40 23.56 -10.87 -49.40
CA PRO C 40 23.71 -10.83 -50.86
C PRO C 40 22.75 -11.79 -51.55
N GLY C 41 21.96 -11.24 -52.47
CA GLY C 41 20.95 -12.00 -53.20
C GLY C 41 19.79 -12.49 -52.37
N LYS C 42 19.32 -11.67 -51.42
CA LYS C 42 18.29 -12.09 -50.50
C LYS C 42 17.52 -10.86 -50.03
N ALA C 43 16.30 -11.08 -49.54
CA ALA C 43 15.44 -9.99 -49.10
C ALA C 43 15.97 -9.35 -47.82
N PRO C 44 15.74 -8.06 -47.62
CA PRO C 44 16.13 -7.41 -46.38
C PRO C 44 15.28 -7.85 -45.20
N LYS C 45 15.76 -7.56 -44.00
CA LYS C 45 15.04 -7.82 -42.76
C LYS C 45 15.13 -6.60 -41.86
N ARG C 46 14.04 -6.29 -41.18
CA ARG C 46 14.00 -5.17 -40.25
C ARG C 46 14.80 -5.50 -38.99
N LEU C 47 15.52 -4.50 -38.47
CA LEU C 47 16.24 -4.63 -37.22
C LEU C 47 15.71 -3.70 -36.14
N ILE C 48 15.59 -2.40 -36.43
CA ILE C 48 15.20 -1.40 -35.44
C ILE C 48 13.93 -0.71 -35.93
N TYR C 49 12.95 -0.60 -35.06
CA TYR C 49 11.73 0.17 -35.30
C TYR C 49 11.85 1.54 -34.66
N ALA C 50 11.68 2.58 -35.46
CA ALA C 50 11.62 3.99 -35.02
C ALA C 50 12.86 4.43 -34.27
N ALA C 51 14.03 3.93 -34.70
CA ALA C 51 15.39 4.33 -34.35
C ALA C 51 15.81 4.00 -32.92
N SER C 52 14.91 3.50 -32.07
CA SER C 52 15.30 3.15 -30.71
C SER C 52 14.66 1.88 -30.17
N SER C 53 13.85 1.17 -30.96
CA SER C 53 13.16 -0.02 -30.49
C SER C 53 13.52 -1.19 -31.38
N LEU C 54 14.07 -2.22 -30.74
CA LEU C 54 14.48 -3.46 -31.43
C LEU C 54 13.24 -4.30 -31.73
N GLN C 55 13.22 -4.99 -32.86
CA GLN C 55 12.17 -5.94 -33.16
C GLN C 55 12.39 -7.20 -32.33
N SER C 56 11.30 -7.92 -32.07
CA SER C 56 11.39 -9.15 -31.28
C SER C 56 12.10 -10.24 -32.08
N GLY C 57 13.09 -10.87 -31.44
CA GLY C 57 13.94 -11.84 -32.10
C GLY C 57 15.31 -11.31 -32.48
N VAL C 58 15.50 -10.00 -32.48
CA VAL C 58 16.80 -9.41 -32.81
C VAL C 58 17.76 -9.64 -31.63
N PRO C 59 18.98 -10.11 -31.88
CA PRO C 59 19.94 -10.27 -30.78
C PRO C 59 20.37 -8.95 -30.17
N SER C 60 20.80 -9.02 -28.91
CA SER C 60 21.06 -7.83 -28.12
C SER C 60 22.35 -7.12 -28.49
N ARG C 61 23.16 -7.69 -29.38
CA ARG C 61 24.39 -7.02 -29.82
C ARG C 61 24.09 -5.79 -30.70
N PHE C 62 22.90 -5.72 -31.27
CA PHE C 62 22.50 -4.58 -32.09
C PHE C 62 21.85 -3.53 -31.21
N SER C 63 22.28 -2.28 -31.34
CA SER C 63 21.66 -1.19 -30.61
C SER C 63 21.56 0.04 -31.50
N GLY C 64 20.64 0.92 -31.18
CA GLY C 64 20.44 2.13 -31.96
C GLY C 64 20.16 3.31 -31.06
N SER C 65 20.57 4.48 -31.52
CA SER C 65 20.30 5.72 -30.82
C SER C 65 20.24 6.85 -31.83
N GLY C 66 19.99 8.06 -31.34
CA GLY C 66 19.99 9.21 -32.21
C GLY C 66 18.60 9.82 -32.33
N SER C 67 18.60 11.10 -32.73
CA SER C 67 17.37 11.88 -32.77
C SER C 67 17.61 13.11 -33.64
N GLY C 68 16.52 13.58 -34.24
CA GLY C 68 16.60 14.81 -35.02
C GLY C 68 17.29 14.58 -36.35
N THR C 69 18.38 15.31 -36.58
CA THR C 69 19.08 15.24 -37.87
C THR C 69 19.93 13.98 -38.01
N GLU C 70 20.48 13.46 -36.91
CA GLU C 70 21.42 12.35 -36.99
C GLU C 70 20.92 11.15 -36.19
N PHE C 71 21.27 9.96 -36.66
CA PHE C 71 20.98 8.71 -35.97
C PHE C 71 22.17 7.78 -36.13
N THR C 72 22.36 6.91 -35.14
CA THR C 72 23.50 5.99 -35.12
C THR C 72 23.06 4.59 -34.77
N LEU C 73 23.76 3.62 -35.35
CA LEU C 73 23.58 2.20 -35.04
C LEU C 73 24.92 1.63 -34.58
N THR C 74 24.89 0.83 -33.52
CA THR C 74 26.08 0.29 -32.90
C THR C 74 26.00 -1.24 -32.85
N ILE C 75 27.07 -1.89 -33.29
CA ILE C 75 27.23 -3.33 -33.20
C ILE C 75 28.37 -3.59 -32.22
N SER C 76 28.08 -4.34 -31.16
CA SER C 76 29.07 -4.57 -30.11
C SER C 76 30.13 -5.58 -30.55
N SER C 77 29.73 -6.67 -31.20
CA SER C 77 30.68 -7.72 -31.58
C SER C 77 30.25 -8.33 -32.90
N LEU C 78 31.20 -8.55 -33.79
CA LEU C 78 30.92 -9.13 -35.09
C LEU C 78 30.99 -10.65 -35.04
N GLN C 79 30.46 -11.26 -36.10
CA GLN C 79 30.48 -12.69 -36.35
C GLN C 79 30.65 -12.89 -37.84
N PRO C 80 31.07 -14.09 -38.27
CA PRO C 80 31.17 -14.35 -39.72
C PRO C 80 29.85 -14.30 -40.48
N GLU C 81 28.71 -14.43 -39.80
CA GLU C 81 27.41 -14.33 -40.46
C GLU C 81 26.87 -12.90 -40.51
N ASP C 82 27.70 -11.91 -40.17
CA ASP C 82 27.28 -10.51 -40.19
C ASP C 82 27.72 -9.78 -41.45
N PHE C 83 28.15 -10.51 -42.48
CA PHE C 83 28.47 -9.90 -43.77
C PHE C 83 27.18 -9.55 -44.49
N ALA C 84 26.87 -8.25 -44.57
CA ALA C 84 25.61 -7.81 -45.14
C ALA C 84 25.79 -6.36 -45.62
N THR C 85 24.67 -5.72 -45.95
CA THR C 85 24.65 -4.30 -46.28
C THR C 85 23.50 -3.66 -45.52
N TYR C 86 23.74 -2.51 -44.92
CA TYR C 86 22.80 -1.88 -44.01
C TYR C 86 22.25 -0.58 -44.60
N TYR C 87 20.93 -0.44 -44.51
CA TYR C 87 20.24 0.73 -45.05
C TYR C 87 19.40 1.38 -43.96
N CYS C 88 19.22 2.70 -44.07
CA CYS C 88 18.34 3.44 -43.20
C CYS C 88 17.16 3.97 -44.02
N LEU C 89 15.96 3.67 -43.54
CA LEU C 89 14.71 4.04 -44.21
C LEU C 89 13.96 5.04 -43.34
N GLN C 90 13.57 6.15 -43.93
CA GLN C 90 12.78 7.16 -43.24
C GLN C 90 11.31 7.08 -43.66
N HIS C 91 10.42 7.37 -42.72
CA HIS C 91 9.00 7.45 -43.01
C HIS C 91 8.35 8.63 -42.28
N ASN C 92 8.99 9.80 -42.33
CA ASN C 92 8.39 11.00 -41.73
C ASN C 92 7.24 11.50 -42.58
N SER C 93 7.51 11.87 -43.82
CA SER C 93 6.45 12.26 -44.74
C SER C 93 5.87 11.02 -45.41
N TYR C 94 4.97 11.25 -46.36
CA TYR C 94 4.45 10.13 -47.14
C TYR C 94 5.47 9.59 -48.12
N GLN C 95 6.49 10.37 -48.47
CA GLN C 95 7.56 9.93 -49.34
C GLN C 95 8.55 9.08 -48.55
N TRP C 96 8.98 7.95 -49.13
CA TRP C 96 9.93 7.06 -48.51
C TRP C 96 11.24 7.11 -49.28
N THR C 97 12.34 7.37 -48.57
CA THR C 97 13.67 7.40 -49.18
C THR C 97 14.62 6.57 -48.33
N PHE C 98 15.51 5.84 -49.00
CA PHE C 98 16.43 4.91 -48.36
C PHE C 98 17.82 5.52 -48.27
N GLY C 99 18.74 4.75 -47.69
CA GLY C 99 20.14 5.11 -47.71
C GLY C 99 20.84 4.61 -48.96
N GLN C 100 22.01 5.19 -49.22
CA GLN C 100 22.76 4.82 -50.42
C GLN C 100 23.38 3.44 -50.29
N GLY C 101 23.88 3.10 -49.11
CA GLY C 101 24.41 1.77 -48.85
C GLY C 101 25.77 1.80 -48.17
N THR C 102 25.95 0.89 -47.22
CA THR C 102 27.20 0.76 -46.47
C THR C 102 27.57 -0.71 -46.40
N LYS C 103 28.62 -1.10 -47.12
CA LYS C 103 29.08 -2.48 -47.09
C LYS C 103 30.04 -2.70 -45.93
N VAL C 104 29.87 -3.82 -45.23
CA VAL C 104 30.71 -4.17 -44.09
C VAL C 104 31.57 -5.36 -44.47
N GLU C 105 32.86 -5.29 -44.12
CA GLU C 105 33.80 -6.36 -44.43
C GLU C 105 34.87 -6.49 -43.34
N ASP D 18 -35.26 37.07 -19.34
CA ASP D 18 -35.24 35.68 -19.74
C ASP D 18 -33.83 35.10 -19.62
N THR D 19 -33.50 34.55 -18.45
CA THR D 19 -32.20 33.98 -18.17
C THR D 19 -32.35 32.54 -17.66
N ILE D 20 -31.29 31.75 -17.85
CA ILE D 20 -31.17 30.45 -17.21
C ILE D 20 -29.72 30.28 -16.75
N CYS D 21 -29.56 29.80 -15.52
CA CYS D 21 -28.24 29.66 -14.91
C CYS D 21 -28.04 28.24 -14.41
N ILE D 22 -26.79 27.86 -14.23
CA ILE D 22 -26.41 26.53 -13.77
C ILE D 22 -25.52 26.68 -12.55
N GLY D 23 -25.89 26.02 -11.45
CA GLY D 23 -25.13 26.09 -10.23
C GLY D 23 -25.28 24.81 -9.43
N TYR D 24 -24.78 24.84 -8.20
CA TYR D 24 -24.85 23.69 -7.31
C TYR D 24 -25.42 24.11 -5.96
N HIS D 25 -25.35 23.19 -5.00
CA HIS D 25 -26.13 23.25 -3.77
C HIS D 25 -25.22 23.46 -2.56
N ALA D 26 -25.65 24.32 -1.66
CA ALA D 26 -24.90 24.66 -0.46
C ALA D 26 -25.83 24.65 0.75
N ASN D 27 -25.24 24.45 1.93
CA ASN D 27 -26.00 24.45 3.17
C ASN D 27 -25.11 25.01 4.28
N ASN D 28 -25.52 24.79 5.53
CA ASN D 28 -24.87 25.38 6.69
C ASN D 28 -23.99 24.38 7.44
N SER D 29 -23.56 23.31 6.79
CA SER D 29 -22.79 22.28 7.46
C SER D 29 -21.38 22.77 7.77
N THR D 30 -20.81 22.23 8.85
CA THR D 30 -19.48 22.60 9.31
C THR D 30 -18.52 21.41 9.32
N ASP D 31 -18.80 20.38 8.52
CA ASP D 31 -17.91 19.23 8.45
C ASP D 31 -16.67 19.56 7.63
N THR D 32 -15.50 19.15 8.12
CA THR D 32 -14.24 19.45 7.48
C THR D 32 -13.50 18.15 7.14
N VAL D 33 -12.89 18.13 5.97
CA VAL D 33 -12.11 16.99 5.49
C VAL D 33 -10.72 17.47 5.11
N ASP D 34 -9.84 16.51 4.80
CA ASP D 34 -8.47 16.78 4.40
C ASP D 34 -8.22 16.29 2.98
N THR D 35 -7.44 17.05 2.22
CA THR D 35 -7.02 16.73 0.86
C THR D 35 -5.50 16.85 0.78
N VAL D 36 -4.98 16.81 -0.45
CA VAL D 36 -3.52 16.85 -0.62
C VAL D 36 -3.02 18.29 -0.81
N CYS D 37 -3.85 19.20 -1.31
CA CYS D 37 -3.51 20.61 -1.23
C CYS D 37 -3.94 21.22 0.09
N GLU D 38 -5.23 21.18 0.39
CA GLU D 38 -5.79 21.99 1.46
C GLU D 38 -6.25 21.10 2.60
N LYS D 39 -5.98 21.59 3.79
CA LYS D 39 -6.48 20.89 4.96
C LYS D 39 -7.67 21.69 5.48
N ASN D 40 -8.56 21.08 6.24
CA ASN D 40 -9.78 21.67 6.81
C ASN D 40 -10.66 22.32 5.74
N VAL D 41 -11.16 21.47 4.85
CA VAL D 41 -12.05 21.90 3.78
C VAL D 41 -13.49 21.59 4.17
N THR D 42 -14.35 22.60 4.12
CA THR D 42 -15.74 22.44 4.51
C THR D 42 -16.54 21.77 3.41
N VAL D 43 -17.30 20.73 3.77
CA VAL D 43 -18.09 19.97 2.82
C VAL D 43 -19.54 19.94 3.27
N THR D 44 -20.44 19.75 2.31
CA THR D 44 -21.86 19.69 2.61
C THR D 44 -22.23 18.38 3.31
N HIS D 45 -21.72 17.26 2.81
CA HIS D 45 -22.02 15.95 3.37
C HIS D 45 -20.74 15.13 3.49
N SER D 46 -20.66 14.31 4.53
CA SER D 46 -19.53 13.44 4.75
C SER D 46 -19.98 12.23 5.55
N VAL D 47 -19.17 11.17 5.51
CA VAL D 47 -19.44 9.96 6.29
C VAL D 47 -18.22 9.65 7.14
N ASN D 48 -18.46 9.02 8.28
CA ASN D 48 -17.42 8.69 9.25
C ASN D 48 -17.14 7.19 9.20
N LEU D 49 -15.85 6.84 9.17
CA LEU D 49 -15.44 5.44 9.10
C LEU D 49 -14.60 5.02 10.30
N LEU D 50 -14.75 5.67 11.45
CA LEU D 50 -13.97 5.36 12.64
C LEU D 50 -14.87 5.36 13.85
N GLU D 51 -14.73 4.34 14.70
CA GLU D 51 -15.50 4.23 15.93
C GLU D 51 -14.64 4.54 17.13
N ASP D 52 -15.17 5.38 18.04
CA ASP D 52 -14.45 5.75 19.25
C ASP D 52 -15.31 5.64 20.51
N SER D 53 -16.37 4.84 20.48
CA SER D 53 -17.26 4.70 21.62
C SER D 53 -17.42 3.23 21.99
N HIS D 54 -17.44 2.96 23.29
CA HIS D 54 -17.66 1.62 23.81
C HIS D 54 -18.54 1.70 25.06
N ASN D 55 -19.16 0.56 25.39
CA ASN D 55 -20.04 0.49 26.56
C ASN D 55 -19.25 0.68 27.86
N GLY D 56 -18.07 0.08 27.95
CA GLY D 56 -17.34 0.07 29.19
C GLY D 56 -17.64 -1.11 30.09
N LYS D 57 -18.29 -2.14 29.58
CA LYS D 57 -18.68 -3.32 30.34
C LYS D 57 -18.43 -4.59 29.53
N LEU D 58 -17.87 -5.61 30.17
CA LEU D 58 -17.92 -6.94 29.58
C LEU D 58 -19.34 -7.49 29.63
N CYS D 59 -19.68 -8.24 28.59
CA CYS D 59 -21.02 -8.78 28.44
C CYS D 59 -21.03 -9.97 27.49
N ARG D 60 -22.23 -10.36 27.04
CA ARG D 60 -22.41 -11.59 26.27
C ARG D 60 -21.79 -11.49 24.89
N LEU D 61 -21.61 -12.64 24.25
CA LEU D 61 -21.14 -12.71 22.88
C LEU D 61 -21.84 -13.92 22.25
N LYS D 62 -22.78 -13.64 21.35
CA LYS D 62 -23.59 -14.65 20.65
C LYS D 62 -24.34 -15.57 21.62
N GLY D 63 -24.85 -15.00 22.70
CA GLY D 63 -25.70 -15.73 23.61
C GLY D 63 -25.00 -16.62 24.60
N LYS D 64 -23.68 -16.56 24.70
CA LYS D 64 -22.93 -17.38 25.66
C LYS D 64 -22.17 -16.48 26.61
N ALA D 65 -22.37 -16.68 27.90
CA ALA D 65 -21.72 -15.89 28.93
C ALA D 65 -20.23 -16.26 29.04
N PRO D 66 -19.38 -15.28 29.32
CA PRO D 66 -17.95 -15.59 29.49
C PRO D 66 -17.67 -16.27 30.82
N LEU D 67 -16.48 -16.83 30.91
CA LEU D 67 -15.96 -17.44 32.14
C LEU D 67 -15.11 -16.40 32.86
N GLN D 68 -15.64 -15.83 33.93
CA GLN D 68 -14.90 -14.87 34.73
C GLN D 68 -14.03 -15.63 35.72
N LEU D 69 -12.72 -15.45 35.60
CA LEU D 69 -11.80 -16.10 36.53
C LEU D 69 -11.81 -15.45 37.91
N GLY D 70 -12.12 -14.17 38.00
CA GLY D 70 -12.16 -13.52 39.29
C GLY D 70 -10.76 -13.28 39.82
N ASN D 71 -10.50 -13.76 41.03
CA ASN D 71 -9.21 -13.62 41.67
C ASN D 71 -8.24 -14.77 41.38
N CYS D 72 -8.64 -15.73 40.55
CA CYS D 72 -7.81 -16.86 40.20
C CYS D 72 -7.14 -16.64 38.86
N ASN D 73 -5.92 -17.15 38.73
CA ASN D 73 -5.29 -17.26 37.43
C ASN D 73 -5.55 -18.66 36.88
N ILE D 74 -4.87 -19.03 35.79
CA ILE D 74 -5.12 -20.31 35.14
C ILE D 74 -4.62 -21.46 36.02
N ALA D 75 -3.51 -21.27 36.72
CA ALA D 75 -2.96 -22.31 37.60
C ALA D 75 -3.92 -22.67 38.73
N GLY D 76 -4.54 -21.67 39.35
CA GLY D 76 -5.50 -21.94 40.41
C GLY D 76 -6.77 -22.60 39.91
N TRP D 77 -7.14 -22.39 38.66
CA TRP D 77 -8.32 -23.03 38.11
C TRP D 77 -8.01 -24.48 37.73
N VAL D 78 -6.85 -24.73 37.12
CA VAL D 78 -6.58 -26.10 36.67
C VAL D 78 -6.10 -26.98 37.82
N LEU D 79 -5.48 -26.39 38.84
CA LEU D 79 -4.99 -27.19 39.96
C LEU D 79 -6.06 -27.37 41.02
N GLY D 80 -7.04 -26.48 41.08
CA GLY D 80 -8.06 -26.55 42.10
C GLY D 80 -7.65 -25.84 43.37
N ASN D 81 -7.35 -24.55 43.25
CA ASN D 81 -7.04 -23.73 44.42
C ASN D 81 -8.27 -23.65 45.32
N PRO D 82 -8.10 -23.69 46.65
CA PRO D 82 -9.26 -23.71 47.56
C PRO D 82 -10.12 -22.46 47.52
N GLU D 83 -9.59 -21.34 47.06
CA GLU D 83 -10.36 -20.11 46.89
C GLU D 83 -11.02 -20.03 45.53
N CYS D 84 -10.97 -21.10 44.74
CA CYS D 84 -11.50 -21.12 43.38
C CYS D 84 -12.48 -22.28 43.23
N GLU D 85 -13.30 -22.50 44.26
CA GLU D 85 -14.21 -23.65 44.27
C GLU D 85 -15.37 -23.45 43.31
N SER D 86 -15.80 -22.21 43.09
CA SER D 86 -16.94 -21.94 42.23
C SER D 86 -16.65 -22.18 40.75
N LEU D 87 -15.38 -22.27 40.38
CA LEU D 87 -15.00 -22.45 38.98
C LEU D 87 -14.94 -23.91 38.57
N LEU D 88 -15.12 -24.85 39.50
CA LEU D 88 -15.08 -26.28 39.21
C LEU D 88 -16.50 -26.82 39.14
N SER D 89 -17.14 -26.57 38.01
CA SER D 89 -18.47 -27.08 37.71
C SER D 89 -18.58 -27.17 36.19
N ASN D 90 -19.12 -28.31 35.77
CA ASN D 90 -19.18 -28.57 34.32
C ASN D 90 -19.91 -27.39 33.70
N ARG D 91 -19.38 -26.83 32.62
CA ARG D 91 -19.98 -25.64 32.04
C ARG D 91 -19.43 -25.43 30.63
N SER D 92 -19.78 -24.28 30.05
CA SER D 92 -19.32 -23.88 28.72
C SER D 92 -19.30 -22.35 28.68
N TRP D 93 -18.55 -21.81 27.71
CA TRP D 93 -18.36 -20.36 27.66
C TRP D 93 -18.08 -19.93 26.22
N SER D 94 -17.94 -18.62 26.04
CA SER D 94 -17.49 -18.04 24.78
C SER D 94 -16.07 -17.50 24.87
N TYR D 95 -15.68 -16.90 25.99
CA TYR D 95 -14.32 -16.42 26.19
C TYR D 95 -14.01 -16.37 27.68
N ILE D 96 -12.74 -16.11 27.98
CA ILE D 96 -12.22 -16.10 29.34
C ILE D 96 -11.81 -14.69 29.69
N ALA D 97 -12.12 -14.25 30.90
CA ALA D 97 -11.75 -12.94 31.40
C ALA D 97 -10.79 -13.09 32.57
N GLU D 98 -9.79 -12.20 32.63
CA GLU D 98 -8.82 -12.20 33.71
C GLU D 98 -8.79 -10.84 34.38
N THR D 99 -8.72 -10.85 35.70
CA THR D 99 -8.25 -9.68 36.43
C THR D 99 -6.74 -9.54 36.21
N PRO D 100 -6.23 -8.32 35.96
CA PRO D 100 -4.81 -8.16 35.66
C PRO D 100 -3.85 -8.61 36.76
N ASN D 101 -4.17 -8.36 38.02
CA ASN D 101 -3.33 -8.80 39.15
C ASN D 101 -4.14 -9.82 39.95
N SER D 102 -4.09 -11.08 39.54
CA SER D 102 -4.74 -12.15 40.27
C SER D 102 -3.71 -12.90 41.11
N GLU D 103 -3.96 -12.97 42.42
CA GLU D 103 -2.99 -13.49 43.37
C GLU D 103 -3.47 -14.76 44.04
N ASN D 104 -4.19 -15.61 43.31
CA ASN D 104 -4.59 -16.92 43.82
C ASN D 104 -4.26 -17.95 42.75
N GLY D 105 -3.02 -18.45 42.79
CA GLY D 105 -2.54 -19.45 41.87
C GLY D 105 -1.92 -20.62 42.60
N THR D 106 -0.65 -20.89 42.34
CA THR D 106 0.08 -21.92 43.07
C THR D 106 0.37 -21.41 44.48
N CYS D 107 -0.45 -21.84 45.44
CA CYS D 107 -0.21 -21.42 46.82
C CYS D 107 0.98 -22.15 47.43
N PHE D 108 1.22 -23.38 47.04
CA PHE D 108 2.49 -24.00 47.40
C PHE D 108 3.54 -23.64 46.35
N PRO D 109 4.73 -23.18 46.75
CA PRO D 109 5.69 -22.67 45.78
C PRO D 109 6.29 -23.77 44.91
N GLY D 110 6.63 -23.37 43.68
CA GLY D 110 7.19 -24.30 42.72
C GLY D 110 7.10 -23.73 41.33
N ASP D 111 7.52 -24.53 40.36
CA ASP D 111 7.56 -24.13 38.96
C ASP D 111 6.51 -24.92 38.18
N PHE D 112 5.64 -24.20 37.49
CA PHE D 112 4.66 -24.80 36.61
C PHE D 112 5.33 -24.99 35.25
N ALA D 113 5.58 -26.23 34.87
CA ALA D 113 6.25 -26.50 33.61
C ALA D 113 5.31 -26.22 32.44
N ASP D 114 5.76 -25.34 31.54
CA ASP D 114 5.02 -24.91 30.34
C ASP D 114 3.67 -24.28 30.70
N TYR D 115 3.72 -23.17 31.42
CA TYR D 115 2.53 -22.36 31.66
C TYR D 115 1.95 -21.79 30.37
N GLU D 116 2.78 -21.16 29.56
CA GLU D 116 2.27 -20.35 28.45
C GLU D 116 1.75 -21.23 27.33
N GLU D 117 2.32 -22.41 27.17
CA GLU D 117 1.76 -23.38 26.23
C GLU D 117 0.40 -23.88 26.69
N LEU D 118 0.20 -24.08 27.99
CA LEU D 118 -1.11 -24.42 28.52
C LEU D 118 -2.11 -23.31 28.29
N ARG D 119 -1.67 -22.05 28.42
CA ARG D 119 -2.53 -20.91 28.13
C ARG D 119 -2.92 -20.87 26.65
N GLU D 120 -1.98 -21.15 25.76
CA GLU D 120 -2.28 -21.17 24.32
C GLU D 120 -3.19 -22.33 23.95
N GLN D 121 -3.07 -23.47 24.64
CA GLN D 121 -3.97 -24.58 24.37
C GLN D 121 -5.36 -24.33 24.93
N LEU D 122 -5.45 -23.65 26.07
CA LEU D 122 -6.74 -23.33 26.68
C LEU D 122 -7.39 -22.09 26.08
N SER D 123 -6.72 -21.41 25.16
CA SER D 123 -7.38 -20.31 24.46
C SER D 123 -8.52 -20.80 23.59
N SER D 124 -8.29 -21.82 22.78
CA SER D 124 -9.30 -22.35 21.86
C SER D 124 -10.02 -23.56 22.44
N VAL D 125 -10.63 -23.39 23.62
CA VAL D 125 -11.39 -24.45 24.27
C VAL D 125 -12.79 -23.92 24.56
N SER D 126 -13.81 -24.67 24.14
CA SER D 126 -15.19 -24.27 24.35
C SER D 126 -15.73 -24.73 25.70
N SER D 127 -15.58 -26.01 26.03
CA SER D 127 -16.15 -26.54 27.26
C SER D 127 -15.27 -27.64 27.83
N PHE D 128 -15.41 -27.88 29.12
CA PHE D 128 -14.74 -28.98 29.79
C PHE D 128 -15.75 -29.81 30.56
N GLU D 129 -15.39 -31.08 30.77
CA GLU D 129 -16.21 -32.02 31.54
C GLU D 129 -15.29 -32.61 32.60
N ARG D 130 -15.32 -32.03 33.80
CA ARG D 130 -14.50 -32.47 34.92
C ARG D 130 -14.97 -33.81 35.44
N PHE D 131 -14.08 -34.79 35.46
CA PHE D 131 -14.40 -36.12 35.95
C PHE D 131 -13.29 -36.61 36.87
N GLU D 132 -13.58 -37.68 37.60
CA GLU D 132 -12.68 -38.22 38.62
C GLU D 132 -11.84 -39.32 37.98
N ILE D 133 -10.55 -39.04 37.78
CA ILE D 133 -9.68 -39.98 37.08
C ILE D 133 -9.22 -41.09 38.02
N PHE D 134 -8.95 -40.76 39.27
CA PHE D 134 -8.55 -41.73 40.29
C PHE D 134 -9.37 -41.47 41.54
N PRO D 135 -10.25 -42.38 41.94
CA PRO D 135 -10.99 -42.20 43.19
C PRO D 135 -10.06 -42.24 44.40
N LYS D 136 -10.28 -41.32 45.33
CA LYS D 136 -9.35 -41.12 46.43
C LYS D 136 -9.42 -42.25 47.45
N GLU D 137 -10.62 -42.67 47.82
CA GLU D 137 -10.77 -43.71 48.83
C GLU D 137 -10.48 -45.11 48.29
N ARG D 138 -10.66 -45.32 46.99
CA ARG D 138 -10.56 -46.67 46.44
C ARG D 138 -9.14 -46.99 45.97
N SER D 139 -8.51 -46.07 45.24
CA SER D 139 -7.31 -46.40 44.50
C SER D 139 -6.03 -46.37 45.33
N TRP D 140 -6.05 -45.85 46.55
CA TRP D 140 -4.87 -45.80 47.40
C TRP D 140 -5.19 -46.43 48.76
N PRO D 141 -5.16 -47.76 48.85
CA PRO D 141 -5.53 -48.40 50.11
C PRO D 141 -4.36 -48.59 51.07
N ASN D 142 -3.12 -48.46 50.58
CA ASN D 142 -1.94 -48.71 51.38
C ASN D 142 -1.18 -47.42 51.73
N HIS D 143 -1.76 -46.26 51.44
CA HIS D 143 -1.14 -44.98 51.73
C HIS D 143 -2.15 -44.08 52.42
N THR D 144 -1.66 -43.08 53.14
CA THR D 144 -2.52 -42.07 53.74
C THR D 144 -2.69 -40.92 52.77
N THR D 145 -3.94 -40.67 52.36
CA THR D 145 -4.25 -39.62 51.41
C THR D 145 -4.64 -38.31 52.08
N ARG D 146 -4.69 -38.26 53.41
CA ARG D 146 -5.11 -37.06 54.15
C ARG D 146 -3.88 -36.17 54.36
N GLY D 147 -3.55 -35.38 53.35
CA GLY D 147 -2.40 -34.51 53.44
C GLY D 147 -2.76 -33.04 53.27
N VAL D 148 -2.54 -32.24 54.32
CA VAL D 148 -2.84 -30.82 54.32
C VAL D 148 -1.55 -30.04 54.51
N THR D 149 -1.61 -28.75 54.16
CA THR D 149 -0.47 -27.86 54.33
C THR D 149 -0.96 -26.49 54.78
N ALA D 150 -0.10 -25.79 55.53
CA ALA D 150 -0.41 -24.48 56.04
C ALA D 150 -0.10 -23.36 55.07
N ALA D 151 0.47 -23.69 53.90
CA ALA D 151 0.72 -22.70 52.88
C ALA D 151 -0.49 -22.44 51.99
N CYS D 152 -1.56 -23.21 52.15
CA CYS D 152 -2.81 -22.99 51.41
C CYS D 152 -3.97 -22.91 52.40
N PRO D 153 -4.27 -21.71 52.93
CA PRO D 153 -5.42 -21.58 53.83
C PRO D 153 -6.75 -21.86 53.15
N HIS D 154 -7.72 -22.29 53.95
CA HIS D 154 -9.13 -22.31 53.54
C HIS D 154 -9.99 -22.21 54.79
N ALA D 155 -10.70 -21.09 54.94
CA ALA D 155 -11.62 -20.81 56.05
C ALA D 155 -10.92 -20.92 57.40
N MET D 156 -9.80 -20.20 57.53
CA MET D 156 -8.95 -20.15 58.73
C MET D 156 -8.48 -21.55 59.14
N LYS D 157 -8.15 -22.37 58.16
CA LYS D 157 -7.70 -23.73 58.39
C LYS D 157 -6.56 -24.02 57.43
N SER D 158 -6.20 -25.31 57.31
CA SER D 158 -5.19 -25.76 56.39
C SER D 158 -5.80 -26.81 55.46
N SER D 159 -5.59 -26.65 54.16
CA SER D 159 -6.13 -27.58 53.18
C SER D 159 -5.21 -27.65 51.98
N PHE D 160 -5.53 -28.53 51.04
CA PHE D 160 -4.72 -28.76 49.85
C PHE D 160 -5.55 -28.46 48.61
N TYR D 161 -5.00 -28.74 47.44
CA TYR D 161 -5.72 -28.54 46.19
C TYR D 161 -6.88 -29.53 46.06
N LYS D 162 -7.87 -29.15 45.28
CA LYS D 162 -9.06 -29.97 45.10
C LYS D 162 -8.95 -30.96 43.94
N ASN D 163 -7.86 -30.90 43.17
CA ASN D 163 -7.67 -31.83 42.06
C ASN D 163 -6.47 -32.75 42.24
N LEU D 164 -5.77 -32.67 43.37
CA LEU D 164 -4.56 -33.46 43.60
C LEU D 164 -4.61 -34.08 44.98
N VAL D 165 -3.86 -35.17 45.16
CA VAL D 165 -3.81 -35.92 46.40
C VAL D 165 -2.36 -36.08 46.83
N TRP D 166 -2.04 -35.64 48.05
CA TRP D 166 -0.71 -35.82 48.63
C TRP D 166 -0.68 -37.19 49.30
N LEU D 167 0.27 -38.02 48.89
CA LEU D 167 0.41 -39.35 49.43
C LEU D 167 1.61 -39.42 50.37
N THR D 168 1.41 -40.02 51.54
CA THR D 168 2.42 -40.05 52.59
C THR D 168 2.48 -41.50 53.07
N GLU D 169 3.34 -41.82 54.04
CA GLU D 169 3.48 -43.18 54.54
C GLU D 169 2.22 -43.65 55.26
N ALA D 170 2.09 -44.98 55.38
CA ALA D 170 1.03 -45.59 56.15
C ALA D 170 1.60 -46.81 56.86
N ASN D 171 1.43 -46.85 58.19
CA ASN D 171 1.98 -47.89 59.08
C ASN D 171 3.49 -48.03 58.96
N GLY D 172 4.19 -46.92 58.73
CA GLY D 172 5.63 -46.91 58.70
C GLY D 172 6.28 -47.37 57.41
N SER D 173 5.51 -47.64 56.36
CA SER D 173 6.07 -48.11 55.11
C SER D 173 5.38 -47.44 53.93
N TYR D 174 6.15 -47.18 52.87
CA TYR D 174 5.64 -46.64 51.63
C TYR D 174 5.81 -47.71 50.56
N PRO D 175 4.75 -48.40 50.14
CA PRO D 175 4.90 -49.43 49.11
C PRO D 175 5.11 -48.83 47.73
N ASN D 176 5.49 -49.70 46.79
CA ASN D 176 5.63 -49.29 45.40
C ASN D 176 4.26 -48.94 44.80
N LEU D 177 4.26 -48.01 43.87
CA LEU D 177 3.03 -47.44 43.33
C LEU D 177 3.05 -47.56 41.82
N SER D 178 1.98 -48.11 41.24
CA SER D 178 1.87 -48.27 39.80
C SER D 178 0.41 -48.26 39.40
N ARG D 179 -0.01 -47.22 38.69
CA ARG D 179 -1.40 -47.07 38.23
C ARG D 179 -1.43 -46.79 36.74
N SER D 180 -2.59 -47.06 36.15
CA SER D 180 -2.80 -46.85 34.72
C SER D 180 -4.19 -46.29 34.48
N TYR D 181 -4.34 -45.60 33.36
CA TYR D 181 -5.64 -45.08 32.97
C TYR D 181 -5.75 -45.08 31.45
N VAL D 182 -6.92 -45.51 30.96
CA VAL D 182 -7.21 -45.58 29.53
C VAL D 182 -8.29 -44.56 29.20
N ASN D 183 -8.03 -43.73 28.20
CA ASN D 183 -9.01 -42.73 27.76
C ASN D 183 -10.04 -43.40 26.86
N ASN D 184 -11.32 -43.19 27.17
CA ASN D 184 -12.42 -43.74 26.38
C ASN D 184 -13.55 -42.74 26.20
N GLN D 185 -13.28 -41.45 26.39
CA GLN D 185 -14.32 -40.43 26.35
C GLN D 185 -14.40 -39.71 25.01
N GLU D 186 -13.70 -40.22 24.00
CA GLU D 186 -13.72 -39.74 22.60
C GLU D 186 -13.26 -38.29 22.46
N LYS D 187 -12.47 -37.79 23.40
CA LYS D 187 -11.93 -36.44 23.35
C LYS D 187 -10.68 -36.38 24.22
N GLU D 188 -9.95 -35.27 24.11
CA GLU D 188 -8.69 -35.10 24.83
C GLU D 188 -8.94 -34.95 26.33
N VAL D 189 -8.00 -35.48 27.13
CA VAL D 189 -8.12 -35.43 28.59
C VAL D 189 -6.87 -34.76 29.15
N LEU D 190 -7.05 -33.70 29.93
CA LEU D 190 -5.93 -32.96 30.50
C LEU D 190 -5.62 -33.51 31.88
N VAL D 191 -4.40 -34.01 32.06
CA VAL D 191 -3.96 -34.67 33.28
C VAL D 191 -2.86 -33.84 33.93
N LEU D 192 -2.97 -33.63 35.24
CA LEU D 192 -2.05 -32.82 36.01
C LEU D 192 -1.48 -33.61 37.17
N TRP D 193 -0.20 -33.39 37.49
CA TRP D 193 0.41 -34.01 38.66
C TRP D 193 1.55 -33.12 39.16
N GLY D 194 2.25 -33.60 40.18
CA GLY D 194 3.32 -32.84 40.79
C GLY D 194 4.34 -33.73 41.47
N VAL D 195 5.55 -33.20 41.62
CA VAL D 195 6.66 -33.90 42.25
C VAL D 195 7.19 -33.03 43.39
N HIS D 196 7.36 -33.63 44.56
CA HIS D 196 7.76 -32.92 45.78
C HIS D 196 9.27 -32.92 45.96
N HIS D 197 9.82 -31.77 46.30
CA HIS D 197 11.24 -31.62 46.64
C HIS D 197 11.34 -31.06 48.05
N PRO D 198 11.74 -31.85 49.03
CA PRO D 198 11.74 -31.39 50.43
C PRO D 198 12.96 -30.53 50.73
N SER D 199 13.06 -30.12 52.00
CA SER D 199 14.11 -29.22 52.47
C SER D 199 15.31 -29.94 53.05
N ASN D 200 15.11 -31.01 53.81
CA ASN D 200 16.20 -31.77 54.39
C ASN D 200 15.92 -33.28 54.31
N ILE D 201 16.92 -34.07 54.68
CA ILE D 201 16.80 -35.52 54.59
C ILE D 201 15.88 -36.08 55.67
N GLU D 202 15.68 -35.34 56.77
CA GLU D 202 14.79 -35.82 57.83
C GLU D 202 13.33 -35.74 57.40
N ASP D 203 12.97 -34.71 56.64
CA ASP D 203 11.62 -34.58 56.10
C ASP D 203 11.31 -35.71 55.12
N GLN D 204 12.27 -36.00 54.23
CA GLN D 204 12.17 -37.08 53.27
C GLN D 204 12.05 -38.44 53.97
N ARG D 205 12.83 -38.65 55.03
CA ARG D 205 12.81 -39.91 55.74
C ARG D 205 11.52 -40.08 56.55
N THR D 206 11.01 -38.99 57.11
CA THR D 206 9.79 -39.10 57.91
C THR D 206 8.53 -39.24 57.06
N LEU D 207 8.55 -38.71 55.83
CA LEU D 207 7.34 -38.81 55.00
C LEU D 207 7.38 -39.90 53.93
N TYR D 208 8.55 -40.42 53.55
CA TYR D 208 8.61 -41.39 52.47
C TYR D 208 9.44 -42.63 52.78
N ARG D 209 10.21 -42.65 53.88
CA ARG D 209 11.00 -43.77 54.38
C ARG D 209 12.09 -44.24 53.42
N LYS D 210 12.46 -43.44 52.43
CA LYS D 210 13.54 -43.75 51.51
C LYS D 210 14.34 -42.49 51.26
N ASP D 211 15.67 -42.62 51.17
CA ASP D 211 16.48 -41.48 50.80
C ASP D 211 16.35 -41.16 49.32
N ASN D 212 16.32 -42.20 48.48
CA ASN D 212 16.22 -42.06 47.02
C ASN D 212 14.85 -42.52 46.56
N ALA D 213 14.23 -41.74 45.68
CA ALA D 213 12.93 -42.05 45.11
C ALA D 213 12.90 -41.60 43.65
N TYR D 214 11.87 -42.02 42.93
CA TYR D 214 11.70 -41.60 41.55
C TYR D 214 10.22 -41.63 41.17
N VAL D 215 9.87 -40.81 40.19
CA VAL D 215 8.55 -40.80 39.58
C VAL D 215 8.74 -41.03 38.08
N SER D 216 7.89 -41.86 37.48
CA SER D 216 7.93 -42.12 36.05
C SER D 216 6.53 -41.96 35.47
N VAL D 217 6.39 -41.14 34.44
CA VAL D 217 5.11 -40.97 33.75
C VAL D 217 5.33 -41.32 32.29
N VAL D 218 4.61 -42.34 31.81
CA VAL D 218 4.77 -42.83 30.45
C VAL D 218 3.41 -42.82 29.74
N SER D 219 3.38 -42.23 28.55
CA SER D 219 2.24 -42.34 27.65
C SER D 219 2.80 -42.69 26.27
N SER D 220 1.94 -42.67 25.25
CA SER D 220 2.41 -42.90 23.89
C SER D 220 3.06 -41.68 23.29
N ASN D 221 2.92 -40.51 23.91
CA ASN D 221 3.60 -39.28 23.42
C ASN D 221 4.41 -38.66 24.56
N TYR D 222 4.23 -39.11 25.80
CA TYR D 222 4.95 -38.59 26.94
C TYR D 222 5.77 -39.70 27.57
N ASN D 223 7.02 -39.41 27.91
CA ASN D 223 7.89 -40.39 28.56
C ASN D 223 8.91 -39.60 29.36
N ARG D 224 8.74 -39.53 30.68
CA ARG D 224 9.65 -38.72 31.45
C ARG D 224 9.80 -39.25 32.88
N ARG D 225 11.02 -39.14 33.39
CA ARG D 225 11.40 -39.65 34.70
C ARG D 225 11.91 -38.50 35.56
N PHE D 226 11.50 -38.47 36.82
CA PHE D 226 11.76 -37.38 37.74
C PHE D 226 12.45 -37.91 38.99
N THR D 227 13.45 -37.17 39.47
CA THR D 227 14.08 -37.50 40.74
C THR D 227 14.00 -36.31 41.70
N PRO D 228 13.67 -36.53 42.97
CA PRO D 228 13.64 -35.42 43.94
C PRO D 228 15.04 -34.91 44.26
N GLU D 229 15.11 -33.61 44.56
CA GLU D 229 16.33 -32.94 44.95
C GLU D 229 16.14 -32.24 46.28
N ILE D 230 17.16 -32.32 47.14
CA ILE D 230 17.09 -31.80 48.50
C ILE D 230 18.17 -30.74 48.67
N ALA D 231 17.76 -29.53 49.05
CA ALA D 231 18.69 -28.42 49.24
C ALA D 231 18.05 -27.41 50.19
N LYS D 232 18.79 -26.34 50.47
CA LYS D 232 18.32 -25.26 51.33
C LYS D 232 17.87 -24.10 50.44
N ARG D 233 16.62 -23.65 50.62
CA ARG D 233 16.01 -22.67 49.74
C ARG D 233 15.47 -21.50 50.55
N PRO D 234 15.38 -20.32 49.94
CA PRO D 234 14.72 -19.20 50.61
C PRO D 234 13.23 -19.45 50.79
N LYS D 235 12.68 -18.87 51.85
CA LYS D 235 11.30 -19.14 52.23
C LYS D 235 10.34 -18.30 51.38
N VAL D 236 9.40 -18.99 50.74
CA VAL D 236 8.32 -18.34 49.99
C VAL D 236 7.02 -18.85 50.57
N ARG D 237 6.17 -17.91 51.04
CA ARG D 237 4.89 -18.19 51.70
C ARG D 237 5.05 -19.10 52.92
N GLY D 238 6.15 -18.95 53.64
CA GLY D 238 6.35 -19.66 54.88
C GLY D 238 6.88 -21.06 54.77
N GLN D 239 7.14 -21.56 53.56
CA GLN D 239 7.62 -22.92 53.35
C GLN D 239 8.91 -22.89 52.54
N SER D 240 9.83 -23.80 52.87
CA SER D 240 11.10 -23.91 52.17
C SER D 240 11.14 -25.03 51.15
N GLY D 241 10.23 -26.00 51.25
CA GLY D 241 10.14 -27.04 50.23
C GLY D 241 9.45 -26.55 48.98
N ARG D 242 9.50 -27.37 47.94
CA ARG D 242 8.89 -27.04 46.67
C ARG D 242 8.05 -28.20 46.15
N ILE D 243 7.06 -27.88 45.32
CA ILE D 243 6.32 -28.87 44.56
C ILE D 243 6.27 -28.37 43.11
N ASN D 244 6.81 -29.17 42.19
CA ASN D 244 6.84 -28.81 40.78
C ASN D 244 5.68 -29.47 40.06
N TYR D 245 4.93 -28.67 39.29
CA TYR D 245 3.68 -29.11 38.68
C TYR D 245 3.87 -29.39 37.20
N TYR D 246 3.18 -30.41 36.70
CA TYR D 246 3.32 -30.85 35.32
C TYR D 246 1.95 -31.24 34.77
N TRP D 247 1.83 -31.22 33.44
CA TRP D 247 0.58 -31.46 32.75
C TRP D 247 0.81 -32.16 31.41
N THR D 248 -0.23 -32.84 30.93
CA THR D 248 -0.22 -33.48 29.61
C THR D 248 -1.65 -33.61 29.08
N LEU D 249 -1.75 -33.86 27.77
CA LEU D 249 -3.01 -34.17 27.10
C LEU D 249 -3.00 -35.59 26.57
N LEU D 250 -3.93 -36.40 27.07
CA LEU D 250 -4.16 -37.73 26.54
C LEU D 250 -5.08 -37.68 25.34
N GLU D 251 -4.65 -38.31 24.24
CA GLU D 251 -5.47 -38.49 23.06
C GLU D 251 -6.49 -39.59 23.30
N PRO D 252 -7.57 -39.65 22.50
CA PRO D 252 -8.50 -40.78 22.61
C PRO D 252 -7.82 -42.09 22.23
N GLY D 253 -8.12 -43.13 23.00
CA GLY D 253 -7.54 -44.44 22.79
C GLY D 253 -6.16 -44.64 23.38
N ASP D 254 -5.66 -43.69 24.17
CA ASP D 254 -4.31 -43.76 24.71
C ASP D 254 -4.35 -44.10 26.19
N THR D 255 -3.19 -44.57 26.69
CA THR D 255 -3.05 -45.06 28.06
C THR D 255 -1.91 -44.30 28.74
N ILE D 256 -2.14 -43.85 29.96
CA ILE D 256 -1.11 -43.20 30.76
C ILE D 256 -0.77 -44.09 31.96
N ILE D 257 0.51 -44.21 32.27
CA ILE D 257 1.00 -45.06 33.34
C ILE D 257 1.85 -44.22 34.30
N PHE D 258 1.49 -44.26 35.57
CA PHE D 258 2.22 -43.61 36.65
C PHE D 258 2.93 -44.67 37.48
N GLU D 259 4.21 -44.46 37.74
CA GLU D 259 4.98 -45.29 38.66
C GLU D 259 5.71 -44.40 39.64
N ALA D 260 5.81 -44.84 40.89
CA ALA D 260 6.47 -44.04 41.91
C ALA D 260 6.89 -44.92 43.07
N THR D 261 8.10 -44.67 43.57
CA THR D 261 8.53 -45.16 44.88
C THR D 261 8.57 -44.05 45.92
N GLY D 262 8.13 -42.85 45.58
CA GLY D 262 8.07 -41.75 46.51
C GLY D 262 7.90 -40.43 45.81
N ASN D 263 7.48 -39.43 46.59
CA ASN D 263 7.40 -38.02 46.21
C ASN D 263 6.48 -37.80 45.01
N LEU D 264 5.20 -38.16 45.17
CA LEU D 264 4.21 -37.99 44.12
C LEU D 264 2.98 -37.31 44.66
N ILE D 265 2.55 -36.24 43.99
CA ILE D 265 1.26 -35.60 44.25
C ILE D 265 0.33 -36.10 43.15
N ALA D 266 -0.41 -37.16 43.44
CA ALA D 266 -1.17 -37.93 42.46
C ALA D 266 -2.37 -37.13 41.95
N PRO D 267 -2.79 -37.37 40.71
CA PRO D 267 -4.00 -36.72 40.21
C PRO D 267 -5.26 -37.26 40.88
N TRP D 268 -6.25 -36.39 41.02
CA TRP D 268 -7.56 -36.74 41.56
C TRP D 268 -8.67 -36.47 40.57
N TYR D 269 -8.68 -35.30 39.94
CA TYR D 269 -9.69 -34.93 38.96
C TYR D 269 -9.01 -34.51 37.66
N ALA D 270 -9.69 -34.77 36.55
CA ALA D 270 -9.17 -34.45 35.22
C ALA D 270 -10.27 -33.82 34.38
N PHE D 271 -9.88 -33.17 33.30
CA PHE D 271 -10.76 -32.36 32.47
C PHE D 271 -10.85 -33.00 31.08
N ALA D 272 -12.05 -33.05 30.53
CA ALA D 272 -12.28 -33.53 29.17
C ALA D 272 -12.64 -32.35 28.28
N LEU D 273 -11.73 -31.95 27.41
CA LEU D 273 -11.82 -30.69 26.67
C LEU D 273 -12.48 -30.89 25.32
N SER D 274 -13.23 -29.88 24.89
CA SER D 274 -13.81 -29.81 23.56
C SER D 274 -13.35 -28.52 22.88
N ARG D 275 -13.03 -28.61 21.60
CA ARG D 275 -12.49 -27.47 20.86
C ARG D 275 -13.62 -26.69 20.19
N GLY D 276 -13.30 -25.46 19.80
CA GLY D 276 -14.26 -24.59 19.18
C GLY D 276 -13.62 -23.55 18.27
N PRO D 277 -14.41 -22.95 17.38
CA PRO D 277 -13.81 -22.04 16.38
C PRO D 277 -13.40 -20.68 16.93
N GLY D 278 -14.23 -20.06 17.76
CA GLY D 278 -13.94 -18.71 18.21
C GLY D 278 -13.96 -18.51 19.71
N SER D 279 -12.80 -18.21 20.29
CA SER D 279 -12.67 -17.96 21.71
C SER D 279 -11.37 -17.19 21.93
N GLY D 280 -11.08 -16.91 23.19
CA GLY D 280 -9.85 -16.21 23.51
C GLY D 280 -9.79 -15.85 24.98
N ILE D 281 -8.73 -15.14 25.34
CA ILE D 281 -8.50 -14.67 26.71
C ILE D 281 -8.36 -13.16 26.68
N ILE D 282 -9.10 -12.48 27.56
CA ILE D 282 -9.12 -11.02 27.63
C ILE D 282 -8.76 -10.62 29.06
N THR D 283 -7.78 -9.73 29.20
CA THR D 283 -7.41 -9.18 30.50
C THR D 283 -8.11 -7.84 30.66
N SER D 284 -8.94 -7.70 31.68
CA SER D 284 -9.84 -6.56 31.75
C SER D 284 -10.25 -6.29 33.19
N ASN D 285 -10.79 -5.08 33.41
CA ASN D 285 -11.31 -4.63 34.70
C ASN D 285 -12.75 -4.13 34.62
N ALA D 286 -13.40 -4.32 33.49
CA ALA D 286 -14.75 -3.77 33.43
C ALA D 286 -15.76 -4.78 33.99
N PRO D 287 -16.79 -4.30 34.70
CA PRO D 287 -17.75 -5.23 35.30
C PRO D 287 -18.62 -5.94 34.28
N LEU D 288 -19.11 -7.12 34.67
CA LEU D 288 -19.92 -7.95 33.80
C LEU D 288 -21.38 -7.52 33.87
N ASP D 289 -22.01 -7.39 32.71
CA ASP D 289 -23.43 -7.10 32.62
C ASP D 289 -23.98 -7.76 31.36
N GLU D 290 -25.13 -7.28 30.89
CA GLU D 290 -25.87 -7.95 29.82
C GLU D 290 -25.76 -7.18 28.51
N CYS D 291 -25.55 -7.90 27.41
CA CYS D 291 -25.74 -7.38 26.07
C CYS D 291 -26.01 -8.55 25.16
N ASP D 292 -25.92 -8.31 23.84
CA ASP D 292 -25.76 -9.38 22.88
C ASP D 292 -24.77 -8.95 21.79
N THR D 293 -23.67 -8.31 22.20
CA THR D 293 -22.78 -7.68 21.23
C THR D 293 -21.92 -8.72 20.52
N LYS D 294 -21.63 -8.44 19.25
CA LYS D 294 -20.82 -9.31 18.42
C LYS D 294 -19.33 -9.00 18.51
N CYS D 295 -18.96 -7.89 19.14
CA CYS D 295 -17.57 -7.48 19.25
C CYS D 295 -17.23 -7.23 20.71
N GLN D 296 -16.05 -7.64 21.13
CA GLN D 296 -15.64 -7.43 22.52
C GLN D 296 -14.17 -7.08 22.60
N THR D 297 -13.88 -5.99 23.31
CA THR D 297 -12.56 -5.49 23.66
C THR D 297 -12.38 -5.55 25.17
N PRO D 298 -11.14 -5.45 25.69
CA PRO D 298 -10.97 -5.31 27.14
C PRO D 298 -11.62 -4.07 27.73
N GLN D 299 -11.75 -3.00 26.96
CA GLN D 299 -12.32 -1.76 27.48
C GLN D 299 -13.83 -1.67 27.33
N GLY D 300 -14.47 -2.65 26.71
CA GLY D 300 -15.91 -2.61 26.55
C GLY D 300 -16.31 -3.30 25.26
N ALA D 301 -17.58 -3.12 24.91
CA ALA D 301 -18.17 -3.74 23.73
C ALA D 301 -18.42 -2.69 22.66
N ILE D 302 -18.63 -3.17 21.44
CA ILE D 302 -18.69 -2.33 20.24
C ILE D 302 -19.90 -2.75 19.42
N ASN D 303 -20.74 -1.78 19.05
CA ASN D 303 -21.93 -2.05 18.24
C ASN D 303 -22.01 -0.99 17.14
N SER D 304 -21.41 -1.28 15.99
CA SER D 304 -21.60 -0.49 14.77
C SER D 304 -21.19 -1.37 13.59
N SER D 305 -21.11 -0.74 12.41
CA SER D 305 -20.69 -1.42 11.20
C SER D 305 -19.60 -0.67 10.43
N LEU D 306 -19.00 0.35 11.02
CA LEU D 306 -17.91 1.11 10.41
C LEU D 306 -16.65 0.25 10.32
N PRO D 307 -15.82 0.45 9.29
CA PRO D 307 -14.70 -0.49 9.05
C PRO D 307 -13.50 -0.33 9.96
N PHE D 308 -13.42 0.69 10.82
CA PHE D 308 -12.22 0.92 11.61
C PHE D 308 -12.58 1.22 13.06
N GLN D 309 -11.53 1.25 13.88
CA GLN D 309 -11.64 1.59 15.30
C GLN D 309 -10.32 2.17 15.76
N ASN D 310 -10.34 2.80 16.93
CA ASN D 310 -9.11 3.17 17.61
C ASN D 310 -9.22 2.93 19.11
N ILE D 311 -9.98 1.92 19.52
CA ILE D 311 -10.21 1.69 20.94
C ILE D 311 -9.09 0.83 21.53
N HIS D 312 -8.94 -0.40 21.05
CA HIS D 312 -7.95 -1.32 21.59
C HIS D 312 -7.67 -2.39 20.55
N PRO D 313 -6.42 -2.83 20.40
CA PRO D 313 -6.12 -3.78 19.31
C PRO D 313 -6.57 -5.22 19.58
N VAL D 314 -6.72 -5.64 20.83
CA VAL D 314 -7.18 -6.99 21.13
C VAL D 314 -8.70 -6.99 21.06
N THR D 315 -9.25 -7.70 20.08
CA THR D 315 -10.69 -7.81 19.89
C THR D 315 -11.06 -9.26 19.64
N ILE D 316 -12.27 -9.63 20.04
CA ILE D 316 -12.83 -10.94 19.73
C ILE D 316 -14.22 -10.77 19.13
N GLY D 317 -14.57 -11.68 18.22
CA GLY D 317 -15.80 -11.59 17.47
C GLY D 317 -15.58 -10.98 16.09
N GLU D 318 -16.68 -10.49 15.52
CA GLU D 318 -16.62 -9.74 14.27
C GLU D 318 -16.41 -8.27 14.62
N CYS D 319 -15.20 -7.78 14.39
CA CYS D 319 -14.81 -6.46 14.87
C CYS D 319 -14.13 -5.65 13.77
N PRO D 320 -14.21 -4.33 13.84
CA PRO D 320 -13.47 -3.49 12.89
C PRO D 320 -11.97 -3.57 13.10
N LYS D 321 -11.24 -3.23 12.03
CA LYS D 321 -9.79 -3.25 12.04
C LYS D 321 -9.26 -2.08 12.87
N TYR D 322 -8.17 -2.30 13.59
CA TYR D 322 -7.61 -1.29 14.47
C TYR D 322 -6.60 -0.44 13.72
N VAL D 323 -6.71 0.88 13.89
CA VAL D 323 -5.74 1.84 13.37
C VAL D 323 -5.44 2.86 14.45
N ARG D 324 -4.31 3.55 14.31
CA ARG D 324 -3.89 4.58 15.26
C ARG D 324 -4.23 5.94 14.67
N SER D 325 -5.42 6.11 14.12
CA SER D 325 -5.83 7.34 13.47
C SER D 325 -6.84 8.08 14.33
N THR D 326 -6.77 9.41 14.29
CA THR D 326 -7.69 10.26 15.04
C THR D 326 -8.98 10.50 14.27
N LYS D 327 -8.89 10.81 12.97
CA LYS D 327 -10.06 11.08 12.16
C LYS D 327 -9.93 10.42 10.81
N LEU D 328 -10.99 9.76 10.35
CA LEU D 328 -11.09 9.18 9.01
C LEU D 328 -12.47 9.51 8.46
N ARG D 329 -12.59 10.64 7.78
CA ARG D 329 -13.86 11.13 7.25
C ARG D 329 -13.77 11.19 5.73
N MET D 330 -14.84 10.77 5.06
CA MET D 330 -14.81 10.65 3.61
C MET D 330 -15.95 11.43 2.99
N VAL D 331 -15.64 12.20 1.96
CA VAL D 331 -16.58 13.14 1.36
C VAL D 331 -17.61 12.39 0.54
N THR D 332 -18.88 12.74 0.72
CA THR D 332 -19.93 12.29 -0.17
C THR D 332 -20.57 13.43 -0.93
N GLY D 333 -20.47 14.66 -0.44
CA GLY D 333 -21.12 15.79 -1.06
C GLY D 333 -20.17 16.74 -1.76
N LEU D 334 -20.41 18.03 -1.63
CA LEU D 334 -19.75 19.05 -2.43
C LEU D 334 -19.03 20.03 -1.51
N ARG D 335 -18.22 20.90 -2.10
CA ARG D 335 -17.64 22.01 -1.35
C ARG D 335 -18.74 22.99 -0.93
N ASN D 336 -18.53 23.64 0.22
CA ASN D 336 -19.51 24.58 0.75
C ASN D 336 -18.98 25.99 0.59
N ILE D 337 -19.32 26.60 -0.55
CA ILE D 337 -19.05 28.01 -0.80
C ILE D 337 -20.39 28.72 -0.93
N PRO D 338 -20.86 29.37 0.14
CA PRO D 338 -22.18 30.01 0.09
C PRO D 338 -22.16 31.28 -0.75
N SER D 339 -23.35 31.62 -1.25
CA SER D 339 -23.62 32.79 -2.11
C SER D 339 -22.73 32.84 -3.36
N ILE D 349 -29.44 36.33 -10.03
CA ILE D 349 -28.65 35.30 -9.37
C ILE D 349 -27.69 34.67 -10.36
N ALA D 350 -26.41 34.66 -10.01
CA ALA D 350 -25.37 34.15 -10.89
C ALA D 350 -25.28 32.62 -10.79
N GLY D 351 -24.38 32.06 -11.60
CA GLY D 351 -24.26 30.62 -11.70
C GLY D 351 -23.16 30.00 -10.88
N PHE D 352 -22.46 29.03 -11.46
CA PHE D 352 -21.52 28.22 -10.68
C PHE D 352 -20.17 28.91 -10.52
N ILE D 353 -19.93 29.96 -11.30
CA ILE D 353 -18.67 30.68 -11.19
C ILE D 353 -18.60 31.47 -9.89
N GLU D 354 -19.70 32.13 -9.53
CA GLU D 354 -19.69 32.97 -8.33
C GLU D 354 -19.75 32.14 -7.05
N GLY D 355 -20.57 31.11 -7.02
CA GLY D 355 -20.68 30.28 -5.84
C GLY D 355 -21.88 29.36 -5.89
N GLY D 356 -22.18 28.77 -4.74
CA GLY D 356 -23.26 27.83 -4.61
C GLY D 356 -24.58 28.49 -4.26
N TRP D 357 -25.64 27.69 -4.26
CA TRP D 357 -27.00 28.18 -4.02
C TRP D 357 -27.54 27.54 -2.75
N THR D 358 -27.95 28.38 -1.81
CA THR D 358 -28.56 27.87 -0.59
C THR D 358 -30.00 27.44 -0.83
N GLY D 359 -30.70 28.14 -1.73
CA GLY D 359 -32.13 27.93 -1.94
C GLY D 359 -32.49 26.66 -2.68
N MET D 360 -31.52 25.93 -3.22
CA MET D 360 -31.77 24.66 -3.88
C MET D 360 -31.75 23.56 -2.83
N MET D 361 -32.86 22.83 -2.72
CA MET D 361 -32.98 21.78 -1.71
C MET D 361 -33.43 20.44 -2.27
N ASP D 362 -33.63 20.34 -3.58
CA ASP D 362 -34.14 19.13 -4.21
C ASP D 362 -33.11 18.40 -5.07
N GLY D 363 -31.83 18.71 -4.92
CA GLY D 363 -30.81 18.01 -5.69
C GLY D 363 -29.45 18.58 -5.39
N TRP D 364 -28.44 18.00 -6.03
CA TRP D 364 -27.09 18.50 -5.92
C TRP D 364 -26.74 19.50 -7.01
N TYR D 365 -27.26 19.30 -8.22
CA TYR D 365 -27.07 20.21 -9.34
C TYR D 365 -28.43 20.64 -9.86
N GLY D 366 -28.50 21.80 -10.49
CA GLY D 366 -29.78 22.25 -10.99
C GLY D 366 -29.70 23.54 -11.77
N TYR D 367 -30.87 24.16 -11.94
CA TYR D 367 -31.05 25.35 -12.74
C TYR D 367 -31.82 26.41 -11.95
N HIS D 368 -31.68 27.66 -12.36
CA HIS D 368 -32.50 28.75 -11.87
C HIS D 368 -32.96 29.58 -13.07
N HIS D 369 -34.25 29.85 -13.16
CA HIS D 369 -34.80 30.55 -14.31
C HIS D 369 -35.62 31.74 -13.85
N GLN D 370 -35.61 32.79 -14.67
CA GLN D 370 -36.36 34.01 -14.46
C GLN D 370 -36.93 34.47 -15.79
N ASN D 371 -38.24 34.67 -15.86
CA ASN D 371 -38.86 35.13 -17.10
C ASN D 371 -40.06 35.99 -16.75
N GLU D 372 -40.95 36.19 -17.73
CA GLU D 372 -42.14 37.02 -17.55
C GLU D 372 -43.09 36.42 -16.53
N GLN D 373 -43.33 35.11 -16.57
CA GLN D 373 -44.28 34.48 -15.67
C GLN D 373 -43.78 34.32 -14.25
N GLY D 374 -42.47 34.23 -14.04
CA GLY D 374 -41.95 34.11 -12.69
C GLY D 374 -40.49 33.75 -12.66
N SER D 375 -40.08 33.17 -11.54
CA SER D 375 -38.70 32.75 -11.34
C SER D 375 -38.68 31.63 -10.31
N GLY D 376 -37.71 30.72 -10.46
CA GLY D 376 -37.60 29.60 -9.53
C GLY D 376 -36.46 28.68 -9.87
N TYR D 377 -36.23 27.74 -8.95
CA TYR D 377 -35.16 26.75 -9.04
C TYR D 377 -35.70 25.42 -9.55
N ALA D 378 -34.77 24.53 -9.88
CA ALA D 378 -35.11 23.19 -10.33
C ALA D 378 -33.98 22.25 -9.91
N ALA D 379 -33.96 21.06 -10.48
CA ALA D 379 -32.89 20.10 -10.22
C ALA D 379 -32.74 19.18 -11.42
N ASP D 380 -31.51 18.73 -11.65
CA ASP D 380 -31.22 17.72 -12.65
C ASP D 380 -31.13 16.38 -11.94
N GLN D 381 -32.16 15.55 -12.11
CA GLN D 381 -32.26 14.31 -11.36
C GLN D 381 -31.33 13.22 -11.87
N LYS D 382 -31.07 13.24 -13.17
CA LYS D 382 -30.26 12.19 -13.82
C LYS D 382 -28.78 12.31 -13.49
N SER D 383 -28.24 13.50 -13.33
CA SER D 383 -26.86 13.73 -12.90
C SER D 383 -26.70 13.50 -11.40
N THR D 384 -27.72 13.85 -10.61
CA THR D 384 -27.70 13.57 -9.18
C THR D 384 -27.75 12.08 -8.90
N GLN D 385 -28.52 11.33 -9.70
CA GLN D 385 -28.58 9.88 -9.54
C GLN D 385 -27.25 9.23 -9.91
N ASN D 386 -26.59 9.73 -10.96
CA ASN D 386 -25.27 9.21 -11.32
C ASN D 386 -24.22 9.51 -10.24
N ALA D 387 -24.29 10.71 -9.65
CA ALA D 387 -23.40 11.05 -8.56
C ALA D 387 -23.62 10.16 -7.34
N ILE D 388 -24.90 9.88 -7.03
CA ILE D 388 -25.23 9.02 -5.90
C ILE D 388 -24.73 7.60 -6.14
N ASN D 389 -24.82 7.13 -7.39
CA ASN D 389 -24.33 5.79 -7.73
C ASN D 389 -22.81 5.68 -7.58
N CYS D 390 -22.06 6.67 -8.09
CA CYS D 390 -20.60 6.63 -7.92
C CYS D 390 -20.18 6.75 -6.47
N ILE D 391 -20.85 7.60 -5.68
CA ILE D 391 -20.48 7.75 -4.28
C ILE D 391 -20.77 6.47 -3.50
N THR D 392 -21.91 5.83 -3.77
CA THR D 392 -22.26 4.60 -3.08
C THR D 392 -21.28 3.48 -3.42
N ASN D 393 -20.93 3.34 -4.70
CA ASN D 393 -19.97 2.31 -5.11
C ASN D 393 -18.59 2.57 -4.54
N LYS D 394 -18.17 3.84 -4.46
CA LYS D 394 -16.86 4.19 -3.93
C LYS D 394 -16.75 3.87 -2.44
N VAL D 395 -17.74 4.29 -1.65
CA VAL D 395 -17.69 4.05 -0.22
C VAL D 395 -17.82 2.55 0.08
N ASN D 396 -18.69 1.84 -0.64
CA ASN D 396 -18.81 0.40 -0.43
C ASN D 396 -17.56 -0.37 -0.85
N SER D 397 -16.85 0.09 -1.88
CA SER D 397 -15.59 -0.54 -2.24
C SER D 397 -14.52 -0.30 -1.18
N VAL D 398 -14.49 0.92 -0.61
CA VAL D 398 -13.54 1.21 0.46
C VAL D 398 -13.82 0.34 1.69
N ILE D 399 -15.10 0.13 2.01
CA ILE D 399 -15.45 -0.76 3.12
C ILE D 399 -15.11 -2.21 2.79
N GLU D 400 -15.37 -2.65 1.56
CA GLU D 400 -15.26 -4.06 1.21
C GLU D 400 -13.81 -4.53 1.05
N LYS D 401 -12.93 -3.74 0.44
CA LYS D 401 -11.55 -4.19 0.20
C LYS D 401 -10.83 -4.41 1.52
N MET D 402 -10.94 -3.46 2.45
CA MET D 402 -10.29 -3.60 3.76
C MET D 402 -11.22 -4.35 4.71
N ASN D 403 -11.45 -5.62 4.36
CA ASN D 403 -12.32 -6.47 5.14
C ASN D 403 -11.66 -6.82 6.47
N ALA D 408 -6.41 -11.00 17.13
CA ALA D 408 -5.47 -11.52 18.11
C ALA D 408 -6.07 -11.50 19.50
N VAL D 409 -5.49 -12.32 20.38
CA VAL D 409 -5.83 -12.30 21.81
C VAL D 409 -4.63 -12.06 22.70
N GLY D 410 -3.40 -12.18 22.20
CA GLY D 410 -2.23 -11.93 23.02
C GLY D 410 -1.52 -13.21 23.43
N LYS D 411 -0.21 -13.11 23.59
CA LYS D 411 0.63 -14.23 23.97
C LYS D 411 1.49 -13.83 25.16
N GLU D 412 1.90 -14.83 25.93
CA GLU D 412 2.73 -14.63 27.10
C GLU D 412 4.03 -15.40 26.96
N PHE D 413 5.11 -14.80 27.46
CA PHE D 413 6.44 -15.39 27.39
C PHE D 413 7.11 -15.23 28.75
N ASN D 414 8.03 -16.14 29.06
CA ASN D 414 8.75 -16.03 30.32
C ASN D 414 10.08 -15.31 30.09
N LYS D 415 10.93 -15.29 31.11
CA LYS D 415 12.14 -14.44 31.11
C LYS D 415 13.24 -14.87 30.16
N LEU D 416 13.24 -16.12 29.75
CA LEU D 416 14.32 -16.63 28.93
C LEU D 416 13.94 -16.72 27.45
N GLU D 417 12.84 -16.08 27.05
CA GLU D 417 12.40 -15.98 25.66
C GLU D 417 12.14 -14.52 25.29
N LYS D 418 13.14 -13.66 25.56
CA LYS D 418 13.03 -12.25 25.22
C LYS D 418 13.06 -12.02 23.71
N ARG D 419 13.83 -12.83 22.98
CA ARG D 419 13.93 -12.67 21.53
C ARG D 419 12.60 -12.96 20.84
N MET D 420 11.90 -14.00 21.30
CA MET D 420 10.62 -14.36 20.72
C MET D 420 9.57 -13.30 21.00
N GLU D 421 9.63 -12.69 22.19
CA GLU D 421 8.75 -11.58 22.57
C GLU D 421 9.00 -10.36 21.70
N ASN D 422 10.27 -10.03 21.46
CA ASN D 422 10.60 -8.88 20.62
C ASN D 422 10.20 -9.12 19.17
N LEU D 423 10.32 -10.36 18.69
CA LEU D 423 9.87 -10.67 17.33
C LEU D 423 8.36 -10.55 17.20
N ASN D 424 7.61 -10.99 18.22
CA ASN D 424 6.16 -10.88 18.20
C ASN D 424 5.71 -9.42 18.25
N LYS D 425 6.37 -8.57 19.03
CA LYS D 425 6.04 -7.12 19.04
C LYS D 425 6.45 -6.46 17.73
N LYS D 426 7.53 -6.92 17.11
CA LYS D 426 7.91 -6.37 15.82
C LYS D 426 6.87 -6.67 14.75
N VAL D 427 6.34 -7.90 14.74
CA VAL D 427 5.31 -8.26 13.78
C VAL D 427 4.02 -7.47 14.03
N ASP D 428 3.60 -7.40 15.30
CA ASP D 428 2.37 -6.70 15.65
C ASP D 428 2.44 -5.20 15.41
N ASP D 429 3.58 -4.57 15.68
CA ASP D 429 3.73 -3.15 15.44
C ASP D 429 4.08 -2.82 14.00
N GLY D 430 4.51 -3.81 13.20
CA GLY D 430 4.78 -3.55 11.81
C GLY D 430 3.56 -3.67 10.93
N PHE D 431 2.59 -4.50 11.32
CA PHE D 431 1.37 -4.58 10.51
C PHE D 431 0.47 -3.36 10.69
N LEU D 432 0.47 -2.79 11.91
CA LEU D 432 -0.41 -1.68 12.24
C LEU D 432 -0.05 -0.41 11.48
N ASP D 433 1.26 -0.15 11.32
CA ASP D 433 1.72 1.01 10.57
C ASP D 433 1.29 0.92 9.10
N ILE D 434 1.43 -0.26 8.51
CA ILE D 434 1.06 -0.48 7.11
C ILE D 434 -0.43 -0.26 6.90
N TRP D 435 -1.26 -0.80 7.81
CA TRP D 435 -2.70 -0.66 7.61
C TRP D 435 -3.19 0.76 7.87
N THR D 436 -2.58 1.45 8.85
CA THR D 436 -2.93 2.85 9.10
C THR D 436 -2.55 3.75 7.92
N TYR D 437 -1.36 3.57 7.37
CA TYR D 437 -0.94 4.32 6.16
C TYR D 437 -1.91 4.02 5.03
N ASN D 438 -2.26 2.76 4.86
CA ASN D 438 -3.11 2.40 3.71
C ASN D 438 -4.46 3.10 3.86
N ALA D 439 -5.01 3.14 5.06
CA ALA D 439 -6.31 3.78 5.29
C ALA D 439 -6.25 5.29 5.07
N GLU D 440 -5.26 5.94 5.64
CA GLU D 440 -5.14 7.40 5.54
C GLU D 440 -4.92 7.80 4.07
N LEU D 441 -4.11 7.05 3.32
CA LEU D 441 -3.85 7.37 1.90
C LEU D 441 -5.11 7.15 1.05
N LEU D 442 -5.89 6.10 1.27
CA LEU D 442 -7.07 5.80 0.44
C LEU D 442 -8.12 6.89 0.64
N VAL D 443 -8.31 7.33 1.88
CA VAL D 443 -9.33 8.37 2.17
C VAL D 443 -8.87 9.67 1.52
N LEU D 444 -7.59 9.98 1.53
CA LEU D 444 -7.17 11.27 1.00
C LEU D 444 -7.15 11.32 -0.53
N LEU D 445 -6.91 10.20 -1.20
CA LEU D 445 -7.08 10.23 -2.66
C LEU D 445 -8.55 10.21 -3.08
N GLU D 446 -9.41 9.44 -2.39
CA GLU D 446 -10.80 9.41 -2.84
C GLU D 446 -11.56 10.70 -2.57
N ASN D 447 -11.15 11.49 -1.56
CA ASN D 447 -11.77 12.80 -1.34
C ASN D 447 -11.53 13.74 -2.52
N GLU D 448 -10.28 13.78 -3.00
CA GLU D 448 -9.92 14.64 -4.14
C GLU D 448 -10.60 14.18 -5.42
N ARG D 449 -10.70 12.86 -5.61
CA ARG D 449 -11.42 12.33 -6.77
C ARG D 449 -12.90 12.71 -6.73
N THR D 450 -13.53 12.68 -5.54
CA THR D 450 -14.94 13.03 -5.41
C THR D 450 -15.19 14.50 -5.76
N LEU D 451 -14.33 15.38 -5.26
CA LEU D 451 -14.49 16.81 -5.51
C LEU D 451 -14.28 17.15 -7.00
N ASP D 452 -13.27 16.53 -7.62
CA ASP D 452 -13.06 16.74 -9.06
C ASP D 452 -14.21 16.17 -9.89
N PHE D 453 -14.80 15.06 -9.46
CA PHE D 453 -15.95 14.48 -10.15
C PHE D 453 -17.16 15.40 -10.14
N HIS D 454 -17.40 16.05 -8.99
CA HIS D 454 -18.52 17.00 -8.90
C HIS D 454 -18.30 18.22 -9.79
N ASP D 455 -17.06 18.74 -9.80
CA ASP D 455 -16.76 19.90 -10.65
C ASP D 455 -16.92 19.56 -12.13
N SER D 456 -16.48 18.36 -12.54
CA SER D 456 -16.64 17.94 -13.93
C SER D 456 -18.11 17.78 -14.31
N ASN D 457 -18.95 17.29 -13.38
CA ASN D 457 -20.38 17.15 -13.68
C ASN D 457 -21.05 18.50 -13.93
N VAL D 458 -20.70 19.51 -13.12
CA VAL D 458 -21.24 20.85 -13.35
C VAL D 458 -20.78 21.41 -14.70
N LYS D 459 -19.52 21.15 -15.07
CA LYS D 459 -19.03 21.56 -16.40
C LYS D 459 -19.78 20.88 -17.53
N ASN D 460 -20.10 19.59 -17.40
CA ASN D 460 -20.87 18.91 -18.45
C ASN D 460 -22.27 19.48 -18.60
N LEU D 461 -22.92 19.86 -17.49
CA LEU D 461 -24.23 20.51 -17.61
C LEU D 461 -24.14 21.85 -18.35
N TYR D 462 -23.13 22.66 -18.03
CA TYR D 462 -22.96 23.94 -18.71
C TYR D 462 -22.68 23.76 -20.20
N GLU D 463 -21.86 22.77 -20.55
CA GLU D 463 -21.59 22.50 -21.97
C GLU D 463 -22.82 22.01 -22.71
N LYS D 464 -23.67 21.23 -22.05
CA LYS D 464 -24.87 20.74 -22.71
C LYS D 464 -25.87 21.86 -22.99
N VAL D 465 -26.07 22.77 -22.02
CA VAL D 465 -26.97 23.90 -22.26
C VAL D 465 -26.40 24.86 -23.30
N LYS D 466 -25.07 25.05 -23.31
CA LYS D 466 -24.41 25.86 -24.33
C LYS D 466 -24.62 25.28 -25.73
N ASN D 467 -24.43 23.96 -25.87
CA ASN D 467 -24.54 23.31 -27.16
C ASN D 467 -25.98 23.34 -27.66
N GLN D 468 -26.96 23.15 -26.77
CA GLN D 468 -28.35 23.20 -27.22
C GLN D 468 -28.81 24.60 -27.56
N LEU D 469 -28.34 25.62 -26.85
CA LEU D 469 -28.81 26.97 -27.15
C LEU D 469 -28.13 27.55 -28.39
N ARG D 470 -26.84 27.25 -28.60
CA ARG D 470 -26.00 27.80 -29.66
C ARG D 470 -25.99 29.33 -29.64
N ASN D 471 -26.44 29.97 -30.72
CA ASN D 471 -26.28 31.40 -30.90
C ASN D 471 -27.51 32.22 -30.47
N ASN D 472 -28.55 31.58 -29.95
CA ASN D 472 -29.76 32.32 -29.58
C ASN D 472 -29.59 33.08 -28.26
N ALA D 473 -28.60 32.73 -27.46
CA ALA D 473 -28.41 33.33 -26.15
C ALA D 473 -26.98 33.82 -26.01
N LYS D 474 -26.80 34.86 -25.21
CA LYS D 474 -25.50 35.47 -25.00
C LYS D 474 -24.97 35.07 -23.63
N GLU D 475 -23.71 34.64 -23.60
CA GLU D 475 -23.08 34.29 -22.33
C GLU D 475 -22.69 35.54 -21.57
N LEU D 476 -23.21 35.67 -20.37
CA LEU D 476 -22.90 36.79 -19.49
C LEU D 476 -21.69 36.52 -18.62
N GLY D 477 -20.80 35.63 -19.04
CA GLY D 477 -19.84 35.05 -18.12
C GLY D 477 -20.60 34.20 -17.12
N ASN D 478 -20.02 34.08 -15.92
CA ASN D 478 -20.62 33.71 -14.63
C ASN D 478 -21.65 32.58 -14.64
N GLY D 479 -21.51 31.64 -15.59
CA GLY D 479 -22.39 30.48 -15.68
C GLY D 479 -23.85 30.78 -15.94
N CYS D 480 -24.14 31.81 -16.75
CA CYS D 480 -25.51 32.19 -17.03
C CYS D 480 -25.66 32.53 -18.50
N PHE D 481 -26.90 32.47 -18.97
CA PHE D 481 -27.24 32.79 -20.35
C PHE D 481 -28.30 33.88 -20.37
N GLU D 482 -28.28 34.71 -21.40
CA GLU D 482 -29.28 35.75 -21.62
C GLU D 482 -29.98 35.46 -22.94
N PHE D 483 -31.28 35.18 -22.87
CA PHE D 483 -32.05 34.86 -24.06
C PHE D 483 -32.30 36.11 -24.88
N TYR D 484 -32.05 36.02 -26.20
CA TYR D 484 -32.42 37.12 -27.08
C TYR D 484 -33.91 37.17 -27.34
N HIS D 485 -34.55 36.01 -27.50
CA HIS D 485 -35.98 35.96 -27.77
C HIS D 485 -36.75 35.82 -26.46
N LYS D 486 -38.04 35.52 -26.56
CA LYS D 486 -38.90 35.33 -25.41
C LYS D 486 -38.99 33.85 -25.09
N CYS D 487 -38.80 33.50 -23.81
CA CYS D 487 -38.74 32.11 -23.38
C CYS D 487 -39.64 31.94 -22.17
N ASP D 488 -40.76 31.24 -22.36
CA ASP D 488 -41.71 30.99 -21.27
C ASP D 488 -41.36 29.68 -20.58
N ASN D 489 -42.27 29.18 -19.75
CA ASN D 489 -42.00 27.99 -18.93
C ASN D 489 -41.84 26.74 -19.77
N GLU D 490 -42.63 26.61 -20.83
CA GLU D 490 -42.46 25.49 -21.75
C GLU D 490 -41.13 25.58 -22.50
N CYS D 491 -40.71 26.80 -22.87
CA CYS D 491 -39.40 27.02 -23.47
C CYS D 491 -38.26 26.66 -22.51
N MET D 492 -38.35 27.10 -21.24
CA MET D 492 -37.34 26.78 -20.25
C MET D 492 -37.25 25.29 -20.00
N GLU D 493 -38.37 24.62 -19.90
CA GLU D 493 -38.34 23.18 -19.62
C GLU D 493 -37.97 22.38 -20.86
N SER D 494 -38.13 22.97 -22.05
CA SER D 494 -37.61 22.35 -23.27
C SER D 494 -36.09 22.45 -23.33
N VAL D 495 -35.52 23.57 -22.86
CA VAL D 495 -34.08 23.64 -22.66
C VAL D 495 -33.64 22.64 -21.60
N LYS D 496 -34.44 22.45 -20.56
CA LYS D 496 -34.07 21.62 -19.43
C LYS D 496 -34.02 20.14 -19.80
N ASN D 497 -35.05 19.61 -20.47
CA ASN D 497 -35.06 18.16 -20.63
C ASN D 497 -34.26 17.67 -21.84
N GLY D 498 -33.67 18.57 -22.61
CA GLY D 498 -32.77 18.18 -23.67
C GLY D 498 -33.32 18.24 -25.09
N THR D 499 -34.55 18.72 -25.27
CA THR D 499 -35.18 18.83 -26.59
C THR D 499 -35.53 20.30 -26.81
N TYR D 500 -34.66 21.01 -27.52
CA TYR D 500 -34.85 22.42 -27.82
C TYR D 500 -34.88 22.60 -29.33
N ASP D 501 -35.90 23.28 -29.83
CA ASP D 501 -36.08 23.45 -31.27
C ASP D 501 -35.31 24.67 -31.72
N TYR D 502 -34.19 24.44 -32.41
CA TYR D 502 -33.39 25.54 -32.95
C TYR D 502 -34.12 26.35 -34.03
N PRO D 503 -34.75 25.76 -35.08
CA PRO D 503 -35.35 26.62 -36.11
C PRO D 503 -36.64 27.32 -35.71
N LYS D 504 -37.21 27.01 -34.55
CA LYS D 504 -38.49 27.61 -34.19
C LYS D 504 -38.33 29.08 -33.79
N TYR D 505 -37.29 29.40 -33.03
CA TYR D 505 -37.14 30.73 -32.43
C TYR D 505 -35.95 31.48 -33.01
N SER D 506 -35.56 31.18 -34.25
CA SER D 506 -34.34 31.74 -34.82
C SER D 506 -34.49 33.21 -35.21
N GLU D 507 -35.63 33.56 -35.84
CA GLU D 507 -35.73 34.82 -36.58
C GLU D 507 -35.80 36.02 -35.65
N GLU D 508 -36.58 35.92 -34.56
CA GLU D 508 -36.66 36.99 -33.58
C GLU D 508 -35.33 37.19 -32.88
N SER D 509 -34.61 36.09 -32.64
CA SER D 509 -33.27 36.15 -32.06
C SER D 509 -32.29 36.85 -33.02
N LYS D 510 -32.39 36.56 -34.32
CA LYS D 510 -31.53 37.22 -35.30
C LYS D 510 -31.82 38.71 -35.38
N LEU D 511 -33.10 39.08 -35.37
CA LEU D 511 -33.47 40.50 -35.40
C LEU D 511 -33.00 41.23 -34.16
N ASN D 512 -33.15 40.61 -32.98
CA ASN D 512 -32.72 41.26 -31.74
C ASN D 512 -31.21 41.30 -31.61
N ARG D 513 -30.51 40.34 -32.20
CA ARG D 513 -29.06 40.34 -32.18
C ARG D 513 -28.50 41.40 -33.13
N GLU D 514 -29.07 41.53 -34.31
CA GLU D 514 -28.59 42.53 -35.26
C GLU D 514 -29.02 43.94 -34.88
N LYS D 515 -30.14 44.08 -34.16
CA LYS D 515 -30.61 45.42 -33.80
C LYS D 515 -29.81 46.03 -32.66
N ILE D 516 -29.00 45.22 -31.97
CA ILE D 516 -28.16 45.74 -30.90
C ILE D 516 -26.75 45.96 -31.42
N GLN E 1 -42.28 8.30 12.90
CA GLN E 1 -42.50 7.78 11.56
C GLN E 1 -43.54 8.61 10.82
N VAL E 2 -43.30 8.85 9.54
CA VAL E 2 -44.18 9.68 8.73
C VAL E 2 -45.41 8.86 8.33
N GLN E 3 -46.60 9.41 8.60
CA GLN E 3 -47.84 8.75 8.22
C GLN E 3 -48.71 9.73 7.43
N LEU E 4 -49.26 9.25 6.32
CA LEU E 4 -50.13 10.04 5.47
C LEU E 4 -51.57 9.55 5.66
N GLN E 5 -52.50 10.49 5.85
CA GLN E 5 -53.90 10.12 6.00
C GLN E 5 -54.77 11.06 5.18
N GLU E 6 -55.98 10.61 4.88
CA GLU E 6 -56.85 11.30 3.94
C GLU E 6 -58.18 11.68 4.59
N SER E 7 -58.71 12.82 4.19
CA SER E 7 -60.02 13.29 4.64
C SER E 7 -60.82 13.76 3.43
N GLY E 8 -62.09 13.40 3.40
CA GLY E 8 -62.99 13.78 2.35
C GLY E 8 -64.43 13.49 2.69
N PRO E 9 -65.38 14.14 1.98
CA PRO E 9 -66.81 13.91 2.26
C PRO E 9 -67.28 12.53 1.86
N GLY E 10 -67.00 12.12 0.63
CA GLY E 10 -67.38 10.80 0.16
C GLY E 10 -68.81 10.66 -0.31
N LEU E 11 -69.59 11.74 -0.30
CA LEU E 11 -70.97 11.71 -0.79
C LEU E 11 -71.11 12.79 -1.86
N VAL E 12 -70.91 12.41 -3.11
CA VAL E 12 -70.87 13.36 -4.22
C VAL E 12 -71.93 12.98 -5.23
N LYS E 13 -72.79 13.95 -5.58
CA LYS E 13 -73.78 13.85 -6.64
C LYS E 13 -73.14 14.11 -7.99
N PRO E 14 -73.76 13.66 -9.09
CA PRO E 14 -73.21 13.97 -10.41
C PRO E 14 -73.22 15.46 -10.74
N SER E 15 -72.24 15.86 -11.56
CA SER E 15 -72.02 17.24 -12.02
C SER E 15 -71.79 18.19 -10.84
N GLN E 16 -71.06 17.73 -9.83
CA GLN E 16 -70.60 18.59 -8.74
C GLN E 16 -69.16 18.26 -8.39
N THR E 17 -68.48 19.22 -7.78
CA THR E 17 -67.05 19.11 -7.53
C THR E 17 -66.78 18.25 -6.31
N LEU E 18 -65.49 17.95 -6.09
CA LEU E 18 -65.05 17.05 -5.05
C LEU E 18 -63.69 17.49 -4.55
N SER E 19 -63.49 17.46 -3.23
CA SER E 19 -62.22 17.86 -2.65
C SER E 19 -61.76 16.82 -1.64
N LEU E 20 -60.46 16.51 -1.65
CA LEU E 20 -59.84 15.69 -0.61
C LEU E 20 -58.58 16.36 -0.10
N THR E 21 -58.26 16.09 1.17
CA THR E 21 -57.04 16.60 1.80
C THR E 21 -56.23 15.44 2.34
N CYS E 22 -54.98 15.34 1.90
CA CYS E 22 -54.02 14.41 2.47
C CYS E 22 -53.10 15.18 3.42
N THR E 23 -53.05 14.71 4.67
CA THR E 23 -52.28 15.35 5.72
C THR E 23 -51.18 14.43 6.21
N VAL E 24 -50.15 15.05 6.78
CA VAL E 24 -48.90 14.40 7.16
C VAL E 24 -48.75 14.46 8.67
N SER E 25 -48.37 13.33 9.28
CA SER E 25 -48.06 13.26 10.69
C SER E 25 -46.61 12.78 10.84
N GLY E 26 -45.82 13.53 11.59
CA GLY E 26 -44.43 13.15 11.79
C GLY E 26 -43.45 14.24 11.39
N GLY E 27 -42.68 13.97 10.34
CA GLY E 27 -41.61 14.84 9.91
C GLY E 27 -42.00 15.96 8.97
N SER E 28 -43.30 16.24 8.80
CA SER E 28 -43.87 17.33 8.02
C SER E 28 -43.52 17.26 6.54
N ILE E 29 -43.89 18.29 5.78
CA ILE E 29 -43.56 18.28 4.33
C ILE E 29 -42.08 18.63 4.16
N SER E 30 -41.23 17.61 3.98
CA SER E 30 -39.77 17.80 3.81
C SER E 30 -39.50 18.43 2.46
N SER E 31 -38.36 19.09 2.32
CA SER E 31 -38.13 19.84 1.07
C SER E 31 -37.08 19.23 0.18
N GLY E 32 -36.70 17.98 0.41
CA GLY E 32 -35.54 17.53 -0.38
C GLY E 32 -35.65 16.23 -1.11
N GLY E 33 -36.48 16.17 -2.13
CA GLY E 33 -36.44 14.94 -2.92
C GLY E 33 -37.72 14.16 -2.95
N TYR E 34 -38.88 14.80 -2.99
CA TYR E 34 -40.10 13.98 -2.95
C TYR E 34 -41.13 14.42 -3.97
N TYR E 35 -41.92 13.48 -4.49
CA TYR E 35 -43.00 13.78 -5.45
C TYR E 35 -44.29 13.47 -4.71
N TRP E 36 -45.16 14.44 -4.43
CA TRP E 36 -46.37 14.28 -3.64
C TRP E 36 -47.51 14.02 -4.61
N SER E 37 -48.02 12.79 -4.61
CA SER E 37 -48.83 12.33 -5.72
C SER E 37 -50.17 11.79 -5.25
N TRP E 38 -51.15 11.88 -6.14
CA TRP E 38 -52.46 11.26 -5.98
C TRP E 38 -52.62 10.22 -7.07
N ILE E 39 -52.91 8.99 -6.66
CA ILE E 39 -53.14 7.84 -7.56
C ILE E 39 -54.44 7.17 -7.15
N ARG E 40 -55.26 6.81 -8.13
CA ARG E 40 -56.62 6.32 -7.88
C ARG E 40 -56.81 4.91 -8.42
N GLN E 41 -57.84 4.24 -7.91
CA GLN E 41 -58.17 2.87 -8.30
C GLN E 41 -59.68 2.72 -8.26
N HIS E 42 -60.28 2.36 -9.37
CA HIS E 42 -61.70 2.04 -9.31
C HIS E 42 -61.89 0.64 -8.73
N PRO E 43 -62.91 0.43 -7.90
CA PRO E 43 -63.22 -0.93 -7.42
C PRO E 43 -63.70 -1.81 -8.57
N GLY E 44 -62.88 -2.80 -8.91
CA GLY E 44 -63.12 -3.59 -10.10
C GLY E 44 -62.32 -3.18 -11.30
N LYS E 45 -61.32 -2.33 -11.13
CA LYS E 45 -60.42 -1.93 -12.21
C LYS E 45 -59.00 -1.87 -11.68
N GLY E 46 -58.10 -1.37 -12.51
CA GLY E 46 -56.70 -1.26 -12.14
C GLY E 46 -56.34 0.12 -11.59
N LEU E 47 -55.07 0.27 -11.26
CA LEU E 47 -54.57 1.53 -10.73
C LEU E 47 -54.34 2.55 -11.84
N GLU E 48 -54.76 3.79 -11.59
CA GLU E 48 -54.66 4.85 -12.58
C GLU E 48 -54.14 6.11 -11.90
N TRP E 49 -53.25 6.81 -12.59
CA TRP E 49 -52.56 7.97 -12.04
C TRP E 49 -53.38 9.24 -12.21
N ILE E 50 -53.48 10.03 -11.14
CA ILE E 50 -54.13 11.35 -11.20
C ILE E 50 -53.11 12.45 -11.43
N GLY E 51 -52.16 12.62 -10.52
CA GLY E 51 -51.17 13.67 -10.74
C GLY E 51 -50.29 13.93 -9.52
N TYR E 52 -49.14 14.59 -9.76
CA TYR E 52 -48.15 14.93 -8.69
C TYR E 52 -47.77 16.41 -8.63
N ILE E 53 -47.22 16.86 -7.49
CA ILE E 53 -46.79 18.28 -7.27
C ILE E 53 -45.46 18.28 -6.54
N TYR E 54 -44.55 19.20 -6.85
CA TYR E 54 -43.28 19.29 -6.08
C TYR E 54 -43.49 20.27 -4.93
N TYR E 55 -42.52 20.44 -4.05
CA TYR E 55 -42.67 21.31 -2.85
C TYR E 55 -42.94 22.75 -3.24
N SER E 56 -42.18 23.24 -4.22
CA SER E 56 -42.20 24.67 -4.57
C SER E 56 -43.46 25.11 -5.27
N GLY E 57 -44.23 24.21 -5.86
CA GLY E 57 -45.50 24.66 -6.45
C GLY E 57 -45.64 24.28 -7.89
N SER E 58 -44.62 23.68 -8.47
CA SER E 58 -44.73 23.16 -9.84
C SER E 58 -45.72 22.00 -9.84
N THR E 59 -46.52 21.86 -10.89
CA THR E 59 -47.53 20.76 -10.95
C THR E 59 -47.41 19.98 -12.26
N TYR E 60 -47.80 18.72 -12.27
CA TYR E 60 -47.82 17.93 -13.53
C TYR E 60 -49.10 17.08 -13.47
N TYR E 61 -49.96 17.16 -14.48
CA TYR E 61 -51.29 16.50 -14.37
C TYR E 61 -51.47 15.50 -15.51
N ASN E 62 -52.29 14.48 -15.30
CA ASN E 62 -52.59 13.48 -16.32
C ASN E 62 -53.16 14.15 -17.56
N PRO E 63 -52.67 13.83 -18.76
CA PRO E 63 -53.24 14.41 -19.98
C PRO E 63 -54.68 14.00 -20.25
N SER E 64 -55.08 12.80 -19.86
CA SER E 64 -56.44 12.35 -20.16
C SER E 64 -57.47 13.00 -19.24
N LEU E 65 -57.13 13.18 -17.95
CA LEU E 65 -58.03 13.76 -16.97
C LEU E 65 -57.68 15.20 -16.65
N LYS E 66 -57.28 15.99 -17.67
CA LYS E 66 -56.89 17.42 -17.48
C LYS E 66 -58.10 18.34 -17.55
N SER E 67 -59.29 17.84 -17.22
CA SER E 67 -60.47 18.68 -17.39
C SER E 67 -60.63 19.68 -16.25
N ARG E 68 -60.85 19.19 -15.03
CA ARG E 68 -60.95 20.06 -13.85
C ARG E 68 -60.22 19.37 -12.71
N VAL E 69 -58.92 19.66 -12.61
CA VAL E 69 -58.06 19.14 -11.54
C VAL E 69 -57.30 20.30 -10.91
N THR E 70 -57.18 20.26 -9.58
CA THR E 70 -56.40 21.27 -8.87
C THR E 70 -55.65 20.59 -7.73
N ILE E 71 -54.36 20.88 -7.59
CA ILE E 71 -53.57 20.38 -6.48
C ILE E 71 -52.91 21.56 -5.79
N SER E 72 -52.81 21.49 -4.47
CA SER E 72 -52.32 22.63 -3.71
C SER E 72 -51.64 22.17 -2.45
N VAL E 73 -50.56 22.84 -2.07
CA VAL E 73 -49.74 22.46 -0.92
C VAL E 73 -49.77 23.60 0.09
N ASP E 74 -50.18 23.29 1.32
CA ASP E 74 -50.06 24.20 2.45
C ASP E 74 -48.97 23.66 3.35
N THR E 75 -47.83 24.36 3.38
CA THR E 75 -46.66 23.89 4.11
C THR E 75 -46.82 24.03 5.62
N SER E 76 -47.43 25.13 6.07
CA SER E 76 -47.56 25.38 7.51
C SER E 76 -48.53 24.41 8.18
N LYS E 77 -49.56 23.98 7.45
CA LYS E 77 -50.51 23.01 7.99
C LYS E 77 -50.11 21.57 7.70
N ASN E 78 -49.01 21.36 6.96
CA ASN E 78 -48.53 20.05 6.51
C ASN E 78 -49.59 19.29 5.73
N GLN E 79 -50.23 19.98 4.78
CA GLN E 79 -51.33 19.41 4.02
C GLN E 79 -51.12 19.61 2.53
N PHE E 80 -51.74 18.74 1.75
CA PHE E 80 -51.95 19.03 0.34
C PHE E 80 -53.33 18.51 -0.04
N SER E 81 -53.88 19.09 -1.11
CA SER E 81 -55.29 18.91 -1.42
C SER E 81 -55.49 18.75 -2.92
N LEU E 82 -56.56 18.01 -3.26
CA LEU E 82 -56.92 17.67 -4.63
C LEU E 82 -58.38 18.02 -4.87
N LYS E 83 -58.65 18.64 -6.02
CA LYS E 83 -59.97 19.13 -6.40
C LYS E 83 -60.34 18.58 -7.77
N LEU E 84 -61.43 17.82 -7.84
CA LEU E 84 -61.98 17.24 -9.05
C LEU E 84 -63.39 17.79 -9.28
N SER E 85 -63.99 17.40 -10.39
CA SER E 85 -65.34 17.83 -10.73
C SER E 85 -66.00 16.81 -11.63
N SER E 86 -67.33 16.91 -11.72
CA SER E 86 -68.20 16.05 -12.54
C SER E 86 -68.02 14.58 -12.21
N VAL E 87 -68.12 14.27 -10.91
CA VAL E 87 -67.85 12.92 -10.42
C VAL E 87 -69.05 12.02 -10.75
N THR E 88 -68.86 11.13 -11.71
CA THR E 88 -69.86 10.16 -12.14
C THR E 88 -69.50 8.79 -11.54
N ALA E 89 -70.25 7.76 -11.96
CA ALA E 89 -70.06 6.42 -11.43
C ALA E 89 -68.71 5.81 -11.80
N ALA E 90 -68.12 6.23 -12.93
CA ALA E 90 -66.76 5.80 -13.25
C ALA E 90 -65.74 6.49 -12.37
N ASP E 91 -66.08 7.67 -11.84
CA ASP E 91 -65.16 8.42 -11.00
C ASP E 91 -65.30 8.08 -9.52
N THR E 92 -66.37 7.39 -9.12
CA THR E 92 -66.51 6.95 -7.73
C THR E 92 -65.55 5.79 -7.49
N ALA E 93 -64.54 6.02 -6.66
CA ALA E 93 -63.38 5.13 -6.63
C ALA E 93 -62.62 5.34 -5.34
N VAL E 94 -61.50 4.64 -5.20
CA VAL E 94 -60.64 4.74 -4.03
C VAL E 94 -59.43 5.60 -4.39
N TYR E 95 -59.12 6.55 -3.51
CA TYR E 95 -58.03 7.49 -3.74
C TYR E 95 -56.90 7.21 -2.76
N TYR E 96 -55.66 7.37 -3.23
CA TYR E 96 -54.46 7.19 -2.42
C TYR E 96 -53.54 8.38 -2.61
N CYS E 97 -52.95 8.84 -1.52
CA CYS E 97 -51.92 9.87 -1.55
C CYS E 97 -50.58 9.26 -1.17
N ALA E 98 -49.53 9.63 -1.89
CA ALA E 98 -48.25 8.95 -1.78
C ALA E 98 -47.10 9.96 -1.82
N ARG E 99 -45.99 9.55 -1.20
CA ARG E 99 -44.73 10.30 -1.13
C ARG E 99 -43.67 9.46 -1.82
N VAL E 100 -43.38 9.79 -3.09
CA VAL E 100 -42.41 9.01 -3.85
C VAL E 100 -41.08 9.76 -3.85
N PRO E 101 -39.96 9.13 -3.51
CA PRO E 101 -38.68 9.83 -3.59
C PRO E 101 -38.21 10.02 -5.04
N PHE E 102 -37.47 11.12 -5.26
CA PHE E 102 -36.82 11.31 -6.55
C PHE E 102 -35.75 10.25 -6.78
N TYR E 103 -34.89 10.06 -5.79
CA TYR E 103 -33.70 9.20 -5.99
C TYR E 103 -33.78 7.88 -5.23
N TYR E 104 -33.05 6.89 -5.70
CA TYR E 104 -32.94 5.62 -4.95
C TYR E 104 -31.60 5.63 -4.23
N ASP E 105 -31.63 5.73 -2.89
CA ASP E 105 -30.39 5.81 -2.09
C ASP E 105 -30.47 4.70 -1.06
N SER E 106 -30.08 3.49 -1.42
CA SER E 106 -30.20 2.31 -0.51
C SER E 106 -29.33 2.45 0.74
N SER E 107 -28.11 2.95 0.62
CA SER E 107 -27.19 2.96 1.77
C SER E 107 -27.27 4.25 2.59
N GLY E 108 -28.16 5.18 2.24
CA GLY E 108 -28.37 6.39 3.06
C GLY E 108 -27.39 7.53 2.86
N TYR E 109 -26.81 7.69 1.67
CA TYR E 109 -25.75 8.72 1.46
C TYR E 109 -26.29 10.08 1.01
N TYR E 110 -27.55 10.20 0.58
CA TYR E 110 -28.13 11.52 0.23
C TYR E 110 -29.13 11.93 1.30
N TYR E 111 -30.22 11.17 1.48
CA TYR E 111 -31.22 11.44 2.54
C TYR E 111 -30.66 10.79 3.79
N GLY E 112 -30.35 11.53 4.87
CA GLY E 112 -29.63 10.98 6.04
C GLY E 112 -30.34 9.93 6.88
N ASN E 113 -31.60 10.14 7.26
CA ASN E 113 -32.36 9.09 7.99
C ASN E 113 -32.74 7.98 7.02
N ALA E 114 -32.69 6.73 7.46
CA ALA E 114 -33.01 5.57 6.59
C ALA E 114 -34.48 5.61 6.18
N ASP E 115 -35.35 6.07 7.06
CA ASP E 115 -36.81 6.17 6.76
C ASP E 115 -37.07 7.14 5.60
N ASP E 116 -36.28 8.21 5.49
CA ASP E 116 -36.50 9.26 4.46
C ASP E 116 -36.38 8.72 3.02
N ALA E 117 -36.07 7.44 2.82
CA ALA E 117 -35.98 6.81 1.52
C ALA E 117 -37.07 5.77 1.32
N PHE E 118 -38.22 5.95 1.95
CA PHE E 118 -39.33 5.01 1.87
C PHE E 118 -40.50 5.64 1.14
N ASP E 119 -41.13 4.85 0.26
CA ASP E 119 -42.32 5.27 -0.48
C ASP E 119 -43.53 5.00 0.41
N ILE E 120 -43.76 5.91 1.35
CA ILE E 120 -44.89 5.78 2.27
C ILE E 120 -46.17 6.18 1.55
N TRP E 121 -47.16 5.30 1.61
CA TRP E 121 -48.44 5.49 0.93
C TRP E 121 -49.54 5.81 1.93
N GLY E 122 -50.69 6.19 1.40
CA GLY E 122 -51.84 6.47 2.22
C GLY E 122 -52.68 5.25 2.50
N GLN E 123 -53.63 5.39 3.44
CA GLN E 123 -54.52 4.29 3.76
C GLN E 123 -55.52 4.03 2.62
N GLY E 124 -55.97 5.09 1.97
CA GLY E 124 -56.93 4.97 0.90
C GLY E 124 -58.33 5.31 1.35
N THR E 125 -59.02 6.16 0.60
CA THR E 125 -60.36 6.60 0.97
C THR E 125 -61.29 6.34 -0.21
N MET E 126 -62.37 5.61 0.03
CA MET E 126 -63.35 5.34 -1.01
C MET E 126 -64.37 6.48 -1.06
N VAL E 127 -64.53 7.07 -2.23
CA VAL E 127 -65.42 8.20 -2.44
C VAL E 127 -66.48 7.78 -3.45
N THR E 128 -67.74 7.90 -3.04
CA THR E 128 -68.87 7.55 -3.91
C THR E 128 -69.82 8.74 -4.06
N ASP F 1 -47.49 9.29 -23.74
CA ASP F 1 -48.61 8.38 -23.90
C ASP F 1 -48.13 6.94 -24.02
N ILE F 2 -47.03 6.63 -23.33
CA ILE F 2 -46.47 5.29 -23.37
C ILE F 2 -47.33 4.34 -22.54
N GLN F 3 -47.63 3.18 -23.11
CA GLN F 3 -48.50 2.19 -22.49
C GLN F 3 -47.70 0.94 -22.13
N MET F 4 -48.07 0.32 -21.01
CA MET F 4 -47.44 -0.89 -20.53
C MET F 4 -48.25 -2.10 -20.96
N THR F 5 -47.61 -3.26 -20.97
CA THR F 5 -48.37 -4.50 -21.06
C THR F 5 -47.75 -5.57 -20.19
N GLN F 6 -48.59 -6.45 -19.66
CA GLN F 6 -48.17 -7.54 -18.80
C GLN F 6 -48.80 -8.84 -19.27
N SER F 7 -48.08 -9.94 -19.09
CA SER F 7 -48.56 -11.25 -19.50
C SER F 7 -47.83 -12.32 -18.72
N PRO F 8 -48.53 -13.38 -18.24
CA PRO F 8 -49.99 -13.58 -18.33
C PRO F 8 -50.73 -12.92 -17.17
N SER F 9 -52.05 -12.75 -17.32
CA SER F 9 -52.82 -12.04 -16.30
C SER F 9 -53.01 -12.88 -15.04
N SER F 10 -52.97 -14.20 -15.16
CA SER F 10 -53.18 -15.09 -14.04
C SER F 10 -51.97 -16.03 -13.91
N LEU F 11 -51.46 -16.17 -12.70
CA LEU F 11 -50.36 -17.08 -12.40
C LEU F 11 -50.81 -18.02 -11.29
N SER F 12 -50.71 -19.32 -11.55
CA SER F 12 -51.08 -20.34 -10.56
C SER F 12 -49.91 -21.30 -10.38
N ALA F 13 -49.45 -21.43 -9.14
CA ALA F 13 -48.35 -22.33 -8.81
C ALA F 13 -48.45 -22.72 -7.35
N SER F 14 -47.74 -23.79 -7.00
CA SER F 14 -47.70 -24.28 -5.63
C SER F 14 -46.60 -23.57 -4.84
N VAL F 15 -46.42 -23.99 -3.60
CA VAL F 15 -45.43 -23.36 -2.72
C VAL F 15 -44.05 -23.87 -3.10
N GLY F 16 -43.11 -22.95 -3.26
CA GLY F 16 -41.74 -23.28 -3.59
C GLY F 16 -41.40 -23.17 -5.07
N ASP F 17 -42.26 -22.58 -5.88
CA ASP F 17 -42.04 -22.51 -7.32
C ASP F 17 -41.44 -21.16 -7.70
N ARG F 18 -40.67 -21.17 -8.79
CA ARG F 18 -40.11 -19.93 -9.33
C ARG F 18 -41.09 -19.31 -10.31
N VAL F 19 -41.36 -18.02 -10.13
CA VAL F 19 -42.28 -17.27 -10.98
C VAL F 19 -41.51 -16.15 -11.65
N THR F 20 -41.49 -16.16 -12.98
CA THR F 20 -40.86 -15.11 -13.78
C THR F 20 -41.94 -14.38 -14.54
N ILE F 21 -42.04 -13.06 -14.32
CA ILE F 21 -43.15 -12.27 -14.80
C ILE F 21 -42.61 -11.07 -15.57
N THR F 22 -43.30 -10.69 -16.64
CA THR F 22 -42.78 -9.76 -17.62
C THR F 22 -43.62 -8.49 -17.70
N CYS F 23 -42.93 -7.36 -17.87
CA CYS F 23 -43.55 -6.08 -18.20
C CYS F 23 -42.87 -5.56 -19.45
N ARG F 24 -43.67 -5.24 -20.47
CA ARG F 24 -43.16 -4.89 -21.79
C ARG F 24 -43.65 -3.50 -22.18
N ALA F 25 -42.74 -2.71 -22.75
CA ALA F 25 -43.01 -1.35 -23.18
C ALA F 25 -42.57 -1.18 -24.62
N SER F 26 -43.31 -0.36 -25.38
CA SER F 26 -42.96 -0.13 -26.78
C SER F 26 -41.75 0.78 -26.92
N GLN F 27 -41.70 1.87 -26.14
CA GLN F 27 -40.61 2.83 -26.26
C GLN F 27 -39.36 2.35 -25.53
N GLY F 28 -38.28 3.11 -25.71
CA GLY F 28 -37.01 2.78 -25.10
C GLY F 28 -36.82 3.35 -23.71
N ILE F 29 -37.55 2.77 -22.74
CA ILE F 29 -37.51 3.25 -21.32
C ILE F 29 -36.24 2.69 -20.67
N ARG F 30 -35.31 3.55 -20.28
CA ARG F 30 -34.02 3.08 -19.72
C ARG F 30 -34.17 2.80 -18.22
N ASN F 31 -34.38 1.56 -17.81
CA ASN F 31 -34.39 1.21 -16.36
C ASN F 31 -35.24 2.16 -15.52
N ASP F 32 -36.43 2.51 -15.99
CA ASP F 32 -37.33 3.34 -15.16
C ASP F 32 -38.56 2.53 -14.80
N LEU F 33 -38.45 1.58 -13.88
CA LEU F 33 -39.60 0.73 -13.62
C LEU F 33 -39.61 0.32 -12.16
N GLY F 34 -40.79 0.28 -11.57
CA GLY F 34 -40.95 -0.16 -10.20
C GLY F 34 -42.06 -1.19 -10.09
N TRP F 35 -41.95 -2.04 -9.09
CA TRP F 35 -42.90 -3.12 -8.87
C TRP F 35 -43.66 -2.90 -7.57
N TYR F 36 -44.99 -2.84 -7.69
CA TYR F 36 -45.86 -2.64 -6.53
C TYR F 36 -46.65 -3.91 -6.24
N GLN F 37 -46.73 -4.25 -4.97
CA GLN F 37 -47.47 -5.41 -4.48
C GLN F 37 -48.67 -4.93 -3.70
N GLN F 38 -49.86 -5.35 -4.13
CA GLN F 38 -51.11 -4.92 -3.50
C GLN F 38 -51.80 -6.11 -2.87
N LYS F 39 -52.02 -6.02 -1.55
CA LYS F 39 -52.89 -6.94 -0.85
C LYS F 39 -54.35 -6.58 -1.14
N PRO F 40 -55.27 -7.54 -0.99
CA PRO F 40 -56.70 -7.23 -1.17
C PRO F 40 -57.20 -6.27 -0.09
N GLY F 41 -57.78 -5.15 -0.53
CA GLY F 41 -58.29 -4.13 0.36
C GLY F 41 -57.23 -3.39 1.15
N LYS F 42 -56.09 -3.11 0.53
CA LYS F 42 -54.97 -2.48 1.23
C LYS F 42 -54.12 -1.75 0.19
N ALA F 43 -53.37 -0.76 0.66
CA ALA F 43 -52.53 0.05 -0.22
C ALA F 43 -51.37 -0.75 -0.78
N PRO F 44 -50.89 -0.40 -1.98
CA PRO F 44 -49.69 -1.06 -2.51
C PRO F 44 -48.44 -0.71 -1.73
N LYS F 45 -47.41 -1.53 -1.92
CA LYS F 45 -46.10 -1.31 -1.32
C LYS F 45 -45.02 -1.47 -2.37
N ARG F 46 -43.95 -0.69 -2.24
CA ARG F 46 -42.85 -0.75 -3.18
C ARG F 46 -42.00 -1.99 -2.94
N LEU F 47 -41.50 -2.59 -4.02
CA LEU F 47 -40.56 -3.68 -3.93
C LEU F 47 -39.21 -3.37 -4.57
N ILE F 48 -39.21 -2.94 -5.83
CA ILE F 48 -37.98 -2.74 -6.60
C ILE F 48 -37.94 -1.30 -7.09
N TYR F 49 -36.81 -0.64 -6.88
CA TYR F 49 -36.54 0.69 -7.43
C TYR F 49 -35.70 0.55 -8.68
N ALA F 50 -36.12 1.22 -9.76
CA ALA F 50 -35.37 1.35 -11.03
C ALA F 50 -35.03 0.00 -11.66
N ALA F 51 -35.92 -0.98 -11.48
CA ALA F 51 -35.95 -2.30 -12.11
C ALA F 51 -34.80 -3.23 -11.71
N SER F 52 -33.83 -2.79 -10.91
CA SER F 52 -32.77 -3.66 -10.47
C SER F 52 -32.31 -3.46 -9.04
N SER F 53 -32.94 -2.56 -8.28
CA SER F 53 -32.50 -2.24 -6.93
C SER F 53 -33.67 -2.46 -5.98
N LEU F 54 -33.41 -3.28 -4.97
CA LEU F 54 -34.43 -3.61 -3.96
C LEU F 54 -34.47 -2.53 -2.90
N GLN F 55 -35.64 -2.31 -2.34
CA GLN F 55 -35.79 -1.41 -1.20
C GLN F 55 -35.25 -2.08 0.06
N SER F 56 -34.85 -1.28 1.03
CA SER F 56 -34.39 -1.80 2.32
C SER F 56 -35.55 -2.45 3.07
N GLY F 57 -35.32 -3.64 3.59
CA GLY F 57 -36.36 -4.42 4.24
C GLY F 57 -37.00 -5.48 3.37
N VAL F 58 -36.80 -5.40 2.06
CA VAL F 58 -37.37 -6.40 1.14
C VAL F 58 -36.59 -7.70 1.28
N PRO F 59 -37.25 -8.85 1.41
CA PRO F 59 -36.54 -10.13 1.47
C PRO F 59 -35.85 -10.47 0.16
N SER F 60 -34.80 -11.28 0.26
CA SER F 60 -33.90 -11.54 -0.86
C SER F 60 -34.49 -12.46 -1.92
N ARG F 61 -35.65 -13.06 -1.67
CA ARG F 61 -36.26 -13.94 -2.68
C ARG F 61 -36.76 -13.16 -3.90
N PHE F 62 -37.11 -11.89 -3.72
CA PHE F 62 -37.53 -11.06 -4.85
C PHE F 62 -36.31 -10.57 -5.59
N SER F 63 -36.31 -10.71 -6.91
CA SER F 63 -35.22 -10.20 -7.72
C SER F 63 -35.79 -9.62 -9.01
N GLY F 64 -35.05 -8.71 -9.62
CA GLY F 64 -35.49 -8.07 -10.85
C GLY F 64 -34.36 -7.94 -11.83
N SER F 65 -34.72 -7.94 -13.11
CA SER F 65 -33.76 -7.75 -14.19
C SER F 65 -34.49 -7.15 -15.38
N GLY F 66 -33.73 -6.84 -16.41
CA GLY F 66 -34.32 -6.35 -17.64
C GLY F 66 -33.90 -4.93 -17.94
N SER F 67 -34.05 -4.57 -19.22
CA SER F 67 -33.58 -3.28 -19.70
C SER F 67 -34.24 -2.98 -21.05
N GLY F 68 -34.41 -1.70 -21.33
CA GLY F 68 -34.95 -1.30 -22.62
C GLY F 68 -36.44 -1.56 -22.69
N THR F 69 -36.85 -2.34 -23.69
CA THR F 69 -38.27 -2.57 -23.93
C THR F 69 -38.89 -3.55 -22.93
N GLU F 70 -38.12 -4.49 -22.39
CA GLU F 70 -38.66 -5.55 -21.55
C GLU F 70 -37.98 -5.57 -20.19
N PHE F 71 -38.75 -5.95 -19.17
CA PHE F 71 -38.24 -6.14 -17.82
C PHE F 71 -38.92 -7.36 -17.22
N THR F 72 -38.22 -8.04 -16.31
CA THR F 72 -38.71 -9.25 -15.67
C THR F 72 -38.48 -9.20 -14.17
N LEU F 73 -39.42 -9.80 -13.45
CA LEU F 73 -39.34 -9.96 -12.01
C LEU F 73 -39.41 -11.45 -11.67
N THR F 74 -38.54 -11.90 -10.76
CA THR F 74 -38.41 -13.30 -10.41
C THR F 74 -38.63 -13.49 -8.92
N ILE F 75 -39.50 -14.45 -8.59
CA ILE F 75 -39.70 -14.90 -7.21
C ILE F 75 -39.21 -16.33 -7.13
N SER F 76 -38.23 -16.57 -6.25
CA SER F 76 -37.61 -17.89 -6.15
C SER F 76 -38.51 -18.91 -5.49
N SER F 77 -39.14 -18.54 -4.37
CA SER F 77 -39.98 -19.48 -3.62
C SER F 77 -41.16 -18.74 -3.05
N LEU F 78 -42.33 -19.36 -3.12
CA LEU F 78 -43.56 -18.74 -2.65
C LEU F 78 -43.77 -19.01 -1.17
N GLN F 79 -44.73 -18.29 -0.61
CA GLN F 79 -45.20 -18.42 0.76
C GLN F 79 -46.72 -18.23 0.75
N PRO F 80 -47.43 -18.69 1.78
CA PRO F 80 -48.87 -18.42 1.85
C PRO F 80 -49.25 -16.95 1.96
N GLU F 81 -48.34 -16.08 2.41
CA GLU F 81 -48.63 -14.65 2.51
C GLU F 81 -48.30 -13.88 1.24
N ASP F 82 -48.02 -14.58 0.14
CA ASP F 82 -47.69 -13.95 -1.14
C ASP F 82 -48.88 -13.81 -2.06
N PHE F 83 -50.09 -13.97 -1.55
CA PHE F 83 -51.29 -13.77 -2.36
C PHE F 83 -51.54 -12.27 -2.51
N ALA F 84 -51.25 -11.74 -3.69
CA ALA F 84 -51.32 -10.31 -3.92
C ALA F 84 -51.54 -10.07 -5.42
N THR F 85 -51.38 -8.81 -5.84
CA THR F 85 -51.40 -8.45 -7.25
C THR F 85 -50.21 -7.53 -7.51
N TYR F 86 -49.50 -7.77 -8.60
CA TYR F 86 -48.26 -7.05 -8.88
C TYR F 86 -48.42 -6.14 -10.10
N TYR F 87 -47.98 -4.89 -9.95
CA TYR F 87 -48.06 -3.89 -10.99
C TYR F 87 -46.66 -3.37 -11.32
N CYS F 88 -46.46 -2.99 -12.58
CA CYS F 88 -45.23 -2.33 -13.00
C CYS F 88 -45.54 -0.88 -13.36
N LEU F 89 -44.75 0.03 -12.80
CA LEU F 89 -44.95 1.47 -12.97
C LEU F 89 -43.72 2.08 -13.63
N GLN F 90 -43.94 2.85 -14.69
CA GLN F 90 -42.86 3.54 -15.38
C GLN F 90 -42.85 5.01 -14.97
N HIS F 91 -41.65 5.59 -14.96
CA HIS F 91 -41.49 7.03 -14.73
C HIS F 91 -40.44 7.63 -15.65
N ASN F 92 -40.46 7.28 -16.93
CA ASN F 92 -39.53 7.87 -17.88
C ASN F 92 -39.87 9.33 -18.17
N SER F 93 -41.05 9.57 -18.73
CA SER F 93 -41.50 10.92 -18.98
C SER F 93 -42.21 11.46 -17.74
N TYR F 94 -42.84 12.63 -17.90
CA TYR F 94 -43.64 13.16 -16.81
C TYR F 94 -44.96 12.40 -16.64
N GLN F 95 -45.40 11.69 -17.67
CA GLN F 95 -46.61 10.89 -17.58
C GLN F 95 -46.31 9.57 -16.88
N TRP F 96 -47.17 9.20 -15.94
CA TRP F 96 -47.04 7.94 -15.21
C TRP F 96 -48.14 6.99 -15.64
N THR F 97 -47.75 5.81 -16.11
CA THR F 97 -48.69 4.77 -16.51
C THR F 97 -48.32 3.47 -15.83
N PHE F 98 -49.34 2.77 -15.32
CA PHE F 98 -49.16 1.54 -14.57
C PHE F 98 -49.37 0.34 -15.47
N GLY F 99 -49.13 -0.84 -14.89
CA GLY F 99 -49.52 -2.08 -15.54
C GLY F 99 -50.98 -2.40 -15.32
N GLN F 100 -51.50 -3.28 -16.17
CA GLN F 100 -52.92 -3.64 -16.07
C GLN F 100 -53.18 -4.51 -14.85
N GLY F 101 -52.26 -5.39 -14.52
CA GLY F 101 -52.37 -6.21 -13.33
C GLY F 101 -52.22 -7.69 -13.61
N THR F 102 -51.55 -8.39 -12.68
CA THR F 102 -51.33 -9.83 -12.78
C THR F 102 -51.65 -10.46 -11.44
N LYS F 103 -52.71 -11.26 -11.40
CA LYS F 103 -53.10 -11.94 -10.17
C LYS F 103 -52.32 -13.23 -9.99
N VAL F 104 -51.89 -13.49 -8.76
CA VAL F 104 -51.15 -14.71 -8.42
C VAL F 104 -52.03 -15.57 -7.51
N GLU F 105 -52.03 -16.88 -7.76
CA GLU F 105 -52.82 -17.82 -6.98
C GLU F 105 -52.17 -19.19 -6.93
N ASP G 18 -0.83 45.31 -30.77
CA ASP G 18 -1.20 45.20 -29.37
C ASP G 18 -1.59 43.76 -29.03
N THR G 19 -0.66 43.01 -28.45
CA THR G 19 -0.86 41.60 -28.13
C THR G 19 -0.66 41.34 -26.65
N ILE G 20 -1.32 40.30 -26.15
CA ILE G 20 -1.07 39.75 -24.82
C ILE G 20 -1.06 38.24 -24.94
N CYS G 21 -0.11 37.60 -24.27
CA CYS G 21 0.09 36.17 -24.39
C CYS G 21 0.21 35.54 -23.00
N ILE G 22 -0.05 34.25 -22.92
CA ILE G 22 0.00 33.50 -21.66
C ILE G 22 0.96 32.33 -21.85
N GLY G 23 1.93 32.22 -20.95
CA GLY G 23 2.91 31.16 -21.04
C GLY G 23 3.45 30.79 -19.67
N TYR G 24 4.45 29.91 -19.66
CA TYR G 24 5.07 29.47 -18.43
C TYR G 24 6.60 29.61 -18.52
N HIS G 25 7.28 29.07 -17.52
CA HIS G 25 8.66 29.41 -17.23
C HIS G 25 9.58 28.21 -17.44
N ALA G 26 10.71 28.44 -18.09
CA ALA G 26 11.67 27.39 -18.41
C ALA G 26 13.08 27.87 -18.08
N ASN G 27 13.97 26.93 -17.85
CA ASN G 27 15.37 27.25 -17.55
C ASN G 27 16.27 26.14 -18.12
N ASN G 28 17.52 26.11 -17.67
CA ASN G 28 18.54 25.24 -18.22
C ASN G 28 18.80 24.01 -17.37
N SER G 29 17.86 23.65 -16.49
CA SER G 29 18.09 22.55 -15.56
C SER G 29 18.03 21.20 -16.28
N THR G 30 18.76 20.23 -15.75
CA THR G 30 18.84 18.90 -16.32
C THR G 30 18.34 17.81 -15.36
N ASP G 31 17.44 18.15 -14.45
CA ASP G 31 16.88 17.16 -13.55
C ASP G 31 15.83 16.32 -14.27
N THR G 32 15.88 15.02 -14.04
CA THR G 32 14.99 14.07 -14.69
C THR G 32 14.21 13.28 -13.66
N VAL G 33 12.92 13.07 -13.93
CA VAL G 33 12.03 12.33 -13.05
C VAL G 33 11.35 11.22 -13.85
N ASP G 34 10.55 10.42 -13.16
CA ASP G 34 9.82 9.31 -13.77
C ASP G 34 8.33 9.47 -13.51
N THR G 35 7.53 9.09 -14.50
CA THR G 35 6.07 9.10 -14.45
C THR G 35 5.57 7.73 -14.91
N VAL G 36 4.26 7.62 -15.14
CA VAL G 36 3.69 6.34 -15.52
C VAL G 36 3.67 6.15 -17.04
N CYS G 37 3.65 7.24 -17.81
CA CYS G 37 3.88 7.11 -19.24
C CYS G 37 5.36 7.14 -19.58
N GLU G 38 6.03 8.23 -19.24
CA GLU G 38 7.34 8.53 -19.77
C GLU G 38 8.40 8.46 -18.69
N LYS G 39 9.52 7.90 -19.08
CA LYS G 39 10.65 7.85 -18.15
C LYS G 39 11.63 8.94 -18.59
N ASN G 40 12.47 9.43 -17.71
CA ASN G 40 13.45 10.48 -17.91
C ASN G 40 12.82 11.76 -18.48
N VAL G 41 11.93 12.34 -17.68
CA VAL G 41 11.25 13.58 -18.04
C VAL G 41 11.97 14.74 -17.38
N THR G 42 12.39 15.71 -18.19
CA THR G 42 13.15 16.84 -17.69
C THR G 42 12.24 17.85 -17.02
N VAL G 43 12.61 18.25 -15.79
CA VAL G 43 11.82 19.19 -15.01
C VAL G 43 12.69 20.37 -14.61
N THR G 44 12.04 21.50 -14.30
CA THR G 44 12.78 22.70 -13.93
C THR G 44 13.28 22.62 -12.49
N HIS G 45 12.43 22.18 -11.56
CA HIS G 45 12.79 22.07 -10.16
C HIS G 45 12.34 20.73 -9.61
N SER G 46 13.13 20.17 -8.70
CA SER G 46 12.82 18.88 -8.10
C SER G 46 13.50 18.79 -6.74
N VAL G 47 12.99 17.89 -5.89
CA VAL G 47 13.56 17.65 -4.57
C VAL G 47 13.95 16.18 -4.46
N ASN G 48 15.00 15.92 -3.70
CA ASN G 48 15.52 14.59 -3.48
C ASN G 48 15.11 14.09 -2.10
N LEU G 49 14.56 12.88 -2.05
CA LEU G 49 14.10 12.29 -0.79
C LEU G 49 14.91 11.06 -0.39
N LEU G 50 16.09 10.84 -0.97
CA LEU G 50 16.94 9.71 -0.65
C LEU G 50 18.33 10.20 -0.26
N GLU G 51 18.92 9.56 0.75
CA GLU G 51 20.24 9.92 1.24
C GLU G 51 21.18 8.74 1.04
N ASP G 52 22.37 9.01 0.49
CA ASP G 52 23.35 7.97 0.22
C ASP G 52 24.79 8.39 0.56
N SER G 53 24.97 9.24 1.56
CA SER G 53 26.29 9.68 2.00
C SER G 53 26.43 9.49 3.50
N HIS G 54 27.62 9.03 3.93
CA HIS G 54 27.90 8.83 5.34
C HIS G 54 29.33 9.25 5.63
N ASN G 55 29.61 9.50 6.91
CA ASN G 55 30.96 9.88 7.33
C ASN G 55 31.96 8.74 7.19
N GLY G 56 31.53 7.52 7.47
CA GLY G 56 32.46 6.41 7.55
C GLY G 56 33.12 6.24 8.89
N LYS G 57 32.64 6.95 9.93
CA LYS G 57 33.27 6.96 11.24
C LYS G 57 32.21 6.71 12.31
N LEU G 58 32.49 5.74 13.20
CA LEU G 58 31.73 5.62 14.43
C LEU G 58 32.01 6.84 15.31
N CYS G 59 30.96 7.37 15.93
CA CYS G 59 31.16 8.61 16.67
C CYS G 59 30.06 8.74 17.73
N ARG G 60 29.94 9.94 18.30
CA ARG G 60 29.08 10.21 19.44
C ARG G 60 27.61 10.16 19.04
N LEU G 61 26.76 9.95 20.04
CA LEU G 61 25.31 9.98 19.85
C LEU G 61 24.72 10.69 21.06
N LYS G 62 24.16 11.89 20.82
CA LYS G 62 23.56 12.76 21.83
C LYS G 62 24.56 13.10 22.95
N GLY G 63 25.82 13.33 22.56
CA GLY G 63 26.82 13.80 23.49
C GLY G 63 27.33 12.78 24.48
N LYS G 64 26.98 11.50 24.26
CA LYS G 64 27.40 10.39 25.16
C LYS G 64 28.25 9.39 24.39
N ALA G 65 29.35 8.93 24.96
CA ALA G 65 30.32 8.10 24.27
C ALA G 65 29.83 6.66 24.14
N PRO G 66 30.19 5.97 23.05
CA PRO G 66 29.87 4.56 22.93
C PRO G 66 30.84 3.70 23.72
N LEU G 67 30.45 2.44 23.93
CA LEU G 67 31.31 1.44 24.56
C LEU G 67 31.92 0.58 23.46
N GLN G 68 33.20 0.78 23.20
CA GLN G 68 33.91 -0.03 22.21
C GLN G 68 34.43 -1.28 22.89
N LEU G 69 34.02 -2.45 22.40
CA LEU G 69 34.49 -3.70 22.95
C LEU G 69 35.91 -4.02 22.52
N GLY G 70 36.37 -3.48 21.40
CA GLY G 70 37.71 -3.77 20.94
C GLY G 70 37.81 -5.18 20.39
N ASN G 71 38.74 -5.95 20.94
CA ASN G 71 38.96 -7.33 20.54
C ASN G 71 38.24 -8.33 21.42
N CYS G 72 37.40 -7.87 22.34
CA CYS G 72 36.62 -8.73 23.22
C CYS G 72 35.20 -8.86 22.70
N ASN G 73 34.58 -10.01 22.99
CA ASN G 73 33.15 -10.16 22.76
C ASN G 73 32.41 -9.92 24.07
N ILE G 74 31.11 -10.24 24.08
CA ILE G 74 30.30 -10.02 25.27
C ILE G 74 30.68 -11.03 26.37
N ALA G 75 30.98 -12.27 25.99
CA ALA G 75 31.36 -13.29 26.96
C ALA G 75 32.68 -12.96 27.64
N GLY G 76 33.68 -12.53 26.86
CA GLY G 76 34.94 -12.12 27.43
C GLY G 76 34.86 -10.84 28.24
N TRP G 77 33.88 -9.99 27.95
CA TRP G 77 33.69 -8.80 28.77
C TRP G 77 33.04 -9.15 30.11
N VAL G 78 32.01 -10.00 30.11
CA VAL G 78 31.34 -10.28 31.37
C VAL G 78 32.19 -11.19 32.25
N LEU G 79 32.89 -12.18 31.67
CA LEU G 79 33.66 -13.09 32.50
C LEU G 79 34.95 -12.47 32.99
N GLY G 80 35.41 -11.40 32.35
CA GLY G 80 36.65 -10.76 32.75
C GLY G 80 37.85 -11.47 32.17
N ASN G 81 37.92 -11.52 30.84
CA ASN G 81 39.09 -12.04 30.15
C ASN G 81 40.31 -11.18 30.49
N PRO G 82 41.48 -11.79 30.69
CA PRO G 82 42.67 -11.02 31.13
C PRO G 82 43.16 -10.00 30.12
N GLU G 83 42.79 -10.13 28.84
CA GLU G 83 43.14 -9.14 27.83
C GLU G 83 42.09 -8.07 27.67
N CYS G 84 41.12 -8.00 28.58
CA CYS G 84 39.99 -7.09 28.47
C CYS G 84 39.86 -6.25 29.73
N GLU G 85 41.01 -5.87 30.32
CA GLU G 85 41.03 -5.23 31.63
C GLU G 85 40.50 -3.80 31.57
N SER G 86 40.69 -3.11 30.45
CA SER G 86 40.24 -1.73 30.32
C SER G 86 38.72 -1.61 30.26
N LEU G 87 38.02 -2.70 29.97
CA LEU G 87 36.55 -2.68 29.89
C LEU G 87 35.90 -2.83 31.25
N LEU G 88 36.66 -3.14 32.30
CA LEU G 88 36.11 -3.34 33.65
C LEU G 88 36.40 -2.11 34.49
N SER G 89 35.56 -1.10 34.32
CA SER G 89 35.57 0.14 35.09
C SER G 89 34.19 0.74 34.99
N ASN G 90 33.74 1.27 36.13
CA ASN G 90 32.36 1.81 36.22
C ASN G 90 32.22 2.90 35.19
N ARG G 91 31.18 2.82 34.37
CA ARG G 91 31.04 3.78 33.28
C ARG G 91 29.59 3.79 32.79
N SER G 92 29.38 4.45 31.65
CA SER G 92 28.09 4.53 30.99
C SER G 92 28.32 4.70 29.50
N TRP G 93 27.31 4.37 28.70
CA TRP G 93 27.44 4.45 27.25
C TRP G 93 26.10 4.76 26.63
N SER G 94 26.13 5.02 25.32
CA SER G 94 24.94 5.15 24.50
C SER G 94 24.68 3.92 23.65
N TYR G 95 25.73 3.27 23.15
CA TYR G 95 25.60 2.04 22.39
C TYR G 95 26.91 1.27 22.46
N ILE G 96 26.83 0.00 22.04
CA ILE G 96 27.95 -0.94 22.09
C ILE G 96 28.45 -1.14 20.68
N ALA G 97 29.77 -1.08 20.49
CA ALA G 97 30.40 -1.34 19.21
C ALA G 97 31.19 -2.64 19.30
N GLU G 98 31.14 -3.44 18.23
CA GLU G 98 31.74 -4.76 18.22
C GLU G 98 32.52 -4.98 16.93
N THR G 99 33.77 -5.42 17.07
CA THR G 99 34.55 -5.87 15.93
C THR G 99 33.96 -7.19 15.42
N PRO G 100 33.84 -7.36 14.10
CA PRO G 100 33.15 -8.56 13.55
C PRO G 100 33.78 -9.90 13.90
N ASN G 101 35.11 -10.01 13.95
CA ASN G 101 35.78 -11.25 14.33
C ASN G 101 36.64 -10.95 15.55
N SER G 102 36.05 -11.05 16.73
CA SER G 102 36.78 -10.86 17.98
C SER G 102 37.08 -12.22 18.59
N GLU G 103 38.36 -12.47 18.87
CA GLU G 103 38.82 -13.78 19.29
C GLU G 103 39.35 -13.78 20.72
N ASN G 104 38.75 -12.98 21.59
CA ASN G 104 39.10 -12.96 23.01
C ASN G 104 37.80 -13.07 23.81
N GLY G 105 37.37 -14.31 24.03
CA GLY G 105 36.17 -14.60 24.79
C GLY G 105 36.42 -15.59 25.89
N THR G 106 35.73 -16.72 25.85
CA THR G 106 35.96 -17.81 26.79
C THR G 106 37.30 -18.45 26.48
N CYS G 107 38.33 -18.11 27.26
CA CYS G 107 39.64 -18.69 27.05
C CYS G 107 39.70 -20.14 27.48
N PHE G 108 39.14 -20.47 28.62
CA PHE G 108 38.97 -21.88 28.93
C PHE G 108 37.76 -22.42 28.19
N PRO G 109 37.88 -23.57 27.50
CA PRO G 109 36.78 -24.03 26.64
C PRO G 109 35.59 -24.52 27.42
N GLY G 110 34.43 -24.42 26.79
CA GLY G 110 33.19 -24.81 27.42
C GLY G 110 32.01 -24.24 26.66
N ASP G 111 30.84 -24.37 27.27
CA ASP G 111 29.59 -23.89 26.71
C ASP G 111 29.04 -22.77 27.58
N PHE G 112 28.67 -21.67 26.94
CA PHE G 112 28.02 -20.55 27.62
C PHE G 112 26.51 -20.75 27.51
N ALA G 113 25.85 -20.99 28.64
CA ALA G 113 24.43 -21.29 28.61
C ALA G 113 23.62 -20.01 28.43
N ASP G 114 22.76 -20.01 27.40
CA ASP G 114 21.89 -18.89 27.02
C ASP G 114 22.70 -17.62 26.75
N TYR G 115 23.60 -17.71 25.78
CA TYR G 115 24.46 -16.58 25.45
C TYR G 115 23.69 -15.50 24.70
N GLU G 116 22.81 -15.91 23.78
CA GLU G 116 22.09 -14.97 22.94
C GLU G 116 21.04 -14.22 23.73
N GLU G 117 20.45 -14.87 24.75
CA GLU G 117 19.55 -14.19 25.65
C GLU G 117 20.26 -13.12 26.47
N LEU G 118 21.50 -13.40 26.89
CA LEU G 118 22.29 -12.39 27.57
C LEU G 118 22.62 -11.22 26.67
N ARG G 119 22.88 -11.48 25.39
CA ARG G 119 23.08 -10.41 24.42
C ARG G 119 21.81 -9.55 24.27
N GLU G 120 20.64 -10.20 24.25
CA GLU G 120 19.39 -9.45 24.14
C GLU G 120 19.09 -8.65 25.41
N GLN G 121 19.42 -9.20 26.58
CA GLN G 121 19.26 -8.45 27.83
C GLN G 121 20.21 -7.27 27.91
N LEU G 122 21.45 -7.43 27.45
CA LEU G 122 22.43 -6.37 27.50
C LEU G 122 22.29 -5.36 26.37
N SER G 123 21.40 -5.59 25.42
CA SER G 123 21.14 -4.58 24.40
C SER G 123 20.53 -3.31 24.99
N SER G 124 19.54 -3.45 25.87
CA SER G 124 18.87 -2.30 26.48
C SER G 124 19.42 -2.02 27.87
N VAL G 125 20.72 -1.77 27.96
CA VAL G 125 21.38 -1.46 29.22
C VAL G 125 22.19 -0.18 29.05
N SER G 126 21.99 0.78 29.95
CA SER G 126 22.71 2.05 29.89
C SER G 126 24.03 2.03 30.65
N SER G 127 24.00 1.72 31.94
CA SER G 127 25.20 1.77 32.75
C SER G 127 25.28 0.54 33.64
N PHE G 128 26.51 0.18 33.99
CA PHE G 128 26.74 -0.92 34.93
C PHE G 128 27.60 -0.43 36.08
N GLU G 129 27.37 -0.97 37.28
CA GLU G 129 28.19 -0.64 38.48
C GLU G 129 28.79 -1.90 39.06
N ARG G 130 30.04 -2.18 38.77
CA ARG G 130 30.79 -3.37 39.13
C ARG G 130 31.11 -3.33 40.62
N PHE G 131 30.70 -4.37 41.34
CA PHE G 131 30.95 -4.45 42.77
C PHE G 131 31.39 -5.88 43.12
N GLU G 132 31.81 -6.04 44.37
CA GLU G 132 32.43 -7.28 44.84
C GLU G 132 31.40 -8.07 45.65
N ILE G 133 30.84 -9.11 45.03
CA ILE G 133 29.78 -9.87 45.67
C ILE G 133 30.35 -10.77 46.77
N PHE G 134 31.52 -11.38 46.53
CA PHE G 134 32.16 -12.24 47.49
C PHE G 134 33.62 -11.83 47.60
N PRO G 135 34.08 -11.32 48.74
CA PRO G 135 35.51 -11.02 48.90
C PRO G 135 36.35 -12.29 48.84
N LYS G 136 37.47 -12.21 48.14
CA LYS G 136 38.27 -13.40 47.87
C LYS G 136 39.06 -13.84 49.09
N GLU G 137 39.66 -12.89 49.81
CA GLU G 137 40.47 -13.23 50.98
C GLU G 137 39.62 -13.55 52.20
N ARG G 138 38.37 -13.10 52.23
CA ARG G 138 37.56 -13.22 53.44
C ARG G 138 36.64 -14.44 53.40
N SER G 139 35.95 -14.65 52.28
CA SER G 139 34.84 -15.58 52.24
C SER G 139 35.25 -17.03 52.04
N TRP G 140 36.51 -17.32 51.70
CA TRP G 140 36.98 -18.68 51.49
C TRP G 140 38.22 -18.92 52.37
N PRO G 141 38.03 -19.17 53.66
CA PRO G 141 39.19 -19.33 54.55
C PRO G 141 39.74 -20.75 54.59
N ASN G 142 38.97 -21.73 54.10
CA ASN G 142 39.34 -23.14 54.18
C ASN G 142 39.63 -23.74 52.81
N HIS G 143 39.73 -22.92 51.77
CA HIS G 143 40.06 -23.38 50.43
C HIS G 143 41.15 -22.50 49.86
N THR G 144 41.88 -23.03 48.88
CA THR G 144 42.89 -22.27 48.18
C THR G 144 42.26 -21.56 46.98
N THR G 145 42.26 -20.23 47.02
CA THR G 145 41.72 -19.42 45.94
C THR G 145 42.72 -19.14 44.84
N ARG G 146 43.99 -19.52 45.01
CA ARG G 146 45.04 -19.22 44.05
C ARG G 146 45.03 -20.28 42.95
N GLY G 147 44.20 -20.08 41.94
CA GLY G 147 44.13 -21.01 40.84
C GLY G 147 44.38 -20.36 39.50
N VAL G 148 45.38 -20.84 38.77
CA VAL G 148 45.74 -20.32 37.47
C VAL G 148 45.70 -21.45 36.45
N THR G 149 45.60 -21.07 35.18
CA THR G 149 45.63 -22.02 34.08
C THR G 149 46.46 -21.46 32.94
N ALA G 150 47.03 -22.37 32.14
CA ALA G 150 47.85 -21.98 30.99
C ALA G 150 47.02 -21.78 29.73
N ALA G 151 45.71 -21.98 29.79
CA ALA G 151 44.85 -21.70 28.65
C ALA G 151 44.45 -20.24 28.56
N CYS G 152 44.74 -19.44 29.58
CA CYS G 152 44.50 -17.99 29.54
C CYS G 152 45.80 -17.26 29.89
N PRO G 153 46.65 -16.97 28.90
CA PRO G 153 47.87 -16.20 29.18
C PRO G 153 47.57 -14.77 29.59
N HIS G 154 48.52 -14.19 30.31
CA HIS G 154 48.55 -12.75 30.57
C HIS G 154 49.99 -12.33 30.83
N ALA G 155 50.55 -11.56 29.90
CA ALA G 155 51.91 -11.01 29.97
C ALA G 155 52.96 -12.11 30.13
N MET G 156 52.90 -13.09 29.21
CA MET G 156 53.79 -14.25 29.16
C MET G 156 53.78 -15.04 30.47
N LYS G 157 52.59 -15.18 31.06
CA LYS G 157 52.41 -15.90 32.30
C LYS G 157 51.12 -16.71 32.19
N SER G 158 50.66 -17.22 33.32
CA SER G 158 49.40 -17.95 33.41
C SER G 158 48.51 -17.26 34.44
N SER G 159 47.26 -17.01 34.06
CA SER G 159 46.33 -16.32 34.95
C SER G 159 44.92 -16.81 34.66
N PHE G 160 43.96 -16.27 35.41
CA PHE G 160 42.56 -16.68 35.30
C PHE G 160 41.68 -15.46 35.05
N TYR G 161 40.37 -15.65 35.09
CA TYR G 161 39.43 -14.55 34.91
C TYR G 161 39.46 -13.60 36.09
N LYS G 162 39.08 -12.36 35.85
CA LYS G 162 39.11 -11.34 36.90
C LYS G 162 37.81 -11.23 37.67
N ASN G 163 36.77 -11.99 37.29
CA ASN G 163 35.49 -11.95 37.97
C ASN G 163 35.11 -13.26 38.63
N LEU G 164 35.96 -14.28 38.58
CA LEU G 164 35.65 -15.60 39.10
C LEU G 164 36.85 -16.14 39.86
N VAL G 165 36.58 -17.10 40.75
CA VAL G 165 37.59 -17.70 41.61
C VAL G 165 37.53 -19.22 41.46
N TRP G 166 38.66 -19.83 41.11
CA TRP G 166 38.78 -21.28 41.05
C TRP G 166 39.15 -21.78 42.45
N LEU G 167 38.26 -22.56 43.05
CA LEU G 167 38.48 -23.08 44.39
C LEU G 167 38.95 -24.52 44.32
N THR G 168 39.96 -24.82 45.14
CA THR G 168 40.66 -26.11 45.12
C THR G 168 40.81 -26.51 46.59
N GLU G 169 41.27 -27.73 46.86
CA GLU G 169 41.48 -28.25 48.20
C GLU G 169 42.53 -27.43 48.97
N ALA G 170 42.45 -27.53 50.30
CA ALA G 170 43.41 -26.90 51.19
C ALA G 170 43.68 -27.85 52.35
N ASN G 171 44.95 -28.17 52.57
CA ASN G 171 45.42 -29.13 53.58
C ASN G 171 44.79 -30.51 53.41
N GLY G 172 44.56 -30.94 52.17
CA GLY G 172 44.06 -32.27 51.89
C GLY G 172 42.58 -32.48 52.10
N SER G 173 41.78 -31.41 52.22
CA SER G 173 40.35 -31.56 52.43
C SER G 173 39.59 -30.45 51.74
N TYR G 174 38.41 -30.79 51.21
CA TYR G 174 37.46 -29.85 50.63
C TYR G 174 36.22 -29.85 51.52
N PRO G 175 36.04 -28.87 52.40
CA PRO G 175 34.83 -28.84 53.23
C PRO G 175 33.60 -28.45 52.42
N ASN G 176 32.43 -28.71 53.00
CA ASN G 176 31.17 -28.32 52.39
C ASN G 176 31.06 -26.81 52.29
N LEU G 177 30.50 -26.34 51.19
CA LEU G 177 30.47 -24.91 50.89
C LEU G 177 29.03 -24.47 50.77
N SER G 178 28.67 -23.41 51.50
CA SER G 178 27.32 -22.87 51.48
C SER G 178 27.38 -21.38 51.73
N ARG G 179 27.01 -20.58 50.74
CA ARG G 179 27.07 -19.13 50.82
C ARG G 179 25.77 -18.52 50.35
N SER G 180 25.54 -17.27 50.77
CA SER G 180 24.32 -16.55 50.43
C SER G 180 24.66 -15.10 50.12
N TYR G 181 23.84 -14.49 49.28
CA TYR G 181 23.93 -13.06 49.00
C TYR G 181 22.54 -12.48 48.89
N VAL G 182 22.34 -11.32 49.53
CA VAL G 182 21.06 -10.61 49.53
C VAL G 182 21.24 -9.30 48.78
N ASN G 183 20.33 -9.03 47.84
CA ASN G 183 20.41 -7.84 47.01
C ASN G 183 19.76 -6.66 47.73
N ASN G 184 20.48 -5.54 47.82
CA ASN G 184 19.97 -4.33 48.45
C ASN G 184 20.36 -3.08 47.69
N GLN G 185 20.75 -3.20 46.42
CA GLN G 185 21.22 -2.07 45.63
C GLN G 185 20.11 -1.45 44.79
N GLU G 186 18.87 -1.90 44.95
CA GLU G 186 17.66 -1.38 44.31
C GLU G 186 17.70 -1.50 42.78
N LYS G 187 18.56 -2.35 42.23
CA LYS G 187 18.61 -2.63 40.81
C LYS G 187 18.83 -4.13 40.62
N GLU G 188 18.76 -4.58 39.37
CA GLU G 188 19.07 -5.96 39.06
C GLU G 188 20.56 -6.21 39.15
N VAL G 189 20.93 -7.42 39.54
CA VAL G 189 22.34 -7.79 39.70
C VAL G 189 22.62 -9.02 38.85
N LEU G 190 23.60 -8.91 37.94
CA LEU G 190 23.98 -10.02 37.07
C LEU G 190 25.04 -10.85 37.78
N VAL G 191 24.75 -12.12 38.01
CA VAL G 191 25.65 -13.03 38.73
C VAL G 191 26.09 -14.13 37.76
N LEU G 192 27.40 -14.38 37.72
CA LEU G 192 28.03 -15.36 36.85
C LEU G 192 28.72 -16.43 37.67
N TRP G 193 28.70 -17.67 37.17
CA TRP G 193 29.47 -18.75 37.79
C TRP G 193 29.76 -19.83 36.75
N GLY G 194 30.42 -20.90 37.20
CA GLY G 194 30.77 -21.99 36.31
C GLY G 194 31.04 -23.28 37.06
N VAL G 195 30.96 -24.37 36.31
CA VAL G 195 31.15 -25.73 36.83
C VAL G 195 32.26 -26.40 36.04
N HIS G 196 33.22 -26.99 36.74
CA HIS G 196 34.36 -27.64 36.12
C HIS G 196 34.06 -29.11 35.82
N HIS G 197 34.46 -29.56 34.64
CA HIS G 197 34.39 -30.96 34.24
C HIS G 197 35.79 -31.43 33.87
N PRO G 198 36.41 -32.30 34.64
CA PRO G 198 37.76 -32.76 34.32
C PRO G 198 37.74 -33.85 33.25
N SER G 199 38.92 -34.37 32.95
CA SER G 199 39.09 -35.38 31.91
C SER G 199 39.19 -36.80 32.46
N ASN G 200 39.85 -36.99 33.60
CA ASN G 200 40.02 -38.30 34.20
C ASN G 200 39.78 -38.20 35.70
N ILE G 201 39.72 -39.37 36.35
CA ILE G 201 39.36 -39.42 37.76
C ILE G 201 40.52 -39.01 38.65
N GLU G 202 41.75 -39.08 38.16
CA GLU G 202 42.91 -38.67 38.97
C GLU G 202 42.93 -37.16 39.13
N ASP G 203 42.49 -36.41 38.11
CA ASP G 203 42.40 -34.97 38.20
C ASP G 203 41.37 -34.54 39.24
N GLN G 204 40.20 -35.20 39.21
CA GLN G 204 39.13 -34.95 40.17
C GLN G 204 39.56 -35.28 41.59
N ARG G 205 40.29 -36.39 41.75
CA ARG G 205 40.75 -36.78 43.08
C ARG G 205 41.85 -35.87 43.60
N THR G 206 42.72 -35.37 42.71
CA THR G 206 43.80 -34.51 43.16
C THR G 206 43.34 -33.10 43.49
N LEU G 207 42.29 -32.60 42.83
CA LEU G 207 41.82 -31.25 43.15
C LEU G 207 40.64 -31.18 44.11
N TYR G 208 39.81 -32.23 44.23
CA TYR G 208 38.62 -32.10 45.05
C TYR G 208 38.44 -33.17 46.12
N ARG G 209 39.23 -34.25 46.11
CA ARG G 209 39.21 -35.36 47.06
C ARG G 209 37.86 -36.07 47.16
N LYS G 210 37.02 -35.99 46.13
CA LYS G 210 35.73 -36.66 46.08
C LYS G 210 35.53 -37.16 44.66
N ASP G 211 35.08 -38.41 44.52
CA ASP G 211 34.76 -38.90 43.19
C ASP G 211 33.45 -38.29 42.68
N ASN G 212 32.48 -38.12 43.57
CA ASN G 212 31.18 -37.56 43.22
C ASN G 212 30.99 -36.23 43.93
N ALA G 213 30.55 -35.21 43.19
CA ALA G 213 30.30 -33.90 43.75
C ALA G 213 29.04 -33.31 43.10
N TYR G 214 28.60 -32.17 43.62
CA TYR G 214 27.45 -31.48 43.05
C TYR G 214 27.55 -29.99 43.34
N VAL G 215 26.89 -29.20 42.49
CA VAL G 215 26.73 -27.76 42.69
C VAL G 215 25.22 -27.45 42.67
N SER G 216 24.79 -26.54 43.53
CA SER G 216 23.40 -26.13 43.60
C SER G 216 23.31 -24.62 43.69
N VAL G 217 22.50 -24.01 42.83
CA VAL G 217 22.23 -22.58 42.87
C VAL G 217 20.74 -22.38 42.99
N VAL G 218 20.29 -21.74 44.07
CA VAL G 218 18.87 -21.54 44.33
C VAL G 218 18.60 -20.05 44.54
N SER G 219 17.59 -19.53 43.83
CA SER G 219 17.03 -18.22 44.10
C SER G 219 15.51 -18.35 44.11
N SER G 220 14.80 -17.22 44.18
CA SER G 220 13.34 -17.26 44.14
C SER G 220 12.81 -17.47 42.74
N ASN G 221 13.63 -17.22 41.72
CA ASN G 221 13.29 -17.49 40.33
C ASN G 221 14.16 -18.56 39.68
N TYR G 222 15.25 -18.94 40.33
CA TYR G 222 16.23 -19.87 39.79
C TYR G 222 16.41 -21.02 40.75
N ASN G 223 16.43 -22.25 40.22
CA ASN G 223 16.64 -23.45 41.04
C ASN G 223 17.29 -24.48 40.13
N ARG G 224 18.59 -24.73 40.33
CA ARG G 224 19.26 -25.66 39.44
C ARG G 224 20.35 -26.42 40.17
N ARG G 225 20.52 -27.68 39.77
CA ARG G 225 21.53 -28.59 40.32
C ARG G 225 22.39 -29.12 39.18
N PHE G 226 23.70 -29.08 39.37
CA PHE G 226 24.67 -29.51 38.37
C PHE G 226 25.53 -30.63 38.92
N THR G 227 25.83 -31.61 38.08
CA THR G 227 26.67 -32.73 38.41
C THR G 227 27.85 -32.80 37.45
N PRO G 228 29.08 -32.87 37.95
CA PRO G 228 30.25 -32.98 37.06
C PRO G 228 30.29 -34.29 36.30
N GLU G 229 30.79 -34.21 35.07
CA GLU G 229 30.92 -35.33 34.15
C GLU G 229 32.37 -35.49 33.74
N ILE G 230 32.83 -36.74 33.68
CA ILE G 230 34.23 -37.05 33.40
C ILE G 230 34.29 -37.96 32.19
N ALA G 231 34.98 -37.50 31.14
CA ALA G 231 35.13 -38.26 29.90
C ALA G 231 36.36 -37.76 29.16
N LYS G 232 36.67 -38.40 28.04
CA LYS G 232 37.80 -38.02 27.20
C LYS G 232 37.29 -37.16 26.04
N ARG G 233 37.89 -35.99 25.87
CA ARG G 233 37.43 -34.98 24.93
C ARG G 233 38.56 -34.55 24.01
N PRO G 234 38.23 -34.07 22.80
CA PRO G 234 39.27 -33.51 21.93
C PRO G 234 39.91 -32.27 22.53
N LYS G 235 41.19 -32.10 22.19
CA LYS G 235 42.03 -31.11 22.86
C LYS G 235 41.86 -29.76 22.19
N VAL G 236 41.28 -28.81 22.91
CA VAL G 236 40.99 -27.48 22.40
C VAL G 236 41.77 -26.47 23.23
N ARG G 237 42.61 -25.66 22.56
CA ARG G 237 43.47 -24.65 23.17
C ARG G 237 44.40 -25.23 24.22
N GLY G 238 44.86 -26.46 24.00
CA GLY G 238 45.82 -27.09 24.88
C GLY G 238 45.23 -27.74 26.12
N GLN G 239 43.91 -27.74 26.28
CA GLN G 239 43.28 -28.35 27.44
C GLN G 239 42.19 -29.31 26.98
N SER G 240 42.02 -30.40 27.74
CA SER G 240 40.97 -31.37 27.47
C SER G 240 39.79 -31.25 28.43
N GLY G 241 39.99 -30.66 29.61
CA GLY G 241 38.87 -30.40 30.50
C GLY G 241 38.05 -29.21 30.05
N ARG G 242 36.88 -29.07 30.66
CA ARG G 242 35.94 -28.02 30.28
C ARG G 242 35.46 -27.28 31.52
N ILE G 243 35.00 -26.05 31.31
CA ILE G 243 34.30 -25.28 32.32
C ILE G 243 33.05 -24.71 31.67
N ASN G 244 31.88 -25.04 32.21
CA ASN G 244 30.62 -24.57 31.68
C ASN G 244 30.16 -23.35 32.48
N TYR G 245 29.68 -22.33 31.78
CA TYR G 245 29.37 -21.03 32.38
C TYR G 245 27.87 -20.78 32.43
N TYR G 246 27.41 -20.15 33.51
CA TYR G 246 26.00 -19.86 33.71
C TYR G 246 25.83 -18.47 34.29
N TRP G 247 24.66 -17.89 34.06
CA TRP G 247 24.35 -16.54 34.50
C TRP G 247 22.92 -16.46 35.01
N THR G 248 22.67 -15.47 35.86
CA THR G 248 21.32 -15.19 36.35
C THR G 248 21.21 -13.71 36.70
N LEU G 249 19.96 -13.26 36.84
CA LEU G 249 19.65 -11.86 37.19
C LEU G 249 18.86 -11.84 38.49
N LEU G 250 19.46 -11.27 39.54
CA LEU G 250 18.76 -11.07 40.80
C LEU G 250 17.92 -9.80 40.76
N GLU G 251 16.64 -9.95 41.12
CA GLU G 251 15.75 -8.84 41.34
C GLU G 251 16.08 -8.18 42.68
N PRO G 252 15.65 -6.93 42.90
CA PRO G 252 15.81 -6.32 44.23
C PRO G 252 15.02 -7.06 45.29
N GLY G 253 15.64 -7.22 46.46
CA GLY G 253 15.03 -7.92 47.57
C GLY G 253 15.15 -9.43 47.52
N ASP G 254 15.92 -9.97 46.59
CA ASP G 254 16.04 -11.41 46.41
C ASP G 254 17.37 -11.92 46.97
N THR G 255 17.40 -13.20 47.30
CA THR G 255 18.55 -13.86 47.89
C THR G 255 18.98 -15.02 47.00
N ILE G 256 20.29 -15.13 46.75
CA ILE G 256 20.85 -16.24 46.00
C ILE G 256 21.70 -17.09 46.93
N ILE G 257 21.58 -18.41 46.81
CA ILE G 257 22.26 -19.36 47.68
C ILE G 257 23.05 -20.33 46.82
N PHE G 258 24.35 -20.46 47.14
CA PHE G 258 25.26 -21.40 46.50
C PHE G 258 25.57 -22.52 47.47
N GLU G 259 25.56 -23.75 46.98
CA GLU G 259 26.02 -24.91 47.74
C GLU G 259 26.88 -25.78 46.84
N ALA G 260 27.94 -26.34 47.41
CA ALA G 260 28.86 -27.14 46.62
C ALA G 260 29.65 -28.08 47.52
N THR G 261 29.86 -29.30 47.03
CA THR G 261 30.85 -30.22 47.57
C THR G 261 32.04 -30.38 46.64
N GLY G 262 32.05 -29.71 45.51
CA GLY G 262 33.16 -29.76 44.58
C GLY G 262 32.80 -29.19 43.24
N ASN G 263 33.84 -28.89 42.46
CA ASN G 263 33.76 -28.45 41.07
C ASN G 263 32.98 -27.14 40.91
N LEU G 264 33.44 -26.09 41.57
CA LEU G 264 32.78 -24.80 41.53
C LEU G 264 33.77 -23.70 41.19
N ILE G 265 33.40 -22.86 40.22
CA ILE G 265 34.13 -21.63 39.91
C ILE G 265 33.27 -20.50 40.47
N ALA G 266 33.58 -20.07 41.68
CA ALA G 266 32.73 -19.16 42.45
C ALA G 266 32.76 -17.75 41.88
N PRO G 267 31.70 -16.98 42.06
CA PRO G 267 31.74 -15.57 41.65
C PRO G 267 32.64 -14.75 42.55
N TRP G 268 33.25 -13.72 41.96
CA TRP G 268 34.06 -12.75 42.67
C TRP G 268 33.52 -11.33 42.52
N TYR G 269 33.20 -10.93 41.30
CA TYR G 269 32.65 -9.61 41.02
C TYR G 269 31.33 -9.76 40.26
N ALA G 270 30.43 -8.82 40.49
CA ALA G 270 29.14 -8.81 39.82
C ALA G 270 28.84 -7.40 39.32
N PHE G 271 27.77 -7.30 38.52
CA PHE G 271 27.39 -6.07 37.86
C PHE G 271 25.97 -5.70 38.27
N ALA G 272 25.74 -4.42 38.56
CA ALA G 272 24.41 -3.89 38.76
C ALA G 272 24.03 -3.05 37.55
N LEU G 273 22.90 -3.37 36.92
CA LEU G 273 22.56 -2.81 35.62
C LEU G 273 21.45 -1.77 35.75
N SER G 274 21.56 -0.71 34.96
CA SER G 274 20.49 0.29 34.86
C SER G 274 19.95 0.31 33.44
N ARG G 275 18.62 0.26 33.33
CA ARG G 275 17.96 0.20 32.03
C ARG G 275 17.84 1.59 31.41
N GLY G 276 17.67 1.60 30.09
CA GLY G 276 17.60 2.83 29.34
C GLY G 276 16.71 2.74 28.12
N PRO G 277 16.26 3.90 27.63
CA PRO G 277 15.28 3.88 26.52
C PRO G 277 15.88 3.53 25.16
N GLY G 278 17.04 4.09 24.81
CA GLY G 278 17.60 3.88 23.50
C GLY G 278 19.05 3.41 23.50
N SER G 279 19.27 2.18 23.03
CA SER G 279 20.61 1.61 22.94
C SER G 279 20.58 0.47 21.94
N GLY G 280 21.73 -0.17 21.77
CA GLY G 280 21.82 -1.29 20.85
C GLY G 280 23.25 -1.75 20.70
N ILE G 281 23.42 -2.75 19.83
CA ILE G 281 24.72 -3.30 19.50
C ILE G 281 24.95 -3.13 18.00
N ILE G 282 26.10 -2.55 17.64
CA ILE G 282 26.46 -2.30 16.24
C ILE G 282 27.77 -3.05 15.97
N THR G 283 27.76 -3.87 14.92
CA THR G 283 28.95 -4.59 14.48
C THR G 283 29.54 -3.82 13.30
N SER G 284 30.75 -3.30 13.47
CA SER G 284 31.29 -2.40 12.47
C SER G 284 32.81 -2.36 12.55
N ASN G 285 33.42 -1.82 11.50
CA ASN G 285 34.86 -1.61 11.42
C ASN G 285 35.21 -0.14 11.29
N ALA G 286 34.28 0.75 11.61
CA ALA G 286 34.58 2.17 11.48
C ALA G 286 35.39 2.66 12.67
N PRO G 287 36.41 3.50 12.43
CA PRO G 287 37.18 4.05 13.54
C PRO G 287 36.37 5.07 14.34
N LEU G 288 36.76 5.22 15.60
CA LEU G 288 36.06 6.12 16.52
C LEU G 288 36.64 7.52 16.40
N ASP G 289 35.78 8.51 16.26
CA ASP G 289 36.18 9.90 16.11
C ASP G 289 35.11 10.79 16.72
N GLU G 290 35.21 12.08 16.41
CA GLU G 290 34.27 12.99 17.09
C GLU G 290 33.18 13.53 16.17
N CYS G 291 31.95 13.50 16.66
CA CYS G 291 30.77 14.07 16.01
C CYS G 291 29.75 14.37 17.08
N ASP G 292 28.55 14.77 16.67
CA ASP G 292 27.40 14.80 17.56
C ASP G 292 26.13 14.40 16.82
N THR G 293 26.22 13.40 15.94
CA THR G 293 25.09 13.07 15.09
C THR G 293 24.03 12.29 15.85
N LYS G 294 22.78 12.45 15.40
CA LYS G 294 21.64 11.80 16.01
C LYS G 294 21.35 10.42 15.43
N CYS G 295 21.99 10.06 14.32
CA CYS G 295 21.75 8.80 13.64
C CYS G 295 23.06 8.06 13.48
N GLN G 296 23.04 6.74 13.68
CA GLN G 296 24.26 5.95 13.51
C GLN G 296 23.95 4.60 12.88
N THR G 297 24.69 4.28 11.82
CA THR G 297 24.72 3.02 11.12
C THR G 297 26.07 2.35 11.32
N PRO G 298 26.20 1.05 11.04
CA PRO G 298 27.54 0.44 11.04
C PRO G 298 28.51 1.03 10.03
N GLN G 299 28.02 1.54 8.91
CA GLN G 299 28.91 2.10 7.90
C GLN G 299 29.25 3.56 8.13
N GLY G 300 28.72 4.18 9.16
CA GLY G 300 29.01 5.57 9.43
C GLY G 300 27.81 6.28 10.02
N ALA G 301 27.94 7.59 10.14
CA ALA G 301 26.91 8.45 10.70
C ALA G 301 26.14 9.16 9.60
N ILE G 302 24.95 9.64 9.95
CA ILE G 302 24.01 10.23 9.00
C ILE G 302 23.55 11.56 9.56
N ASN G 303 23.65 12.62 8.76
CA ASN G 303 23.21 13.96 9.17
C ASN G 303 22.39 14.55 8.02
N SER G 304 21.08 14.38 8.08
CA SER G 304 20.15 15.00 7.13
C SER G 304 18.77 15.00 7.76
N SER G 305 17.77 15.40 6.95
CA SER G 305 16.38 15.36 7.36
C SER G 305 15.46 14.74 6.31
N LEU G 306 16.02 14.16 5.24
CA LEU G 306 15.27 13.49 4.21
C LEU G 306 14.63 12.21 4.76
N PRO G 307 13.46 11.82 4.25
CA PRO G 307 12.73 10.69 4.86
C PRO G 307 13.30 9.31 4.58
N PHE G 308 14.33 9.16 3.75
CA PHE G 308 14.80 7.84 3.37
C PHE G 308 16.33 7.74 3.38
N GLN G 309 16.79 6.50 3.26
CA GLN G 309 18.19 6.16 3.17
C GLN G 309 18.30 4.86 2.41
N ASN G 310 19.51 4.57 1.90
CA ASN G 310 19.79 3.26 1.33
C ASN G 310 21.17 2.77 1.74
N ILE G 311 21.61 3.14 2.94
CA ILE G 311 22.96 2.78 3.38
C ILE G 311 22.95 1.44 4.10
N HIS G 312 22.21 1.35 5.20
CA HIS G 312 22.17 0.13 5.98
C HIS G 312 20.82 0.00 6.65
N PRO G 313 20.31 -1.22 6.83
CA PRO G 313 19.04 -1.38 7.56
C PRO G 313 19.18 -1.25 9.06
N VAL G 314 20.37 -1.49 9.63
CA VAL G 314 20.57 -1.39 11.07
C VAL G 314 20.91 0.06 11.40
N THR G 315 20.02 0.72 12.13
CA THR G 315 20.18 2.13 12.50
C THR G 315 19.83 2.30 13.97
N ILE G 316 20.50 3.25 14.62
CA ILE G 316 20.15 3.65 15.98
C ILE G 316 20.03 5.17 16.05
N GLY G 317 19.11 5.64 16.87
CA GLY G 317 18.74 7.04 16.92
C GLY G 317 17.55 7.34 16.05
N GLU G 318 17.31 8.64 15.87
CA GLU G 318 16.26 9.10 14.95
C GLU G 318 16.85 9.05 13.55
N CYS G 319 16.42 8.06 12.76
CA CYS G 319 17.04 7.79 11.48
C CYS G 319 16.00 7.65 10.38
N PRO G 320 16.34 7.98 9.14
CA PRO G 320 15.42 7.74 8.03
C PRO G 320 15.18 6.27 7.76
N LYS G 321 14.02 5.99 7.17
CA LYS G 321 13.60 4.63 6.87
C LYS G 321 14.41 4.07 5.69
N TYR G 322 14.79 2.80 5.79
CA TYR G 322 15.59 2.13 4.77
C TYR G 322 14.70 1.60 3.65
N VAL G 323 15.16 1.79 2.40
CA VAL G 323 14.51 1.24 1.21
C VAL G 323 15.58 0.70 0.27
N ARG G 324 15.18 -0.23 -0.59
CA ARG G 324 16.02 -0.75 -1.66
C ARG G 324 15.85 0.03 -2.97
N SER G 325 15.99 1.35 -2.93
CA SER G 325 15.77 2.16 -4.11
C SER G 325 17.04 2.90 -4.49
N THR G 326 17.14 3.25 -5.78
CA THR G 326 18.29 3.99 -6.27
C THR G 326 17.99 5.48 -6.37
N LYS G 327 16.79 5.84 -6.82
CA LYS G 327 16.41 7.24 -6.95
C LYS G 327 14.97 7.43 -6.49
N LEU G 328 14.74 8.48 -5.70
CA LEU G 328 13.40 8.91 -5.30
C LEU G 328 13.38 10.43 -5.39
N ARG G 329 12.92 10.96 -6.51
CA ARG G 329 12.91 12.38 -6.79
C ARG G 329 11.49 12.85 -7.06
N MET G 330 11.13 13.98 -6.48
CA MET G 330 9.76 14.48 -6.52
C MET G 330 9.73 15.83 -7.21
N VAL G 331 8.79 15.99 -8.14
CA VAL G 331 8.70 17.20 -8.96
C VAL G 331 8.09 18.32 -8.13
N THR G 332 8.71 19.49 -8.17
CA THR G 332 8.11 20.70 -7.63
C THR G 332 7.82 21.74 -8.70
N GLY G 333 8.33 21.56 -9.92
CA GLY G 333 8.18 22.56 -10.96
C GLY G 333 7.49 22.05 -12.21
N LEU G 334 7.86 22.57 -13.36
CA LEU G 334 7.18 22.29 -14.62
C LEU G 334 8.09 21.48 -15.52
N ARG G 335 7.53 21.03 -16.65
CA ARG G 335 8.34 20.43 -17.69
C ARG G 335 9.22 21.48 -18.35
N ASN G 336 10.40 21.07 -18.80
CA ASN G 336 11.35 21.99 -19.41
C ASN G 336 11.28 21.82 -20.92
N ILE G 337 10.43 22.62 -21.56
CA ILE G 337 10.33 22.68 -23.01
C ILE G 337 10.75 24.08 -23.45
N PRO G 338 12.03 24.26 -23.83
CA PRO G 338 12.49 25.59 -24.21
C PRO G 338 11.96 26.02 -25.57
N SER G 339 11.86 27.34 -25.75
CA SER G 339 11.35 28.01 -26.96
C SER G 339 9.96 27.54 -27.36
N ILE G 349 6.85 36.47 -30.31
CA ILE G 349 6.75 35.65 -29.11
C ILE G 349 5.34 35.10 -28.95
N ALA G 350 5.22 33.77 -28.98
CA ALA G 350 3.95 33.09 -28.88
C ALA G 350 3.76 32.57 -27.46
N GLY G 351 2.67 31.84 -27.23
CA GLY G 351 2.28 31.47 -25.89
C GLY G 351 2.59 30.06 -25.47
N PHE G 352 1.66 29.43 -24.75
CA PHE G 352 1.96 28.18 -24.08
C PHE G 352 1.81 26.98 -25.02
N ILE G 353 1.19 27.17 -26.17
CA ILE G 353 1.07 26.09 -27.15
C ILE G 353 2.42 25.79 -27.77
N GLU G 354 3.19 26.84 -28.09
CA GLU G 354 4.47 26.63 -28.75
C GLU G 354 5.53 26.11 -27.79
N GLY G 355 5.55 26.63 -26.56
CA GLY G 355 6.55 26.16 -25.60
C GLY G 355 6.61 27.07 -24.39
N GLY G 356 7.73 26.99 -23.68
CA GLY G 356 7.93 27.77 -22.49
C GLY G 356 8.83 28.96 -22.70
N TRP G 357 8.87 29.88 -21.74
CA TRP G 357 9.62 31.12 -21.87
C TRP G 357 10.84 31.08 -20.96
N THR G 358 11.98 31.48 -21.50
CA THR G 358 13.21 31.54 -20.71
C THR G 358 13.37 32.90 -20.04
N GLY G 359 12.80 33.95 -20.62
CA GLY G 359 12.99 35.29 -20.11
C GLY G 359 12.18 35.64 -18.88
N MET G 360 11.28 34.77 -18.47
CA MET G 360 10.49 34.98 -17.26
C MET G 360 11.22 34.41 -16.07
N MET G 361 11.61 35.26 -15.13
CA MET G 361 12.36 34.82 -13.97
C MET G 361 11.72 35.21 -12.65
N ASP G 362 10.56 35.85 -12.67
CA ASP G 362 9.88 36.30 -11.47
C ASP G 362 8.61 35.51 -11.14
N GLY G 363 8.43 34.35 -11.76
CA GLY G 363 7.27 33.53 -11.44
C GLY G 363 7.25 32.29 -12.28
N TRP G 364 6.28 31.43 -11.99
CA TRP G 364 6.08 30.22 -12.78
C TRP G 364 5.13 30.44 -13.95
N TYR G 365 4.11 31.27 -13.77
CA TYR G 365 3.17 31.62 -14.83
C TYR G 365 3.21 33.12 -15.03
N GLY G 366 2.67 33.59 -16.15
CA GLY G 366 2.60 35.03 -16.33
C GLY G 366 2.19 35.41 -17.73
N TYR G 367 2.46 36.68 -18.06
CA TYR G 367 2.02 37.31 -19.30
C TYR G 367 3.20 37.94 -20.03
N HIS G 368 3.07 38.07 -21.34
CA HIS G 368 3.98 38.86 -22.17
C HIS G 368 3.16 39.82 -23.01
N HIS G 369 3.56 41.08 -23.04
CA HIS G 369 2.78 42.10 -23.72
C HIS G 369 3.67 42.90 -24.67
N GLN G 370 3.06 43.39 -25.75
CA GLN G 370 3.71 44.19 -26.78
C GLN G 370 2.73 45.24 -27.26
N ASN G 371 3.10 46.51 -27.18
CA ASN G 371 2.23 47.57 -27.64
C ASN G 371 3.09 48.72 -28.18
N GLU G 372 2.48 49.90 -28.32
CA GLU G 372 3.17 51.07 -28.84
C GLU G 372 4.27 51.54 -27.91
N GLN G 373 4.03 51.56 -26.60
CA GLN G 373 5.02 52.07 -25.65
C GLN G 373 6.17 51.12 -25.42
N GLY G 374 5.97 49.82 -25.56
CA GLY G 374 7.07 48.88 -25.39
C GLY G 374 6.60 47.45 -25.39
N SER G 375 7.42 46.60 -24.78
CA SER G 375 7.13 45.17 -24.68
C SER G 375 7.88 44.61 -23.49
N GLY G 376 7.31 43.58 -22.88
CA GLY G 376 7.98 42.97 -21.74
C GLY G 376 7.14 41.86 -21.11
N TYR G 377 7.76 41.23 -20.12
CA TYR G 377 7.17 40.10 -19.39
C TYR G 377 6.60 40.55 -18.06
N ALA G 378 5.84 39.67 -17.44
CA ALA G 378 5.24 39.94 -16.14
C ALA G 378 5.15 38.61 -15.39
N ALA G 379 4.36 38.58 -14.32
CA ALA G 379 4.13 37.36 -13.57
C ALA G 379 2.77 37.43 -12.90
N ASP G 380 2.14 36.28 -12.74
CA ASP G 380 0.90 36.16 -11.97
C ASP G 380 1.28 35.61 -10.60
N GLN G 381 1.21 36.47 -9.59
CA GLN G 381 1.70 36.11 -8.26
C GLN G 381 0.73 35.23 -7.49
N LYS G 382 -0.56 35.43 -7.74
CA LYS G 382 -1.62 34.71 -7.00
C LYS G 382 -1.70 33.23 -7.38
N SER G 383 -1.50 32.88 -8.64
CA SER G 383 -1.45 31.49 -9.11
C SER G 383 -0.15 30.81 -8.69
N THR G 384 0.95 31.57 -8.72
CA THR G 384 2.24 31.02 -8.26
C THR G 384 2.22 30.73 -6.77
N GLN G 385 1.54 31.58 -5.99
CA GLN G 385 1.42 31.35 -4.56
C GLN G 385 0.57 30.12 -4.26
N ASN G 386 -0.50 29.93 -5.02
CA ASN G 386 -1.33 28.73 -4.86
C ASN G 386 -0.55 27.46 -5.23
N ALA G 387 0.26 27.54 -6.29
CA ALA G 387 1.08 26.41 -6.69
C ALA G 387 2.12 26.07 -5.62
N ILE G 388 2.75 27.10 -5.04
CA ILE G 388 3.74 26.90 -3.97
C ILE G 388 3.08 26.27 -2.75
N ASN G 389 1.85 26.70 -2.43
CA ASN G 389 1.13 26.13 -1.29
C ASN G 389 0.79 24.64 -1.50
N CYS G 390 0.28 24.28 -2.68
CA CYS G 390 -0.01 22.87 -2.95
C CYS G 390 1.24 22.00 -2.95
N ILE G 391 2.35 22.50 -3.53
CA ILE G 391 3.57 21.69 -3.55
C ILE G 391 4.14 21.52 -2.14
N THR G 392 4.10 22.57 -1.32
CA THR G 392 4.58 22.48 0.05
C THR G 392 3.75 21.49 0.87
N ASN G 393 2.42 21.57 0.75
CA ASN G 393 1.54 20.65 1.48
C ASN G 393 1.73 19.21 1.01
N LYS G 394 1.92 19.00 -0.29
CA LYS G 394 2.08 17.66 -0.84
C LYS G 394 3.37 17.01 -0.36
N VAL G 395 4.50 17.73 -0.45
CA VAL G 395 5.78 17.16 -0.05
C VAL G 395 5.84 16.96 1.46
N ASN G 396 5.27 17.88 2.24
CA ASN G 396 5.25 17.68 3.69
C ASN G 396 4.33 16.56 4.11
N SER G 397 3.23 16.31 3.39
CA SER G 397 2.38 15.15 3.69
C SER G 397 3.11 13.85 3.39
N VAL G 398 3.86 13.82 2.27
CA VAL G 398 4.64 12.63 1.92
C VAL G 398 5.71 12.35 2.97
N ILE G 399 6.35 13.41 3.47
CA ILE G 399 7.35 13.24 4.54
C ILE G 399 6.69 12.79 5.84
N GLU G 400 5.55 13.40 6.20
CA GLU G 400 4.97 13.18 7.52
C GLU G 400 4.30 11.81 7.66
N LYS G 401 3.62 11.33 6.64
CA LYS G 401 2.88 10.05 6.78
C LYS G 401 3.86 8.89 6.91
N MET G 402 4.91 8.90 6.12
CA MET G 402 5.87 7.80 6.09
C MET G 402 6.98 8.10 7.11
N ASN G 403 6.53 8.23 8.35
CA ASN G 403 7.39 8.65 9.45
C ASN G 403 8.37 7.53 9.82
N ALA G 408 15.74 -1.54 14.33
CA ALA G 408 16.27 -2.83 14.76
C ALA G 408 17.76 -2.73 15.01
N VAL G 409 18.27 -3.68 15.80
CA VAL G 409 19.71 -3.83 16.01
C VAL G 409 20.22 -5.22 15.63
N GLY G 410 19.37 -6.22 15.45
CA GLY G 410 19.82 -7.53 15.06
C GLY G 410 19.72 -8.53 16.20
N LYS G 411 19.49 -9.79 15.83
CA LYS G 411 19.39 -10.89 16.78
C LYS G 411 20.33 -12.00 16.35
N GLU G 412 20.71 -12.85 17.30
CA GLU G 412 21.64 -13.94 17.04
C GLU G 412 21.01 -15.26 17.47
N PHE G 413 21.31 -16.32 16.72
CA PHE G 413 20.76 -17.64 16.98
C PHE G 413 21.86 -18.68 16.83
N ASN G 414 21.76 -19.77 17.57
CA ASN G 414 22.74 -20.84 17.49
C ASN G 414 22.29 -21.87 16.45
N LYS G 415 22.95 -23.03 16.41
CA LYS G 415 22.80 -23.98 15.33
C LYS G 415 21.55 -24.85 15.44
N LEU G 416 20.86 -24.85 16.58
CA LEU G 416 19.63 -25.59 16.74
C LEU G 416 18.40 -24.67 16.82
N GLU G 417 18.53 -23.45 16.33
CA GLU G 417 17.43 -22.49 16.24
C GLU G 417 17.34 -21.93 14.83
N LYS G 418 17.38 -22.83 13.84
CA LYS G 418 17.42 -22.43 12.44
C LYS G 418 16.07 -21.92 11.96
N ARG G 419 14.97 -22.52 12.43
CA ARG G 419 13.62 -22.11 12.03
C ARG G 419 13.30 -20.70 12.49
N MET G 420 13.70 -20.36 13.72
CA MET G 420 13.56 -19.00 14.23
C MET G 420 14.35 -18.01 13.39
N GLU G 421 15.56 -18.39 12.98
CA GLU G 421 16.40 -17.51 12.17
C GLU G 421 15.78 -17.26 10.81
N ASN G 422 15.23 -18.30 10.18
CA ASN G 422 14.54 -18.12 8.91
C ASN G 422 13.26 -17.32 9.04
N LEU G 423 12.53 -17.47 10.16
CA LEU G 423 11.32 -16.67 10.38
C LEU G 423 11.64 -15.20 10.57
N ASN G 424 12.71 -14.90 11.32
CA ASN G 424 13.12 -13.51 11.54
C ASN G 424 13.63 -12.89 10.24
N LYS G 425 14.36 -13.66 9.43
CA LYS G 425 14.80 -13.21 8.12
C LYS G 425 13.62 -12.96 7.18
N LYS G 426 12.59 -13.81 7.24
CA LYS G 426 11.39 -13.61 6.43
C LYS G 426 10.65 -12.34 6.81
N VAL G 427 10.50 -12.06 8.11
CA VAL G 427 9.81 -10.86 8.56
C VAL G 427 10.58 -9.60 8.14
N ASP G 428 11.90 -9.60 8.35
CA ASP G 428 12.73 -8.45 8.00
C ASP G 428 12.79 -8.21 6.50
N ASP G 429 12.87 -9.27 5.69
CA ASP G 429 12.89 -9.10 4.25
C ASP G 429 11.50 -8.86 3.66
N GLY G 430 10.44 -9.15 4.40
CA GLY G 430 9.11 -8.93 3.89
C GLY G 430 8.56 -7.55 4.14
N PHE G 431 8.95 -6.92 5.27
CA PHE G 431 8.48 -5.54 5.49
C PHE G 431 9.16 -4.55 4.55
N LEU G 432 10.40 -4.84 4.18
CA LEU G 432 11.20 -3.93 3.37
C LEU G 432 10.65 -3.80 1.95
N ASP G 433 10.18 -4.92 1.39
CA ASP G 433 9.61 -4.89 0.05
C ASP G 433 8.32 -4.07 0.00
N ILE G 434 7.50 -4.19 1.06
CA ILE G 434 6.26 -3.42 1.16
C ILE G 434 6.56 -1.93 1.24
N TRP G 435 7.54 -1.54 2.07
CA TRP G 435 7.82 -0.11 2.21
C TRP G 435 8.48 0.48 0.96
N THR G 436 9.33 -0.29 0.28
CA THR G 436 9.92 0.16 -0.97
C THR G 436 8.85 0.36 -2.06
N TYR G 437 7.93 -0.61 -2.17
CA TYR G 437 6.85 -0.51 -3.16
C TYR G 437 5.93 0.67 -2.87
N ASN G 438 5.64 0.91 -1.59
CA ASN G 438 4.78 2.04 -1.21
C ASN G 438 5.42 3.38 -1.54
N ALA G 439 6.73 3.52 -1.25
CA ALA G 439 7.42 4.77 -1.54
C ALA G 439 7.50 5.05 -3.04
N GLU G 440 7.80 4.02 -3.83
CA GLU G 440 7.90 4.22 -5.28
C GLU G 440 6.55 4.54 -5.91
N LEU G 441 5.46 3.88 -5.47
CA LEU G 441 4.15 4.23 -5.99
C LEU G 441 3.73 5.65 -5.62
N LEU G 442 4.03 6.07 -4.38
CA LEU G 442 3.65 7.42 -3.95
C LEU G 442 4.34 8.49 -4.77
N VAL G 443 5.65 8.32 -5.03
CA VAL G 443 6.39 9.30 -5.83
C VAL G 443 5.87 9.31 -7.27
N LEU G 444 5.65 8.11 -7.85
CA LEU G 444 5.24 8.04 -9.25
C LEU G 444 3.83 8.57 -9.48
N LEU G 445 2.96 8.51 -8.47
CA LEU G 445 1.63 9.09 -8.63
C LEU G 445 1.63 10.59 -8.41
N GLU G 446 2.37 11.08 -7.41
CA GLU G 446 2.34 12.51 -7.12
C GLU G 446 3.06 13.34 -8.19
N ASN G 447 4.01 12.76 -8.91
CA ASN G 447 4.62 13.48 -10.03
C ASN G 447 3.62 13.78 -11.14
N GLU G 448 2.80 12.76 -11.49
CA GLU G 448 1.75 12.94 -12.48
C GLU G 448 0.71 13.96 -12.03
N ARG G 449 0.34 13.91 -10.75
CA ARG G 449 -0.62 14.89 -10.22
C ARG G 449 -0.08 16.31 -10.29
N THR G 450 1.21 16.50 -9.98
CA THR G 450 1.82 17.83 -10.03
C THR G 450 1.84 18.39 -11.46
N LEU G 451 2.22 17.55 -12.43
CA LEU G 451 2.29 18.02 -13.82
C LEU G 451 0.92 18.37 -14.38
N ASP G 452 -0.10 17.55 -14.07
CA ASP G 452 -1.47 17.88 -14.48
C ASP G 452 -1.99 19.14 -13.80
N PHE G 453 -1.59 19.36 -12.55
CA PHE G 453 -1.98 20.58 -11.83
C PHE G 453 -1.43 21.83 -12.50
N HIS G 454 -0.17 21.78 -12.95
CA HIS G 454 0.42 22.93 -13.63
C HIS G 454 -0.26 23.20 -14.97
N ASP G 455 -0.56 22.14 -15.72
CA ASP G 455 -1.25 22.32 -17.01
C ASP G 455 -2.64 22.93 -16.82
N SER G 456 -3.37 22.46 -15.81
CA SER G 456 -4.70 23.02 -15.55
C SER G 456 -4.64 24.47 -15.08
N ASN G 457 -3.58 24.86 -14.37
CA ASN G 457 -3.43 26.26 -13.97
C ASN G 457 -3.24 27.17 -15.18
N VAL G 458 -2.43 26.73 -16.16
CA VAL G 458 -2.25 27.54 -17.38
C VAL G 458 -3.56 27.64 -18.16
N LYS G 459 -4.32 26.53 -18.20
CA LYS G 459 -5.67 26.56 -18.79
C LYS G 459 -6.58 27.59 -18.12
N ASN G 460 -6.52 27.67 -16.79
CA ASN G 460 -7.38 28.59 -16.06
C ASN G 460 -7.04 30.05 -16.34
N LEU G 461 -5.74 30.38 -16.42
CA LEU G 461 -5.35 31.74 -16.78
C LEU G 461 -5.82 32.13 -18.19
N TYR G 462 -5.66 31.21 -19.16
CA TYR G 462 -6.11 31.50 -20.51
C TYR G 462 -7.63 31.68 -20.58
N GLU G 463 -8.37 30.88 -19.81
CA GLU G 463 -9.84 31.01 -19.80
C GLU G 463 -10.28 32.33 -19.19
N LYS G 464 -9.62 32.78 -18.13
CA LYS G 464 -9.99 34.07 -17.52
C LYS G 464 -9.71 35.23 -18.46
N VAL G 465 -8.57 35.20 -19.17
CA VAL G 465 -8.27 36.29 -20.11
C VAL G 465 -9.23 36.27 -21.29
N LYS G 466 -9.62 35.06 -21.77
CA LYS G 466 -10.65 34.92 -22.80
C LYS G 466 -11.97 35.53 -22.37
N ASN G 467 -12.43 35.17 -21.17
CA ASN G 467 -13.74 35.60 -20.69
C ASN G 467 -13.77 37.11 -20.47
N GLN G 468 -12.66 37.68 -20.00
CA GLN G 468 -12.64 39.13 -19.80
C GLN G 468 -12.55 39.89 -21.10
N LEU G 469 -11.80 39.39 -22.08
CA LEU G 469 -11.67 40.15 -23.32
C LEU G 469 -12.90 40.02 -24.22
N ARG G 470 -13.56 38.86 -24.21
CA ARG G 470 -14.70 38.52 -25.06
C ARG G 470 -14.40 38.73 -26.55
N ASN G 471 -15.12 39.63 -27.20
CA ASN G 471 -15.04 39.78 -28.65
C ASN G 471 -14.14 40.92 -29.11
N ASN G 472 -13.45 41.60 -28.19
CA ASN G 472 -12.62 42.73 -28.61
C ASN G 472 -11.30 42.30 -29.22
N ALA G 473 -10.90 41.04 -29.03
CA ALA G 473 -9.61 40.57 -29.46
C ALA G 473 -9.76 39.27 -30.25
N LYS G 474 -8.81 39.03 -31.15
CA LYS G 474 -8.84 37.88 -32.03
C LYS G 474 -7.82 36.86 -31.58
N GLU G 475 -8.23 35.60 -31.51
CA GLU G 475 -7.33 34.52 -31.13
C GLU G 475 -6.50 34.12 -32.33
N LEU G 476 -5.17 34.17 -32.17
CA LEU G 476 -4.25 33.67 -33.18
C LEU G 476 -3.94 32.20 -32.99
N GLY G 477 -4.78 31.45 -32.28
CA GLY G 477 -4.31 30.21 -31.72
C GLY G 477 -3.27 30.54 -30.66
N ASN G 478 -2.37 29.57 -30.44
CA ASN G 478 -1.08 29.65 -29.74
C ASN G 478 -1.03 30.51 -28.48
N GLY G 479 -2.12 30.53 -27.72
CA GLY G 479 -2.17 31.25 -26.45
C GLY G 479 -1.97 32.74 -26.52
N CYS G 480 -2.36 33.38 -27.62
CA CYS G 480 -2.13 34.81 -27.78
C CYS G 480 -3.38 35.46 -28.34
N PHE G 481 -3.49 36.77 -28.09
CA PHE G 481 -4.61 37.57 -28.55
C PHE G 481 -4.09 38.78 -29.32
N GLU G 482 -4.88 39.25 -30.29
CA GLU G 482 -4.61 40.48 -31.01
C GLU G 482 -5.71 41.47 -30.70
N PHE G 483 -5.34 42.63 -30.17
CA PHE G 483 -6.31 43.65 -29.83
C PHE G 483 -6.76 44.38 -31.08
N TYR G 484 -8.08 44.47 -31.28
CA TYR G 484 -8.60 45.28 -32.37
C TYR G 484 -8.46 46.77 -32.08
N HIS G 485 -8.65 47.18 -30.83
CA HIS G 485 -8.52 48.57 -30.46
C HIS G 485 -7.09 48.85 -30.01
N LYS G 486 -6.87 50.01 -29.40
CA LYS G 486 -5.57 50.41 -28.88
C LYS G 486 -5.53 50.16 -27.38
N CYS G 487 -4.52 49.44 -26.93
CA CYS G 487 -4.39 49.03 -25.53
C CYS G 487 -3.02 49.45 -25.03
N ASP G 488 -2.99 50.46 -24.16
CA ASP G 488 -1.73 50.94 -23.59
C ASP G 488 -1.42 50.15 -22.32
N ASN G 489 -0.44 50.63 -21.54
CA ASN G 489 0.04 49.88 -20.38
C ASN G 489 -1.01 49.80 -19.28
N GLU G 490 -1.77 50.88 -19.10
CA GLU G 490 -2.90 50.85 -18.16
C GLU G 490 -3.98 49.88 -18.61
N CYS G 491 -4.24 49.81 -19.92
CA CYS G 491 -5.18 48.83 -20.47
C CYS G 491 -4.69 47.40 -20.27
N MET G 492 -3.39 47.14 -20.53
CA MET G 492 -2.83 45.82 -20.34
C MET G 492 -2.89 45.39 -18.87
N GLU G 493 -2.58 46.30 -17.96
CA GLU G 493 -2.60 45.93 -16.55
C GLU G 493 -4.04 45.86 -16.03
N SER G 494 -4.98 46.52 -16.69
CA SER G 494 -6.39 46.32 -16.39
C SER G 494 -6.86 44.93 -16.81
N VAL G 495 -6.37 44.44 -17.96
CA VAL G 495 -6.61 43.05 -18.33
C VAL G 495 -5.96 42.11 -17.32
N LYS G 496 -4.76 42.46 -16.84
CA LYS G 496 -4.00 41.58 -15.96
C LYS G 496 -4.64 41.43 -14.58
N ASN G 497 -5.00 42.54 -13.92
CA ASN G 497 -5.35 42.41 -12.51
C ASN G 497 -6.80 42.00 -12.26
N GLY G 498 -7.62 41.90 -13.30
CA GLY G 498 -8.97 41.38 -13.15
C GLY G 498 -10.11 42.36 -13.33
N THR G 499 -9.83 43.62 -13.67
CA THR G 499 -10.87 44.63 -13.86
C THR G 499 -10.68 45.23 -15.25
N TYR G 500 -11.49 44.79 -16.20
CA TYR G 500 -11.44 45.27 -17.58
C TYR G 500 -12.82 45.80 -17.95
N ASP G 501 -12.86 47.04 -18.45
CA ASP G 501 -14.13 47.69 -18.78
C ASP G 501 -14.52 47.32 -20.21
N TYR G 502 -15.56 46.50 -20.33
CA TYR G 502 -16.06 46.12 -21.66
C TYR G 502 -16.66 47.28 -22.45
N PRO G 503 -17.58 48.13 -21.92
CA PRO G 503 -18.18 49.14 -22.81
C PRO G 503 -17.28 50.32 -23.14
N LYS G 504 -16.11 50.44 -22.54
CA LYS G 504 -15.29 51.63 -22.75
C LYS G 504 -14.60 51.61 -24.12
N TYR G 505 -14.15 50.44 -24.56
CA TYR G 505 -13.39 50.30 -25.81
C TYR G 505 -14.13 49.48 -26.85
N SER G 506 -15.46 49.48 -26.83
CA SER G 506 -16.23 48.62 -27.73
C SER G 506 -16.25 49.13 -29.16
N GLU G 507 -16.44 50.44 -29.35
CA GLU G 507 -16.87 50.96 -30.65
C GLU G 507 -15.75 50.95 -31.68
N GLU G 508 -14.53 51.34 -31.27
CA GLU G 508 -13.40 51.30 -32.17
C GLU G 508 -13.06 49.86 -32.56
N SER G 509 -13.23 48.93 -31.62
CA SER G 509 -13.06 47.51 -31.91
C SER G 509 -14.09 47.03 -32.92
N LYS G 510 -15.35 47.47 -32.77
CA LYS G 510 -16.39 47.09 -33.73
C LYS G 510 -16.12 47.65 -35.12
N LEU G 511 -15.66 48.89 -35.19
CA LEU G 511 -15.32 49.50 -36.49
C LEU G 511 -14.15 48.79 -37.15
N ASN G 512 -13.11 48.45 -36.37
CA ASN G 512 -11.95 47.77 -36.93
C ASN G 512 -12.28 46.33 -37.30
N ARG G 513 -13.22 45.70 -36.59
CA ARG G 513 -13.63 44.34 -36.92
C ARG G 513 -14.49 44.31 -38.18
N GLU G 514 -15.42 45.24 -38.32
CA GLU G 514 -16.27 45.27 -39.51
C GLU G 514 -15.53 45.79 -40.74
N LYS G 515 -14.50 46.62 -40.55
CA LYS G 515 -13.77 47.15 -41.70
C LYS G 515 -12.84 46.12 -42.31
N ILE G 516 -12.57 45.02 -41.62
CA ILE G 516 -11.73 43.96 -42.16
C ILE G 516 -12.60 42.87 -42.75
N GLN H 1 26.16 36.42 2.98
CA GLN H 1 24.88 37.01 3.35
C GLN H 1 24.69 38.36 2.66
N VAL H 2 23.47 38.61 2.21
CA VAL H 2 23.15 39.84 1.47
C VAL H 2 22.95 40.98 2.47
N GLN H 3 23.68 42.07 2.27
CA GLN H 3 23.57 43.25 3.11
C GLN H 3 23.29 44.47 2.26
N LEU H 4 22.29 45.24 2.67
CA LEU H 4 21.90 46.47 1.98
C LEU H 4 22.41 47.65 2.79
N GLN H 5 22.98 48.63 2.11
CA GLN H 5 23.45 49.83 2.80
C GLN H 5 23.12 51.05 1.96
N GLU H 6 23.18 52.22 2.59
CA GLU H 6 22.71 53.46 1.98
C GLU H 6 23.80 54.53 2.01
N SER H 7 23.79 55.38 0.99
CA SER H 7 24.69 56.52 0.91
C SER H 7 23.90 57.74 0.46
N GLY H 8 24.19 58.89 1.08
CA GLY H 8 23.53 60.13 0.75
C GLY H 8 24.22 61.32 1.41
N PRO H 9 23.95 62.53 0.90
CA PRO H 9 24.57 63.73 1.48
C PRO H 9 24.06 64.06 2.88
N GLY H 10 22.73 64.15 3.02
CA GLY H 10 22.13 64.43 4.31
C GLY H 10 22.05 65.89 4.69
N LEU H 11 22.54 66.79 3.84
CA LEU H 11 22.48 68.23 4.11
C LEU H 11 21.74 68.88 2.94
N VAL H 12 20.43 69.04 3.10
CA VAL H 12 19.56 69.53 2.02
C VAL H 12 18.84 70.78 2.52
N LYS H 13 18.98 71.87 1.76
CA LYS H 13 18.27 73.12 1.94
C LYS H 13 16.85 73.03 1.38
N PRO H 14 15.93 73.88 1.82
CA PRO H 14 14.58 73.86 1.25
C PRO H 14 14.55 74.23 -0.24
N SER H 15 13.55 73.67 -0.92
CA SER H 15 13.32 73.83 -2.37
C SER H 15 14.53 73.40 -3.19
N GLN H 16 15.15 72.29 -2.81
CA GLN H 16 16.19 71.66 -3.60
C GLN H 16 16.03 70.14 -3.55
N THR H 17 16.61 69.48 -4.54
CA THR H 17 16.44 68.05 -4.72
C THR H 17 17.33 67.27 -3.77
N LEU H 18 17.14 65.95 -3.76
CA LEU H 18 17.82 65.04 -2.85
C LEU H 18 17.95 63.69 -3.51
N SER H 19 19.10 63.04 -3.34
CA SER H 19 19.31 61.72 -3.91
C SER H 19 19.95 60.79 -2.89
N LEU H 20 19.52 59.53 -2.89
CA LEU H 20 20.18 58.49 -2.11
C LEU H 20 20.42 57.27 -2.98
N THR H 21 21.45 56.50 -2.63
CA THR H 21 21.78 55.26 -3.32
C THR H 21 21.81 54.12 -2.32
N CYS H 22 20.99 53.09 -2.56
CA CYS H 22 21.07 51.84 -1.82
C CYS H 22 21.85 50.82 -2.63
N THR H 23 22.90 50.28 -2.03
CA THR H 23 23.80 49.33 -2.66
C THR H 23 23.74 47.99 -1.94
N VAL H 24 24.11 46.95 -2.68
CA VAL H 24 23.96 45.55 -2.28
C VAL H 24 25.34 44.92 -2.19
N SER H 25 25.59 44.19 -1.10
CA SER H 25 26.80 43.40 -0.93
C SER H 25 26.41 41.95 -0.73
N GLY H 26 26.99 41.06 -1.54
CA GLY H 26 26.69 39.65 -1.42
C GLY H 26 26.17 39.04 -2.70
N GLY H 27 24.90 38.64 -2.71
CA GLY H 27 24.30 37.91 -3.80
C GLY H 27 23.76 38.74 -4.94
N SER H 28 24.06 40.05 -4.98
CA SER H 28 23.73 40.99 -6.05
C SER H 28 22.22 41.14 -6.27
N ILE H 29 21.84 41.88 -7.31
CA ILE H 29 20.44 42.04 -7.65
C ILE H 29 19.98 40.74 -8.33
N SER H 30 19.15 39.98 -7.64
CA SER H 30 18.72 38.67 -8.12
C SER H 30 17.39 38.79 -8.84
N SER H 31 17.31 38.21 -10.03
CA SER H 31 16.08 38.19 -10.82
C SER H 31 15.25 37.00 -10.36
N GLY H 32 14.64 37.15 -9.18
CA GLY H 32 13.85 36.08 -8.62
C GLY H 32 12.53 36.57 -8.07
N GLY H 33 12.15 37.79 -8.44
CA GLY H 33 10.90 38.34 -7.97
C GLY H 33 10.94 38.92 -6.58
N TYR H 34 11.66 40.03 -6.41
CA TYR H 34 11.68 40.78 -5.16
C TYR H 34 11.28 42.22 -5.42
N TYR H 35 10.44 42.78 -4.56
CA TYR H 35 10.22 44.21 -4.49
C TYR H 35 11.50 44.86 -3.99
N TRP H 36 11.96 45.91 -4.66
CA TRP H 36 13.05 46.73 -4.16
C TRP H 36 12.44 48.06 -3.74
N SER H 37 12.32 48.29 -2.44
CA SER H 37 11.43 49.33 -1.94
C SER H 37 12.19 50.34 -1.09
N TRP H 38 11.68 51.57 -1.11
CA TRP H 38 12.10 52.63 -0.22
C TRP H 38 10.94 52.97 0.70
N ILE H 39 11.22 53.01 2.01
CA ILE H 39 10.24 53.26 3.06
C ILE H 39 10.85 54.27 4.04
N ARG H 40 10.09 55.32 4.37
CA ARG H 40 10.61 56.41 5.19
C ARG H 40 9.90 56.50 6.53
N GLN H 41 10.55 57.15 7.48
CA GLN H 41 10.03 57.34 8.82
C GLN H 41 10.49 58.69 9.35
N HIS H 42 9.55 59.56 9.68
CA HIS H 42 9.97 60.78 10.32
C HIS H 42 10.29 60.53 11.79
N PRO H 43 11.31 61.19 12.34
CA PRO H 43 11.58 61.09 13.79
C PRO H 43 10.45 61.73 14.58
N GLY H 44 9.70 60.90 15.30
CA GLY H 44 8.51 61.36 15.97
C GLY H 44 7.23 61.07 15.24
N LYS H 45 7.26 60.23 14.20
CA LYS H 45 6.06 59.84 13.47
C LYS H 45 6.15 58.35 13.18
N GLY H 46 5.21 57.86 12.37
CA GLY H 46 5.16 56.46 12.00
C GLY H 46 5.85 56.18 10.67
N LEU H 47 5.87 54.90 10.33
CA LEU H 47 6.48 54.46 9.08
C LEU H 47 5.58 54.75 7.90
N GLU H 48 6.16 55.32 6.84
CA GLU H 48 5.42 55.74 5.67
C GLU H 48 6.10 55.20 4.42
N TRP H 49 5.30 54.83 3.44
CA TRP H 49 5.78 54.18 2.22
C TRP H 49 6.15 55.22 1.17
N ILE H 50 7.31 55.03 0.54
CA ILE H 50 7.72 55.84 -0.61
C ILE H 50 7.40 55.14 -1.93
N GLY H 51 7.99 53.96 -2.17
CA GLY H 51 7.66 53.26 -3.40
C GLY H 51 8.62 52.13 -3.71
N TYR H 52 8.24 51.28 -4.70
CA TYR H 52 9.06 50.11 -5.11
C TYR H 52 9.28 49.93 -6.62
N ILE H 53 10.32 49.20 -7.03
CA ILE H 53 10.64 48.92 -8.45
C ILE H 53 10.98 47.44 -8.63
N TYR H 54 10.67 46.83 -9.78
CA TYR H 54 11.03 45.42 -10.05
C TYR H 54 12.34 45.37 -10.83
N TYR H 55 12.90 44.19 -11.10
CA TYR H 55 14.20 44.03 -11.80
C TYR H 55 14.12 44.62 -13.20
N SER H 56 12.99 44.43 -13.87
CA SER H 56 12.83 44.88 -15.27
C SER H 56 12.92 46.39 -15.41
N GLY H 57 12.30 47.13 -14.52
CA GLY H 57 12.27 48.59 -14.70
C GLY H 57 10.88 49.10 -14.51
N SER H 58 9.92 48.19 -14.37
CA SER H 58 8.55 48.61 -14.04
C SER H 58 8.59 49.31 -12.70
N THR H 59 7.85 50.40 -12.53
CA THR H 59 7.96 51.17 -11.28
C THR H 59 6.60 51.40 -10.68
N TYR H 60 6.52 51.54 -9.37
CA TYR H 60 5.25 51.90 -8.71
C TYR H 60 5.59 52.94 -7.66
N TYR H 61 4.69 53.86 -7.37
CA TYR H 61 4.95 54.99 -6.49
C TYR H 61 3.75 55.24 -5.58
N ASN H 62 3.99 56.05 -4.55
CA ASN H 62 2.93 56.49 -3.65
C ASN H 62 2.05 57.53 -4.34
N PRO H 63 0.73 57.41 -4.27
CA PRO H 63 -0.14 58.43 -4.87
C PRO H 63 -0.05 59.79 -4.20
N SER H 64 0.20 59.86 -2.89
CA SER H 64 0.23 61.15 -2.22
C SER H 64 1.52 61.91 -2.50
N LEU H 65 2.64 61.20 -2.60
CA LEU H 65 3.95 61.81 -2.83
C LEU H 65 4.42 61.61 -4.27
N LYS H 66 3.49 61.74 -5.23
CA LYS H 66 3.82 61.54 -6.67
C LYS H 66 4.29 62.84 -7.31
N SER H 67 4.87 63.75 -6.53
CA SER H 67 5.21 65.05 -7.09
C SER H 67 6.52 65.00 -7.89
N ARG H 68 7.63 64.73 -7.22
CA ARG H 68 8.93 64.60 -7.87
C ARG H 68 9.66 63.43 -7.22
N VAL H 69 9.44 62.23 -7.74
CA VAL H 69 10.09 61.02 -7.27
C VAL H 69 10.66 60.27 -8.47
N THR H 70 11.85 59.68 -8.27
CA THR H 70 12.48 58.88 -9.32
C THR H 70 13.19 57.70 -8.68
N ILE H 71 12.99 56.51 -9.23
CA ILE H 71 13.71 55.33 -8.78
C ILE H 71 14.39 54.69 -9.99
N SER H 72 15.59 54.17 -9.78
CA SER H 72 16.36 53.66 -10.91
C SER H 72 17.30 52.56 -10.44
N VAL H 73 17.41 51.51 -11.27
CA VAL H 73 18.18 50.32 -10.94
C VAL H 73 19.35 50.21 -11.92
N ASP H 74 20.56 50.13 -11.37
CA ASP H 74 21.75 49.78 -12.14
C ASP H 74 22.15 48.37 -11.74
N THR H 75 21.99 47.43 -12.67
CA THR H 75 22.22 46.02 -12.38
C THR H 75 23.71 45.70 -12.27
N SER H 76 24.54 46.29 -13.14
CA SER H 76 25.96 45.96 -13.16
C SER H 76 26.69 46.46 -11.92
N LYS H 77 26.23 47.56 -11.33
CA LYS H 77 26.82 48.07 -10.11
C LYS H 77 26.13 47.55 -8.85
N ASN H 78 25.05 46.75 -9.01
CA ASN H 78 24.21 46.24 -7.92
C ASN H 78 23.66 47.38 -7.06
N GLN H 79 23.15 48.41 -7.72
CA GLN H 79 22.69 49.60 -7.02
C GLN H 79 21.28 49.97 -7.46
N PHE H 80 20.59 50.71 -6.60
CA PHE H 80 19.40 51.44 -7.02
C PHE H 80 19.36 52.76 -6.26
N SER H 81 18.64 53.72 -6.82
CA SER H 81 18.72 55.09 -6.37
C SER H 81 17.34 55.73 -6.35
N LEU H 82 17.18 56.69 -5.43
CA LEU H 82 15.93 57.41 -5.19
C LEU H 82 16.19 58.91 -5.23
N LYS H 83 15.33 59.62 -5.95
CA LYS H 83 15.46 61.07 -6.17
C LYS H 83 14.17 61.75 -5.74
N LEU H 84 14.29 62.66 -4.78
CA LEU H 84 13.21 63.48 -4.26
C LEU H 84 13.51 64.95 -4.53
N SER H 85 12.55 65.82 -4.22
CA SER H 85 12.72 67.25 -4.40
C SER H 85 11.85 68.00 -3.40
N SER H 86 12.18 69.28 -3.22
CA SER H 86 11.50 70.21 -2.31
C SER H 86 11.48 69.68 -0.87
N VAL H 87 12.66 69.27 -0.40
CA VAL H 87 12.79 68.63 0.90
C VAL H 87 12.73 69.70 1.99
N THR H 88 11.66 69.68 2.77
CA THR H 88 11.42 70.59 3.88
C THR H 88 11.51 69.81 5.18
N ALA H 89 11.18 70.49 6.29
CA ALA H 89 11.29 69.90 7.62
C ALA H 89 10.37 68.71 7.84
N ALA H 90 9.25 68.65 7.11
CA ALA H 90 8.41 67.45 7.16
C ALA H 90 9.05 66.29 6.41
N ASP H 91 9.94 66.60 5.45
CA ASP H 91 10.58 65.57 4.65
C ASP H 91 11.94 65.16 5.20
N THR H 92 12.51 65.93 6.13
CA THR H 92 13.76 65.54 6.76
C THR H 92 13.50 64.39 7.72
N ALA H 93 14.03 63.21 7.41
CA ALA H 93 13.56 61.99 8.03
C ALA H 93 14.58 60.88 7.82
N VAL H 94 14.24 59.67 8.27
CA VAL H 94 15.11 58.52 8.14
C VAL H 94 14.59 57.65 7.01
N TYR H 95 15.49 57.23 6.13
CA TYR H 95 15.14 56.45 4.95
C TYR H 95 15.69 55.03 5.09
N TYR H 96 14.90 54.05 4.64
CA TYR H 96 15.28 52.65 4.65
C TYR H 96 15.05 52.06 3.27
N CYS H 97 15.98 51.22 2.82
CA CYS H 97 15.83 50.45 1.59
C CYS H 97 15.67 48.98 1.95
N ALA H 98 14.73 48.31 1.28
CA ALA H 98 14.32 46.97 1.67
C ALA H 98 14.17 46.08 0.46
N ARG H 99 14.36 44.78 0.70
CA ARG H 99 14.26 43.71 -0.28
C ARG H 99 13.11 42.81 0.17
N VAL H 100 11.91 43.07 -0.33
CA VAL H 100 10.75 42.30 0.11
C VAL H 100 10.46 41.19 -0.89
N PRO H 101 10.38 39.93 -0.47
CA PRO H 101 10.08 38.85 -1.41
C PRO H 101 8.63 38.88 -1.88
N PHE H 102 8.41 38.38 -3.10
CA PHE H 102 7.06 38.26 -3.62
C PHE H 102 6.28 37.18 -2.88
N TYR H 103 6.88 36.01 -2.79
CA TYR H 103 6.16 34.83 -2.26
C TYR H 103 6.65 34.41 -0.88
N TYR H 104 5.79 33.76 -0.12
CA TYR H 104 6.21 33.19 1.17
C TYR H 104 6.48 31.71 0.96
N ASP H 105 7.75 31.31 0.98
CA ASP H 105 8.14 29.90 0.73
C ASP H 105 8.93 29.45 1.94
N SER H 106 8.27 28.97 3.00
CA SER H 106 8.93 28.57 4.26
C SER H 106 9.88 27.37 4.10
N SER H 107 9.50 26.36 3.32
CA SER H 107 10.31 25.12 3.24
C SER H 107 11.35 25.16 2.13
N GLY H 108 11.46 26.26 1.40
CA GLY H 108 12.51 26.41 0.38
C GLY H 108 12.26 25.77 -0.97
N TYR H 109 11.00 25.60 -1.38
CA TYR H 109 10.71 24.88 -2.65
C TYR H 109 10.67 25.80 -3.88
N TYR H 110 10.64 27.12 -3.73
CA TYR H 110 10.72 28.04 -4.89
C TYR H 110 12.12 28.64 -4.93
N TYR H 111 12.48 29.55 -4.02
CA TYR H 111 13.86 30.09 -3.95
C TYR H 111 14.68 29.00 -3.27
N GLY H 112 15.73 28.50 -3.89
CA GLY H 112 16.49 27.35 -3.34
C GLY H 112 17.27 27.57 -2.06
N ASN H 113 18.06 28.65 -1.97
CA ASN H 113 18.78 28.98 -0.72
C ASN H 113 17.75 29.51 0.27
N ALA H 114 17.96 29.31 1.57
CA ALA H 114 16.93 29.71 2.55
C ALA H 114 17.19 31.15 3.02
N ASP H 115 18.30 31.74 2.61
CA ASP H 115 18.53 33.18 2.93
C ASP H 115 17.87 34.00 1.83
N ASP H 116 17.38 33.34 0.78
CA ASP H 116 16.77 34.05 -0.37
C ASP H 116 15.28 34.29 -0.10
N ALA H 117 14.77 33.90 1.06
CA ALA H 117 13.39 34.15 1.47
C ALA H 117 13.32 35.06 2.70
N PHE H 118 14.28 35.95 2.86
CA PHE H 118 14.34 36.84 4.01
C PHE H 118 14.12 38.28 3.58
N ASP H 119 13.34 39.02 4.36
CA ASP H 119 13.08 40.43 4.11
C ASP H 119 14.22 41.24 4.73
N ILE H 120 15.33 41.31 3.99
CA ILE H 120 16.51 42.02 4.46
C ILE H 120 16.29 43.52 4.30
N TRP H 121 16.51 44.26 5.37
CA TRP H 121 16.31 45.70 5.39
C TRP H 121 17.64 46.44 5.46
N GLY H 122 17.57 47.74 5.24
CA GLY H 122 18.75 48.57 5.32
C GLY H 122 19.01 49.06 6.73
N GLN H 123 20.20 49.66 6.92
CA GLN H 123 20.55 50.19 8.23
C GLN H 123 19.75 51.44 8.56
N GLY H 124 19.47 52.27 7.56
CA GLY H 124 18.72 53.49 7.77
C GLY H 124 19.61 54.71 7.78
N THR H 125 19.25 55.74 7.02
CA THR H 125 20.06 56.95 6.93
C THR H 125 19.17 58.15 7.24
N MET H 126 19.59 58.96 8.21
CA MET H 126 18.84 60.16 8.56
C MET H 126 19.32 61.32 7.70
N VAL H 127 18.38 61.96 7.00
CA VAL H 127 18.67 63.05 6.09
C VAL H 127 17.96 64.29 6.61
N THR H 128 18.73 65.36 6.82
CA THR H 128 18.19 66.62 7.30
C THR H 128 18.55 67.76 6.37
N ASP I 1 -6.30 53.45 -1.57
CA ASP I 1 -6.36 54.43 -0.49
C ASP I 1 -6.89 53.78 0.78
N ILE I 2 -6.67 52.48 0.92
CA ILE I 2 -7.16 51.74 2.08
C ILE I 2 -6.33 52.11 3.30
N GLN I 3 -7.01 52.40 4.41
CA GLN I 3 -6.39 52.85 5.64
C GLN I 3 -6.53 51.80 6.73
N MET I 4 -5.48 51.66 7.54
CA MET I 4 -5.44 50.71 8.63
C MET I 4 -5.86 51.40 9.92
N THR I 5 -6.24 50.59 10.92
CA THR I 5 -6.35 51.12 12.27
C THR I 5 -5.90 50.07 13.28
N GLN I 6 -5.26 50.54 14.34
CA GLN I 6 -4.76 49.69 15.42
C GLN I 6 -5.24 50.24 16.76
N SER I 7 -5.51 49.34 17.70
CA SER I 7 -5.99 49.73 19.01
C SER I 7 -5.67 48.62 20.01
N PRO I 8 -5.25 48.95 21.23
CA PRO I 8 -4.94 50.30 21.72
C PRO I 8 -3.52 50.73 21.39
N SER I 9 -3.23 52.03 21.50
CA SER I 9 -1.93 52.54 21.11
C SER I 9 -0.85 52.15 22.10
N SER I 10 -1.20 51.94 23.36
CA SER I 10 -0.25 51.58 24.40
C SER I 10 -0.70 50.28 25.06
N LEU I 11 0.25 49.37 25.26
CA LEU I 11 0.00 48.11 25.95
C LEU I 11 0.97 48.00 27.12
N SER I 12 0.43 47.81 28.32
CA SER I 12 1.23 47.64 29.53
C SER I 12 0.88 46.32 30.19
N ALA I 13 1.89 45.47 30.40
CA ALA I 13 1.70 44.18 31.03
C ALA I 13 3.00 43.73 31.67
N SER I 14 2.88 42.77 32.58
CA SER I 14 4.04 42.20 33.25
C SER I 14 4.61 41.06 32.42
N VAL I 15 5.66 40.43 32.94
CA VAL I 15 6.32 39.34 32.25
C VAL I 15 5.47 38.08 32.37
N GLY I 16 5.24 37.41 31.25
CA GLY I 16 4.46 36.18 31.23
C GLY I 16 3.01 36.33 30.85
N ASP I 17 2.60 37.51 30.41
CA ASP I 17 1.20 37.77 30.09
C ASP I 17 0.93 37.60 28.61
N ARG I 18 -0.29 37.20 28.29
CA ARG I 18 -0.69 37.01 26.87
C ARG I 18 -1.23 38.33 26.33
N VAL I 19 -0.72 38.78 25.19
CA VAL I 19 -1.11 40.04 24.56
C VAL I 19 -1.78 39.73 23.23
N THR I 20 -3.02 40.17 23.08
CA THR I 20 -3.78 40.02 21.85
C THR I 20 -4.01 41.41 21.27
N ILE I 21 -3.57 41.62 20.03
CA ILE I 21 -3.54 42.94 19.44
C ILE I 21 -4.17 42.89 18.05
N THR I 22 -4.92 43.95 17.71
CA THR I 22 -5.80 43.93 16.55
C THR I 22 -5.36 44.95 15.50
N CYS I 23 -5.47 44.53 14.24
CA CYS I 23 -5.32 45.42 13.09
C CYS I 23 -6.56 45.28 12.24
N ARG I 24 -7.25 46.40 12.05
CA ARG I 24 -8.55 46.36 11.33
C ARG I 24 -8.49 47.19 10.06
N ALA I 25 -9.15 46.72 9.01
CA ALA I 25 -9.26 47.38 7.72
C ALA I 25 -10.72 47.46 7.31
N SER I 26 -11.05 48.53 6.58
CA SER I 26 -12.43 48.68 6.11
C SER I 26 -12.74 47.75 4.95
N GLN I 27 -11.82 47.63 3.99
CA GLN I 27 -12.07 46.82 2.81
C GLN I 27 -11.82 45.34 3.10
N GLY I 28 -12.15 44.51 2.11
CA GLY I 28 -12.00 43.08 2.23
C GLY I 28 -10.65 42.54 1.80
N ILE I 29 -9.61 42.80 2.61
CA ILE I 29 -8.22 42.37 2.30
C ILE I 29 -8.08 40.88 2.61
N ARG I 30 -7.79 40.05 1.61
CA ARG I 30 -7.77 38.59 1.85
C ARG I 30 -6.39 38.16 2.33
N ASN I 31 -6.16 38.09 3.64
CA ASN I 31 -4.89 37.55 4.20
C ASN I 31 -3.66 38.20 3.57
N ASP I 32 -3.64 39.52 3.42
CA ASP I 32 -2.43 40.19 2.91
C ASP I 32 -1.90 41.09 4.03
N LEU I 33 -1.24 40.53 5.04
CA LEU I 33 -0.84 41.37 6.15
C LEU I 33 0.45 40.84 6.75
N GLY I 34 1.36 41.74 7.06
CA GLY I 34 2.62 41.37 7.70
C GLY I 34 2.85 42.19 8.95
N TRP I 35 3.52 41.59 9.92
CA TRP I 35 3.76 42.21 11.21
C TRP I 35 5.23 42.54 11.38
N TYR I 36 5.54 43.81 11.57
CA TYR I 36 6.90 44.29 11.70
C TYR I 36 7.17 44.72 13.14
N GLN I 37 8.35 44.37 13.63
CA GLN I 37 8.79 44.69 14.99
C GLN I 37 9.98 45.63 14.91
N GLN I 38 9.86 46.79 15.54
CA GLN I 38 10.89 47.82 15.47
C GLN I 38 11.48 48.05 16.86
N LYS I 39 12.79 47.83 16.98
CA LYS I 39 13.55 48.26 18.13
C LYS I 39 13.77 49.77 18.06
N PRO I 40 14.02 50.43 19.20
CA PRO I 40 14.31 51.88 19.16
C PRO I 40 15.63 52.17 18.48
N GLY I 41 15.57 53.01 17.45
CA GLY I 41 16.74 53.38 16.65
C GLY I 41 17.31 52.24 15.82
N LYS I 42 16.46 51.43 15.21
CA LYS I 42 16.92 50.26 14.47
C LYS I 42 15.88 49.92 13.43
N ALA I 43 16.30 49.19 12.40
CA ALA I 43 15.43 48.80 11.32
C ALA I 43 14.39 47.78 11.78
N PRO I 44 13.20 47.78 11.20
CA PRO I 44 12.21 46.75 11.53
C PRO I 44 12.62 45.37 11.01
N LYS I 45 11.98 44.35 11.58
CA LYS I 45 12.19 42.97 11.18
C LYS I 45 10.84 42.29 10.97
N ARG I 46 10.78 41.40 10.00
CA ARG I 46 9.53 40.70 9.69
C ARG I 46 9.26 39.63 10.74
N LEU I 47 7.98 39.42 11.04
CA LEU I 47 7.55 38.35 11.92
C LEU I 47 6.62 37.36 11.24
N ILE I 48 5.53 37.85 10.64
CA ILE I 48 4.50 36.99 10.06
C ILE I 48 4.35 37.35 8.58
N TYR I 49 4.28 36.33 7.73
CA TYR I 49 3.96 36.50 6.32
C TYR I 49 2.52 36.08 6.09
N ALA I 50 1.76 36.95 5.40
CA ALA I 50 0.37 36.70 4.98
C ALA I 50 -0.56 36.36 6.14
N ALA I 51 -0.31 36.98 7.29
CA ALA I 51 -1.13 37.01 8.50
C ALA I 51 -1.28 35.68 9.22
N SER I 52 -0.76 34.58 8.69
CA SER I 52 -0.85 33.30 9.39
C SER I 52 0.39 32.43 9.26
N SER I 53 1.45 32.90 8.60
CA SER I 53 2.64 32.09 8.39
C SER I 53 3.85 32.83 8.95
N LEU I 54 4.56 32.12 9.81
CA LEU I 54 5.73 32.71 10.48
C LEU I 54 6.94 32.62 9.56
N GLN I 55 7.87 33.53 9.74
CA GLN I 55 9.16 33.44 9.07
C GLN I 55 10.02 32.41 9.79
N SER I 56 10.96 31.82 9.06
CA SER I 56 11.91 30.88 9.65
C SER I 56 12.85 31.60 10.60
N GLY I 57 12.97 31.09 11.82
CA GLY I 57 13.73 31.73 12.87
C GLY I 57 12.88 32.45 13.90
N VAL I 58 11.61 32.70 13.62
CA VAL I 58 10.72 33.34 14.58
C VAL I 58 10.39 32.35 15.69
N PRO I 59 10.50 32.74 16.97
CA PRO I 59 10.12 31.83 18.06
C PRO I 59 8.63 31.54 18.07
N SER I 60 8.28 30.40 18.66
CA SER I 60 6.92 29.88 18.60
C SER I 60 5.93 30.64 19.47
N ARG I 61 6.40 31.56 20.32
CA ARG I 61 5.49 32.35 21.15
C ARG I 61 4.67 33.33 20.33
N PHE I 62 5.19 33.79 19.20
CA PHE I 62 4.45 34.69 18.33
C PHE I 62 3.48 33.87 17.47
N SER I 63 2.23 34.28 17.43
CA SER I 63 1.24 33.63 16.58
C SER I 63 0.32 34.69 15.99
N GLY I 64 -0.33 34.34 14.88
CA GLY I 64 -1.23 35.26 14.22
C GLY I 64 -2.45 34.54 13.70
N SER I 65 -3.55 35.30 13.60
CA SER I 65 -4.79 34.78 13.05
C SER I 65 -5.58 35.95 12.47
N GLY I 66 -6.71 35.63 11.88
CA GLY I 66 -7.59 36.67 11.37
C GLY I 66 -7.75 36.58 9.86
N SER I 67 -8.83 37.20 9.38
CA SER I 67 -9.20 37.12 7.97
C SER I 67 -10.19 38.23 7.66
N GLY I 68 -10.14 38.70 6.43
CA GLY I 68 -11.11 39.70 5.98
C GLY I 68 -10.79 41.07 6.55
N THR I 69 -11.76 41.64 7.27
CA THR I 69 -11.63 43.00 7.76
C THR I 69 -10.72 43.11 8.99
N GLU I 70 -10.59 42.04 9.76
CA GLU I 70 -9.84 42.09 11.02
C GLU I 70 -8.77 41.00 11.07
N PHE I 71 -7.67 41.32 11.76
CA PHE I 71 -6.60 40.38 12.02
C PHE I 71 -6.08 40.61 13.43
N THR I 72 -5.56 39.55 14.05
CA THR I 72 -5.06 39.60 15.41
C THR I 72 -3.70 38.93 15.51
N LEU I 73 -2.87 39.45 16.39
CA LEU I 73 -1.57 38.88 16.72
C LEU I 73 -1.52 38.59 18.21
N THR I 74 -0.98 37.42 18.57
CA THR I 74 -0.96 36.95 19.94
C THR I 74 0.47 36.64 20.37
N ILE I 75 0.84 37.16 21.53
CA ILE I 75 2.11 36.85 22.18
C ILE I 75 1.78 36.11 23.47
N SER I 76 2.31 34.90 23.61
CA SER I 76 1.96 34.06 24.75
C SER I 76 2.64 34.50 26.04
N SER I 77 3.92 34.85 25.98
CA SER I 77 4.66 35.21 27.18
C SER I 77 5.71 36.26 26.83
N LEU I 78 5.77 37.32 27.63
CA LEU I 78 6.70 38.41 27.37
C LEU I 78 8.08 38.08 27.92
N GLN I 79 9.05 38.87 27.48
CA GLN I 79 10.44 38.82 27.89
C GLN I 79 10.94 40.26 27.98
N PRO I 80 12.03 40.51 28.71
CA PRO I 80 12.60 41.88 28.75
C PRO I 80 13.11 42.39 27.41
N GLU I 81 13.41 41.52 26.45
CA GLU I 81 13.87 41.96 25.12
C GLU I 81 12.72 42.20 24.15
N ASP I 82 11.48 42.17 24.62
CA ASP I 82 10.31 42.38 23.77
C ASP I 82 9.83 43.82 23.77
N PHE I 83 10.62 44.75 24.28
CA PHE I 83 10.26 46.16 24.22
C PHE I 83 10.51 46.66 22.80
N ALA I 84 9.43 46.87 22.05
CA ALA I 84 9.52 47.24 20.64
C ALA I 84 8.24 47.98 20.26
N THR I 85 8.06 48.20 18.95
CA THR I 85 6.84 48.77 18.43
C THR I 85 6.39 47.91 17.24
N TYR I 86 5.10 47.58 17.19
CA TYR I 86 4.59 46.63 16.21
C TYR I 86 3.68 47.33 15.21
N TYR I 87 3.91 47.03 13.93
CA TYR I 87 3.16 47.62 12.83
C TYR I 87 2.56 46.51 11.97
N CYS I 88 1.40 46.79 11.38
CA CYS I 88 0.78 45.89 10.41
C CYS I 88 0.82 46.55 9.03
N LEU I 89 1.34 45.82 8.05
CA LEU I 89 1.50 46.31 6.69
C LEU I 89 0.65 45.47 5.75
N GLN I 90 -0.16 46.13 4.93
CA GLN I 90 -0.99 45.46 3.95
C GLN I 90 -0.37 45.58 2.56
N HIS I 91 -0.62 44.56 1.74
CA HIS I 91 -0.21 44.58 0.34
C HIS I 91 -1.29 43.98 -0.57
N ASN I 92 -2.54 44.39 -0.38
CA ASN I 92 -3.63 43.91 -1.24
C ASN I 92 -3.54 44.56 -2.61
N SER I 93 -3.66 45.88 -2.67
CA SER I 93 -3.49 46.60 -3.92
C SER I 93 -2.01 46.91 -4.14
N TYR I 94 -1.73 47.72 -5.16
CA TYR I 94 -0.36 48.18 -5.36
C TYR I 94 0.05 49.22 -4.33
N GLN I 95 -0.91 49.86 -3.67
CA GLN I 95 -0.61 50.83 -2.64
C GLN I 95 -0.29 50.12 -1.32
N TRP I 96 0.80 50.53 -0.67
CA TRP I 96 1.20 49.99 0.61
C TRP I 96 0.91 51.00 1.71
N THR I 97 0.18 50.59 2.73
CA THR I 97 -0.11 51.42 3.89
C THR I 97 0.22 50.66 5.16
N PHE I 98 0.82 51.36 6.12
CA PHE I 98 1.25 50.77 7.37
C PHE I 98 0.21 51.03 8.46
N GLY I 99 0.46 50.44 9.63
CA GLY I 99 -0.29 50.80 10.82
C GLY I 99 0.25 52.06 11.47
N GLN I 100 -0.58 52.68 12.30
CA GLN I 100 -0.17 53.90 12.98
C GLN I 100 0.87 53.60 14.07
N GLY I 101 0.73 52.47 14.74
CA GLY I 101 1.72 52.04 15.71
C GLY I 101 1.13 51.68 17.05
N THR I 102 1.71 50.68 17.69
CA THR I 102 1.30 50.25 19.04
C THR I 102 2.56 50.04 19.87
N LYS I 103 2.71 50.83 20.93
CA LYS I 103 3.85 50.68 21.82
C LYS I 103 3.54 49.70 22.94
N VAL I 104 4.52 48.86 23.28
CA VAL I 104 4.38 47.89 24.35
C VAL I 104 5.32 48.28 25.49
N GLU I 105 4.83 48.17 26.72
CA GLU I 105 5.61 48.53 27.89
C GLU I 105 5.21 47.71 29.11
C1 NAG J . 5.82 -49.92 6.20
C2 NAG J . 5.97 -50.88 7.40
C3 NAG J . 4.91 -51.99 7.34
C4 NAG J . 3.51 -51.41 7.21
C5 NAG J . 3.47 -50.50 5.98
C6 NAG J . 2.14 -49.81 5.77
C7 NAG J . 8.32 -50.95 8.12
C8 NAG J . 9.61 -51.70 8.04
N2 NAG J . 7.30 -51.47 7.43
O3 NAG J . 5.00 -52.78 8.53
O4 NAG J . 2.56 -52.44 7.07
O5 NAG J . 4.45 -49.46 6.12
O6 NAG J . 2.15 -48.51 6.34
O7 NAG J . 8.19 -49.94 8.80
C1 NAG J . 1.68 -52.51 8.22
C2 NAG J . 0.42 -53.29 7.84
C3 NAG J . -0.51 -53.40 9.05
C4 NAG J . 0.23 -54.00 10.24
C5 NAG J . 1.49 -53.19 10.54
C6 NAG J . 2.34 -53.80 11.63
C7 NAG J . -0.10 -53.04 5.46
C8 NAG J . -0.89 -52.28 4.44
N2 NAG J . -0.26 -52.66 6.73
O3 NAG J . -1.62 -54.23 8.71
O4 NAG J . -0.61 -53.98 11.40
O5 NAG J . 2.32 -53.13 9.36
O6 NAG J . 3.07 -52.80 12.34
O7 NAG J . 0.65 -53.95 5.16
C1 NAG K . 29.30 -43.30 -2.82
C2 NAG K . 29.76 -44.63 -3.40
C3 NAG K . 30.87 -45.20 -2.51
C4 NAG K . 32.02 -44.22 -2.40
C5 NAG K . 31.47 -42.91 -1.87
C6 NAG K . 32.51 -41.81 -1.78
C7 NAG K . 28.00 -45.87 -4.56
C8 NAG K . 28.72 -45.59 -5.85
N2 NAG K . 28.67 -45.59 -3.44
O3 NAG K . 31.33 -46.43 -3.09
O4 NAG K . 32.98 -44.73 -1.49
O5 NAG K . 30.42 -42.45 -2.71
O6 NAG K . 32.14 -40.88 -0.77
O7 NAG K . 26.87 -46.33 -4.53
C1 NAG K . 34.28 -44.84 -2.12
C2 NAG K . 35.37 -44.69 -1.07
C3 NAG K . 36.73 -44.77 -1.74
C4 NAG K . 36.83 -46.07 -2.50
C5 NAG K . 35.69 -46.17 -3.50
C6 NAG K . 35.74 -47.50 -4.25
C7 NAG K . 34.73 -43.38 0.88
C8 NAG K . 34.90 -42.06 1.58
N2 NAG K . 35.26 -43.45 -0.34
O3 NAG K . 37.75 -44.68 -0.76
O4 NAG K . 38.08 -46.13 -3.18
O5 NAG K . 34.44 -46.07 -2.82
O6 NAG K . 35.48 -48.56 -3.33
O7 NAG K . 34.17 -44.32 1.40
C1 NAG L . 35.60 -49.55 31.85
C2 NAG L . 36.89 -49.97 32.56
C3 NAG L . 36.71 -49.90 34.07
C4 NAG L . 36.24 -48.52 34.50
C5 NAG L . 34.97 -48.15 33.73
C6 NAG L . 34.50 -46.74 34.00
C7 NAG L . 38.54 -51.62 31.80
C8 NAG L . 38.78 -53.05 31.41
N2 NAG L . 37.29 -51.31 32.16
O3 NAG L . 37.94 -50.23 34.69
O4 NAG L . 35.97 -48.49 35.90
O5 NAG L . 35.20 -48.24 32.32
O6 NAG L . 35.24 -45.79 33.26
O7 NAG L . 39.44 -50.78 31.79
C1 NAG L . 36.97 -47.75 36.63
C2 NAG L . 36.39 -47.32 37.97
C3 NAG L . 37.46 -46.61 38.80
C4 NAG L . 38.72 -47.46 38.93
C5 NAG L . 39.21 -47.87 37.53
C6 NAG L . 40.38 -48.82 37.55
C7 NAG L . 34.12 -46.57 38.50
C8 NAG L . 33.03 -45.59 38.18
N2 NAG L . 35.25 -46.45 37.79
O3 NAG L . 36.94 -46.32 40.11
O4 NAG L . 39.73 -46.71 39.60
O5 NAG L . 38.15 -48.54 36.84
O6 NAG L . 39.98 -50.13 37.90
O7 NAG L . 33.98 -47.43 39.36
C1 BMA L . 40.11 -47.32 40.86
C2 BMA L . 41.62 -47.07 41.03
C3 BMA L . 42.12 -47.66 42.36
C4 BMA L . 41.22 -47.26 43.56
C5 BMA L . 39.72 -47.47 43.23
C6 BMA L . 38.80 -46.96 44.34
O2 BMA L . 41.90 -45.69 41.07
O3 BMA L . 43.46 -47.26 42.63
O4 BMA L . 41.58 -48.04 44.68
O5 BMA L . 39.40 -46.79 42.00
O6 BMA L . 39.31 -45.72 44.81
C1 MAN L . 39.14 -45.63 46.25
C2 MAN L . 37.87 -44.77 46.54
C3 MAN L . 38.14 -43.29 46.26
C4 MAN L . 39.44 -42.81 46.94
C5 MAN L . 40.60 -43.71 46.49
C6 MAN L . 41.94 -43.34 47.12
O2 MAN L . 37.50 -44.86 47.92
O3 MAN L . 37.04 -42.47 46.66
O4 MAN L . 39.72 -41.47 46.57
O5 MAN L . 40.30 -45.07 46.87
O6 MAN L . 42.34 -42.08 46.58
C1 MAN L . 43.77 -42.06 46.46
C2 MAN L . 44.25 -40.56 46.48
C3 MAN L . 43.96 -39.89 45.13
C4 MAN L . 44.46 -40.72 43.95
C5 MAN L . 43.83 -42.12 44.01
C6 MAN L . 44.30 -43.04 42.90
O2 MAN L . 45.66 -40.47 46.67
O3 MAN L . 44.51 -38.58 45.07
O4 MAN L . 44.11 -40.10 42.72
O5 MAN L . 44.19 -42.74 45.28
O6 MAN L . 43.48 -44.20 42.90
C1 MAN L . 44.38 -48.13 41.95
C2 MAN L . 45.50 -48.50 42.96
C3 MAN L . 46.43 -47.29 43.20
C4 MAN L . 46.92 -46.68 41.87
C5 MAN L . 45.71 -46.32 41.00
C6 MAN L . 46.10 -45.78 39.64
O2 MAN L . 46.35 -49.54 42.45
O3 MAN L . 47.54 -47.64 44.03
O4 MAN L . 47.68 -45.50 42.13
O5 MAN L . 44.91 -47.51 40.78
O6 MAN L . 44.93 -45.25 39.01
C1 NAG M . 0.20 17.49 -45.82
C2 NAG M . 1.69 17.32 -46.13
C3 NAG M . 2.11 18.21 -47.30
C4 NAG M . 1.20 17.99 -48.50
C5 NAG M . -0.25 18.21 -48.07
C6 NAG M . -1.25 18.01 -49.18
C7 NAG M . 3.23 16.66 -44.33
C8 NAG M . 4.01 17.12 -43.14
N2 NAG M . 2.51 17.60 -44.96
O3 NAG M . 3.46 17.92 -47.65
O4 NAG M . 1.54 18.90 -49.54
O5 NAG M . -0.57 17.29 -47.01
O6 NAG M . -2.53 18.51 -48.82
O7 NAG M . 3.25 15.49 -44.71
C1 NAG M . 2.08 18.19 -50.68
C2 NAG M . 1.67 18.92 -51.97
C3 NAG M . 2.25 18.20 -53.19
C4 NAG M . 3.77 18.03 -53.04
C5 NAG M . 4.09 17.34 -51.72
C6 NAG M . 5.57 17.25 -51.46
C7 NAG M . -0.41 20.17 -52.34
C8 NAG M . -1.90 20.10 -52.41
N2 NAG M . 0.23 19.02 -52.07
O3 NAG M . 1.95 18.95 -54.36
O4 NAG M . 4.26 17.25 -54.12
O5 NAG M . 3.52 18.07 -50.62
O6 NAG M . 6.15 18.54 -51.25
O7 NAG M . 0.20 21.22 -52.50
C1 NAG N . -5.54 -15.74 47.73
C2 NAG N . -4.66 -16.44 48.78
C3 NAG N . -4.61 -15.64 50.07
C4 NAG N . -4.20 -14.20 49.81
C5 NAG N . -5.14 -13.58 48.77
C6 NAG N . -4.76 -12.17 48.37
C7 NAG N . -4.55 -18.88 48.53
C8 NAG N . -5.18 -20.19 48.90
N2 NAG N . -5.13 -17.79 49.03
O3 NAG N . -3.70 -16.25 50.97
O4 NAG N . -4.24 -13.45 51.01
O5 NAG N . -5.12 -14.37 47.57
O6 NAG N . -4.75 -12.02 46.96
O7 NAG N . -3.56 -18.82 47.81
C1 NAG N . -2.91 -13.03 51.41
C2 NAG N . -3.03 -11.84 52.35
C3 NAG N . -1.64 -11.41 52.83
C4 NAG N . -0.89 -12.57 53.44
C5 NAG N . -0.85 -13.75 52.45
C6 NAG N . -0.23 -15.00 53.05
C7 NAG N . -5.02 -10.47 51.90
C8 NAG N . -5.57 -9.30 51.15
N2 NAG N . -3.72 -10.73 51.71
O3 NAG N . -1.78 -10.36 53.79
O4 NAG N . 0.44 -12.19 53.75
O5 NAG N . -2.19 -14.10 52.07
O6 NAG N . 0.50 -15.72 52.06
O7 NAG N . -5.72 -11.16 52.63
C1 NAG O . -19.64 -33.52 34.98
C2 NAG O . -20.57 -34.00 36.07
C3 NAG O . -20.15 -35.41 36.46
C4 NAG O . -20.21 -36.32 35.25
C5 NAG O . -19.29 -35.74 34.18
C6 NAG O . -19.31 -36.54 32.89
C7 NAG O . -21.29 -32.16 37.48
C8 NAG O . -22.76 -32.43 37.27
N2 NAG O . -20.47 -33.17 37.25
O3 NAG O . -21.05 -35.88 37.47
O4 NAG O . -19.74 -37.62 35.60
O5 NAG O . -19.71 -34.43 33.88
O6 NAG O . -18.35 -35.99 31.99
O7 NAG O . -20.90 -31.07 37.86
C1 NAG O . -20.78 -38.59 35.43
C2 NAG O . -20.17 -39.97 35.28
C3 NAG O . -21.27 -40.99 35.08
C4 NAG O . -22.24 -40.90 36.26
C5 NAG O . -22.78 -39.49 36.37
C6 NAG O . -23.71 -39.36 37.57
C7 NAG O . -17.95 -39.99 34.27
C8 NAG O . -17.18 -40.24 33.01
N2 NAG O . -19.27 -40.03 34.14
O3 NAG O . -20.71 -42.30 35.00
O4 NAG O . -23.32 -41.82 36.05
O5 NAG O . -21.70 -38.58 36.52
O6 NAG O . -22.96 -39.54 38.77
O7 NAG O . -17.40 -39.78 35.34
C1 NAG P . 9.82 -51.74 44.32
C2 NAG P . 10.02 -53.25 44.52
C3 NAG P . 11.50 -53.57 44.66
C4 NAG P . 12.29 -53.03 43.47
C5 NAG P . 12.02 -51.54 43.31
C6 NAG P . 12.67 -50.94 42.08
C7 NAG P . 8.50 -54.82 45.64
C8 NAG P . 7.80 -55.18 46.92
N2 NAG P . 9.27 -53.73 45.67
O3 NAG P . 11.65 -54.99 44.77
O4 NAG P . 13.68 -53.24 43.68
O5 NAG P . 10.61 -51.30 43.20
O6 NAG P . 11.98 -51.33 40.90
O7 NAG P . 8.37 -55.50 44.62
C1 NAG P . 14.20 -54.28 42.82
C2 NAG P . 15.72 -54.14 42.71
C3 NAG P . 16.31 -55.30 41.91
C4 NAG P . 15.87 -56.63 42.48
C5 NAG P . 14.34 -56.69 42.57
C6 NAG P . 13.81 -57.93 43.23
C7 NAG P . 17.06 -52.09 42.56
C8 NAG P . 17.29 -50.81 41.81
N2 NAG P . 16.08 -52.86 42.10
O3 NAG P . 17.73 -55.20 41.91
O4 NAG P . 16.35 -57.67 41.63
O5 NAG P . 13.88 -55.58 43.36
O6 NAG P . 14.12 -57.95 44.62
O7 NAG P . 17.74 -52.40 43.53
C1 BMA P . 17.29 -58.54 42.32
C2 BMA P . 17.05 -59.97 41.79
C3 BMA P . 18.03 -60.96 42.43
C4 BMA P . 19.49 -60.46 42.41
C5 BMA P . 19.59 -58.99 42.90
C6 BMA P . 20.99 -58.41 42.75
O2 BMA P . 17.28 -60.03 40.39
O3 BMA P . 17.97 -62.23 41.80
O4 BMA P . 20.29 -61.28 43.24
O5 BMA P . 18.66 -58.17 42.12
O6 BMA P . 21.52 -58.78 41.48
C1 MAN P . 22.91 -59.10 41.61
C2 MAN P . 23.74 -57.89 41.07
C3 MAN P . 23.68 -57.82 39.54
C4 MAN P . 23.99 -59.18 38.88
C5 MAN P . 23.05 -60.25 39.47
C6 MAN P . 23.30 -61.63 38.91
O2 MAN P . 25.12 -58.01 41.40
O3 MAN P . 24.54 -56.82 39.01
O4 MAN P . 23.81 -59.11 37.48
O5 MAN P . 23.23 -60.30 40.90
O6 MAN P . 22.99 -61.62 37.52
C1 MAN P . 22.48 -62.92 37.14
C2 MAN P . 22.68 -63.08 35.59
C3 MAN P . 21.64 -62.25 34.81
C4 MAN P . 20.22 -62.50 35.32
C5 MAN P . 20.17 -62.19 36.83
C6 MAN P . 18.79 -62.43 37.43
O2 MAN P . 22.49 -64.43 35.19
O3 MAN P . 21.71 -62.51 33.42
O4 MAN P . 19.29 -61.67 34.63
O5 MAN P . 21.10 -63.04 37.52
O6 MAN P . 18.79 -61.91 38.75
C1 MAN P . 16.90 -63.01 42.36
C2 MAN P . 17.44 -64.45 42.63
C3 MAN P . 17.64 -65.20 41.29
C4 MAN P . 16.38 -65.13 40.40
C5 MAN P . 15.98 -63.65 40.20
C6 MAN P . 14.70 -63.49 39.40
O2 MAN P . 16.52 -65.23 43.38
O3 MAN P . 18.03 -66.55 41.50
O4 MAN P . 16.64 -65.73 39.14
O5 MAN P . 15.77 -63.04 41.49
O6 MAN P . 14.55 -62.12 39.06
C1 NAG Q . -39.60 17.79 -22.91
C2 NAG Q . -40.35 16.49 -23.14
C3 NAG Q . -41.41 16.65 -24.23
C4 NAG Q . -42.33 17.83 -23.91
C5 NAG Q . -41.50 19.09 -23.66
C6 NAG Q . -42.33 20.28 -23.23
C7 NAG Q . -39.16 14.40 -22.64
C8 NAG Q . -38.19 13.37 -23.15
N2 NAG Q . -39.44 15.41 -23.47
O3 NAG Q . -42.16 15.45 -24.35
O4 NAG Q . -43.21 18.04 -25.00
O5 NAG Q . -40.54 18.85 -22.62
O6 NAG Q . -41.53 21.24 -22.57
O7 NAG Q . -39.67 14.32 -21.52
C1 NAG Q . -44.59 17.76 -24.62
C2 NAG Q . -45.50 18.64 -25.47
C3 NAG Q . -46.96 18.38 -25.10
C4 NAG Q . -47.29 16.90 -25.21
C5 NAG Q . -46.30 16.07 -24.39
C6 NAG Q . -46.48 14.58 -24.57
C7 NAG Q . -44.72 20.80 -26.32
C8 NAG Q . -44.42 22.23 -25.99
N2 NAG Q . -45.18 20.04 -25.31
O3 NAG Q . -47.81 19.14 -25.96
O4 NAG Q . -48.61 16.66 -24.73
O5 NAG Q . -44.95 16.36 -24.80
O6 NAG Q . -46.15 14.16 -25.89
O7 NAG Q . -44.56 20.34 -27.45
C1 NAG R . 43.28 -13.19 22.63
C2 NAG R . 43.86 -14.46 23.27
C3 NAG R . 45.21 -14.81 22.65
C4 NAG R . 45.09 -14.92 21.13
C5 NAG R . 44.52 -13.61 20.58
C6 NAG R . 44.27 -13.63 19.09
C7 NAG R . 43.11 -14.75 25.59
C8 NAG R . 43.42 -14.49 27.03
N2 NAG R . 44.01 -14.30 24.71
O3 NAG R . 45.67 -16.05 23.18
O4 NAG R . 46.37 -15.15 20.56
O5 NAG R . 43.25 -13.35 21.20
O6 NAG R . 42.98 -13.13 18.76
O7 NAG R . 42.09 -15.33 25.25
C1 NAG R . 46.42 -16.46 19.96
C2 NAG R . 47.57 -16.48 18.93
C3 NAG R . 47.68 -17.86 18.29
C4 NAG R . 47.81 -18.94 19.36
C5 NAG R . 46.66 -18.84 20.37
C6 NAG R . 46.80 -19.80 21.52
C7 NAG R . 47.98 -14.26 17.96
C8 NAG R . 47.66 -13.33 16.84
N2 NAG R . 47.37 -15.46 17.92
O3 NAG R . 48.81 -17.89 17.43
O4 NAG R . 47.78 -20.24 18.76
O5 NAG R . 46.63 -17.51 20.93
O6 NAG R . 45.53 -20.25 21.99
O7 NAG R . 48.74 -13.95 18.87
C1 NAG S . 28.51 -32.31 53.71
C2 NAG S . 28.35 -32.81 55.15
C3 NAG S . 28.00 -34.29 55.16
C4 NAG S . 26.76 -34.55 54.31
C5 NAG S . 26.98 -34.01 52.89
C6 NAG S . 25.76 -34.12 52.02
C7 NAG S . 29.55 -32.03 57.14
C8 NAG S . 30.88 -31.85 57.80
N2 NAG S . 29.56 -32.56 55.92
O3 NAG S . 27.78 -34.70 56.51
O4 NAG S . 26.50 -35.95 54.22
O5 NAG S . 27.32 -32.62 52.96
O6 NAG S . 24.89 -33.01 52.18
O7 NAG S . 28.51 -31.69 57.69
C1 NAG S . 25.35 -36.32 55.01
C2 NAG S . 24.80 -37.67 54.52
C3 NAG S . 23.65 -38.13 55.41
C4 NAG S . 24.05 -38.14 56.88
C5 NAG S . 24.61 -36.77 57.27
C6 NAG S . 25.14 -36.69 58.68
C7 NAG S . 24.68 -38.47 52.21
C8 NAG S . 24.15 -38.21 50.84
N2 NAG S . 24.37 -37.57 53.14
O3 NAG S . 23.24 -39.44 55.01
O4 NAG S . 22.93 -38.47 57.68
O5 NAG S . 25.69 -36.42 56.41
O6 NAG S . 26.39 -37.36 58.80
O7 NAG S . 25.36 -39.46 52.46
C1 BMA S . 23.14 -39.71 58.39
C2 BMA S . 22.44 -39.59 59.75
C3 BMA S . 22.63 -40.86 60.58
C4 BMA S . 22.32 -42.14 59.77
C5 BMA S . 22.96 -42.11 58.37
C6 BMA S . 22.53 -43.28 57.48
O2 BMA S . 21.04 -39.41 59.57
O3 BMA S . 21.82 -40.84 61.75
O4 BMA S . 22.78 -43.28 60.49
O5 BMA S . 22.64 -40.87 57.71
O6 BMA S . 21.11 -43.40 57.56
C1 MAN S . 20.75 -44.81 57.59
C2 MAN S . 20.25 -45.21 56.18
C3 MAN S . 18.86 -44.61 55.92
C4 MAN S . 17.88 -44.91 57.08
C5 MAN S . 18.50 -44.40 58.39
C6 MAN S . 17.63 -44.67 59.61
O2 MAN S . 20.09 -46.62 56.06
O3 MAN S . 18.31 -45.08 54.68
O4 MAN S . 16.64 -44.25 56.85
O5 MAN S . 19.78 -45.06 58.59
O6 MAN S . 16.43 -43.91 59.48
C1 MAN S . 16.01 -43.50 60.79
C2 MAN S . 14.48 -43.18 60.72
C3 MAN S . 14.23 -41.81 60.06
C4 MAN S . 15.13 -40.70 60.67
C5 MAN S . 16.60 -41.13 60.55
C6 MAN S . 17.56 -40.13 61.14
O2 MAN S . 13.90 -43.08 62.03
O3 MAN S . 12.86 -41.41 60.13
O4 MAN S . 14.93 -39.48 59.99
O5 MAN S . 16.78 -42.39 61.25
O6 MAN S . 18.88 -40.51 60.78
C1 MAN S . 22.51 -40.14 62.82
C2 MAN S . 22.30 -40.97 64.12
C3 MAN S . 20.85 -40.83 64.62
C4 MAN S . 20.41 -39.35 64.69
C5 MAN S . 20.63 -38.67 63.33
C6 MAN S . 20.31 -37.19 63.34
O2 MAN S . 23.11 -40.48 65.18
O3 MAN S . 20.65 -41.47 65.87
O4 MAN S . 19.04 -39.27 65.04
O5 MAN S . 22.03 -38.81 62.96
O6 MAN S . 20.31 -36.72 62.00
C1 NAG T . -6.32 47.26 -11.45
C2 NAG T . -6.57 47.81 -10.05
C3 NAG T . -7.25 49.18 -10.12
C4 NAG T . -6.46 50.13 -11.01
C5 NAG T . -6.24 49.49 -12.38
C6 NAG T . -5.36 50.31 -13.30
C7 NAG T . -6.88 46.17 -8.25
C8 NAG T . -7.85 45.27 -7.55
N2 NAG T . -7.38 46.89 -9.26
O3 NAG T . -7.37 49.72 -8.81
O4 NAG T . -7.17 51.35 -11.16
O5 NAG T . -5.59 48.22 -12.22
O6 NAG T . -4.80 49.52 -14.33
O7 NAG T . -5.70 46.24 -7.92
C1 NAG T . -6.44 52.45 -10.55
C2 NAG T . -6.74 53.72 -11.34
C3 NAG T . -5.99 54.91 -10.73
C4 NAG T . -6.32 55.04 -9.24
C5 NAG T . -6.06 53.72 -8.52
C6 NAG T . -6.49 53.74 -7.07
C7 NAG T . -7.27 53.65 -13.73
C8 NAG T . -6.73 53.46 -15.12
N2 NAG T . -6.38 53.56 -12.74
O3 NAG T . -6.35 56.10 -11.42
O4 NAG T . -5.51 56.05 -8.66
O5 NAG T . -6.79 52.65 -9.16
O6 NAG T . -7.90 53.75 -6.96
O7 NAG T . -8.46 53.89 -13.53
C1 NAG U . -15.94 -10.50 -33.86
C2 NAG U . -15.80 -11.88 -33.18
C3 NAG U . -14.77 -12.73 -33.91
C4 NAG U . -15.10 -12.83 -35.39
C5 NAG U . -15.21 -11.43 -35.99
C6 NAG U . -15.64 -11.45 -37.45
C7 NAG U . -16.12 -12.35 -30.79
C8 NAG U . -15.61 -12.10 -29.40
N2 NAG U . -15.44 -11.75 -31.78
O3 NAG U . -14.75 -14.03 -33.33
O4 NAG U . -14.09 -13.57 -36.08
O5 NAG U . -16.20 -10.68 -35.28
O6 NAG U . -15.33 -12.69 -38.06
O7 NAG U . -17.09 -13.06 -31.01
C1 NAG V . -20.67 -8.57 -12.92
C2 NAG V . -21.82 -8.70 -11.92
C3 NAG V . -21.63 -9.93 -11.05
C4 NAG V . -21.42 -11.18 -11.91
C5 NAG V . -20.29 -10.95 -12.91
C6 NAG V . -20.13 -12.10 -13.88
C7 NAG V . -22.93 -6.62 -11.24
C8 NAG V . -22.90 -5.45 -10.31
N2 NAG V . -21.94 -7.50 -11.10
O3 NAG V . -22.76 -10.11 -10.21
O4 NAG V . -21.11 -12.29 -11.08
O5 NAG V . -20.56 -9.78 -13.69
O6 NAG V . -20.95 -11.93 -15.03
O7 NAG V . -23.82 -6.75 -12.08
C1 NAG W . -28.69 24.41 9.65
C2 NAG W . -28.21 23.75 10.94
C3 NAG W . -29.27 22.79 11.46
C4 NAG W . -30.62 23.50 11.60
C5 NAG W . -31.01 24.17 10.29
C6 NAG W . -32.26 24.99 10.38
C7 NAG W . -25.96 23.05 11.65
C8 NAG W . -24.73 22.28 11.27
N2 NAG W . -26.94 23.06 10.74
O3 NAG W . -28.87 22.27 12.72
O4 NAG W . -31.63 22.56 11.97
O5 NAG W . -29.96 25.06 9.87
O6 NAG W . -33.33 24.24 10.94
O7 NAG W . -26.06 23.64 12.72
C1 NAG X . -7.68 21.98 11.20
C2 NAG X . -6.46 22.70 11.77
C3 NAG X . -6.00 22.02 13.06
C4 NAG X . -7.16 21.89 14.05
C5 NAG X . -8.35 21.20 13.39
C6 NAG X . -9.57 21.17 14.27
C7 NAG X . -5.10 23.83 10.08
C8 NAG X . -3.95 23.71 9.13
N2 NAG X . -5.39 22.75 10.81
O3 NAG X . -4.95 22.77 13.65
O4 NAG X . -6.75 21.13 15.18
O5 NAG X . -8.72 21.91 12.20
O6 NAG X . -10.26 22.42 14.26
O7 NAG X . -5.75 24.87 10.19
C1 NAG Y . 22.22 27.60 -15.98
C2 NAG Y . 23.13 26.60 -15.26
C3 NAG Y . 23.73 27.24 -14.00
C4 NAG Y . 24.44 28.54 -14.36
C5 NAG Y . 23.49 29.47 -15.11
C6 NAG Y . 24.16 30.74 -15.60
C7 NAG Y . 22.92 24.16 -15.03
C8 NAG Y . 22.03 23.02 -14.63
N2 NAG Y . 22.40 25.39 -14.91
O3 NAG Y . 24.65 26.34 -13.41
O4 NAG Y . 24.88 29.19 -13.17
O5 NAG Y . 22.97 28.81 -16.27
O6 NAG Y . 24.83 31.41 -14.54
O7 NAG Y . 24.05 23.97 -15.46
C1 NAG Z . 16.96 7.12 -18.17
C2 NAG Z . 17.18 5.89 -19.05
C3 NAG Z . 18.10 4.89 -18.34
C4 NAG Z . 19.40 5.56 -17.89
C5 NAG Z . 19.08 6.81 -17.05
C6 NAG Z . 20.32 7.59 -16.70
C7 NAG Z . 15.38 5.39 -20.63
C8 NAG Z . 14.08 4.67 -20.83
N2 NAG Z . 15.93 5.27 -19.42
O3 NAG Z . 18.39 3.82 -19.22
O4 NAG Z . 20.17 4.66 -17.12
O5 NAG Z . 18.23 7.69 -17.79
O6 NAG Z . 20.70 8.48 -17.75
O7 NAG Z . 15.91 6.03 -21.52
C1 NAG AA . 32.62 1.21 41.16
C2 NAG AA . 34.00 1.51 41.73
C3 NAG AA . 34.18 0.76 43.04
C4 NAG AA . 33.08 1.13 44.01
C5 NAG AA . 31.74 0.84 43.35
C6 NAG AA . 30.56 1.27 44.22
C7 NAG AA . 35.62 1.94 39.96
C8 NAG AA . 36.43 1.30 38.87
N2 NAG AA . 35.03 1.09 40.81
O3 NAG AA . 35.46 1.11 43.59
O4 NAG AA . 33.21 0.27 45.15
O5 NAG AA . 31.62 1.55 42.12
O6 NAG AA . 29.37 0.77 43.62
O7 NAG AA . 35.49 3.14 40.06
#